data_4XIW
#
_entry.id   4XIW
#
_cell.length_a   139.356
_cell.length_b   139.356
_cell.length_c   203.209
_cell.angle_alpha   90.00
_cell.angle_beta   90.00
_cell.angle_gamma   120.00
#
_symmetry.space_group_name_H-M   'P 32 2 1'
#
loop_
_entity.id
_entity.type
_entity.pdbx_description
1 polymer 'Carbonic anhydrase, alpha type'
2 non-polymer 'ZINC ION'
3 non-polymer 5-ACETAMIDO-1,3,4-THIADIAZOLE-2-SULFONAMIDE
4 non-polymer 'DIHYDROGENPHOSPHATE ION'
5 water water
#
_entity_poly.entity_id   1
_entity_poly.type   'polypeptide(L)'
_entity_poly.pdbx_seq_one_letter_code
;MAAWNYGEVAGPPTWKGVCATGKRQSPINIPLNTSAPKVDAEMGEFDFAYGSFEKCDVLNTGHGTMQVNFPAGNLAFIGN
MELELLQFHFHAPSEHAMDGRRYAMEAHLVHKNKSTGNLAVLGIMLEPGGLIKNPALSTALEVAPEVPLAKKPSPKGINP
VMLLPKKSKAGTRPFVHYPGSLTTPPCSEGVDWFVFMQPIKVPDSQILDFMRFVGDNKTYATNTRPLQLLNSRLVEYEL
;
_entity_poly.pdbx_strand_id   A,B,C,D,E,F,G,H
#
loop_
_chem_comp.id
_chem_comp.type
_chem_comp.name
_chem_comp.formula
2HP non-polymer 'DIHYDROGENPHOSPHATE ION' 'H2 O4 P -1'
AZM non-polymer 5-ACETAMIDO-1,3,4-THIADIAZOLE-2-SULFONAMIDE 'C4 H6 N4 O3 S2'
ZN non-polymer 'ZINC ION' 'Zn 2'
#
# COMPACT_ATOMS: atom_id res chain seq x y z
N ALA A 3 32.19 -5.94 36.73
CA ALA A 3 31.10 -5.04 37.13
C ALA A 3 30.07 -4.88 36.00
N TRP A 4 28.86 -5.40 36.25
CA TRP A 4 27.79 -5.51 35.25
C TRP A 4 26.45 -5.34 35.94
N ASN A 5 25.40 -5.06 35.18
CA ASN A 5 24.09 -4.95 35.81
C ASN A 5 22.95 -5.28 34.84
N TYR A 6 21.76 -5.34 35.39
CA TYR A 6 20.56 -5.41 34.57
C TYR A 6 20.17 -4.00 34.07
N GLY A 7 20.22 -3.02 34.98
CA GLY A 7 19.97 -1.64 34.64
C GLY A 7 18.49 -1.22 34.66
N GLU A 8 18.27 0.02 34.22
CA GLU A 8 16.92 0.53 34.02
C GLU A 8 16.50 0.24 32.59
N VAL A 9 15.22 0.42 32.31
CA VAL A 9 14.71 0.17 30.97
C VAL A 9 15.49 1.10 30.00
N ALA A 10 15.57 0.73 28.73
CA ALA A 10 16.52 1.42 27.85
C ALA A 10 15.79 2.50 27.08
N GLY A 11 14.45 2.47 27.15
CA GLY A 11 13.62 3.35 26.35
C GLY A 11 13.71 4.85 26.65
N PRO A 12 13.37 5.25 27.90
CA PRO A 12 13.23 6.67 28.31
C PRO A 12 14.49 7.55 28.16
N PRO A 13 15.67 6.99 28.36
CA PRO A 13 16.85 7.84 28.14
C PRO A 13 17.07 8.19 26.68
N THR A 14 16.31 7.58 25.77
CA THR A 14 16.47 7.84 24.33
C THR A 14 15.39 8.82 23.83
N TRP A 15 14.28 8.90 24.56
CA TRP A 15 13.19 9.83 24.24
C TRP A 15 13.76 11.19 23.93
N LYS A 16 13.27 11.81 22.86
CA LYS A 16 13.81 13.08 22.39
C LYS A 16 12.75 14.17 22.46
N GLY A 17 13.16 15.38 22.12
CA GLY A 17 12.24 16.49 22.02
C GLY A 17 12.40 17.28 23.29
N VAL A 18 11.29 17.75 23.87
CA VAL A 18 11.32 18.39 25.18
C VAL A 18 11.68 17.36 26.24
N CYS A 19 11.22 16.12 26.04
CA CYS A 19 11.62 14.95 26.86
C CYS A 19 13.05 14.99 27.33
N ALA A 20 13.94 15.43 26.45
CA ALA A 20 15.37 15.32 26.68
C ALA A 20 15.97 16.65 27.06
N THR A 21 15.24 17.75 26.81
CA THR A 21 15.83 19.10 26.90
C THR A 21 15.17 19.99 27.94
N GLY A 22 13.92 19.67 28.30
CA GLY A 22 13.15 20.46 29.24
C GLY A 22 13.74 20.53 30.63
N LYS A 23 13.60 21.70 31.26
CA LYS A 23 14.09 21.91 32.63
C LYS A 23 12.92 21.83 33.65
N ARG A 24 11.75 21.41 33.17
CA ARG A 24 10.52 21.39 33.98
C ARG A 24 9.80 20.03 33.75
N GLN A 25 10.49 18.94 34.03
CA GLN A 25 10.01 17.63 33.62
C GLN A 25 9.45 16.83 34.80
N SER A 26 8.52 15.93 34.49
CA SER A 26 7.98 14.98 35.46
C SER A 26 8.36 13.55 35.11
N PRO A 27 8.36 12.66 36.10
CA PRO A 27 7.99 12.89 37.50
C PRO A 27 9.16 13.43 38.31
N ILE A 28 8.94 13.72 39.59
CA ILE A 28 10.05 14.13 40.43
C ILE A 28 9.90 13.51 41.79
N ASN A 29 10.86 13.70 42.65
CA ASN A 29 10.74 13.35 44.02
C ASN A 29 9.99 14.39 44.88
N ILE A 30 9.07 13.93 45.72
CA ILE A 30 8.35 14.87 46.57
C ILE A 30 8.85 14.81 48.01
N PRO A 31 9.85 15.61 48.36
CA PRO A 31 10.34 15.64 49.74
C PRO A 31 9.25 15.89 50.79
N LEU A 32 9.16 14.99 51.78
CA LEU A 32 8.35 15.17 52.91
C LEU A 32 9.21 15.41 54.10
N ASN A 33 9.83 14.42 54.57
CA ASN A 33 10.58 14.54 55.81
C ASN A 33 11.98 15.10 55.57
N THR A 34 12.04 16.28 54.97
CA THR A 34 13.32 16.92 54.67
C THR A 34 13.59 18.05 55.66
N SER A 35 14.81 18.59 55.61
CA SER A 35 15.19 19.68 56.50
C SER A 35 15.06 21.03 55.80
N ALA A 36 14.43 21.02 54.62
CA ALA A 36 14.24 22.18 53.87
C ALA A 36 12.91 22.74 54.25
N PRO A 37 12.75 24.02 54.07
CA PRO A 37 11.45 24.64 54.35
C PRO A 37 10.42 24.24 53.32
N LYS A 38 9.23 23.90 53.79
CA LYS A 38 8.12 23.62 52.89
C LYS A 38 7.25 24.87 52.71
N VAL A 39 7.25 25.40 51.49
CA VAL A 39 6.35 26.49 51.14
C VAL A 39 4.93 25.95 50.98
N ASP A 40 4.00 26.51 51.74
CA ASP A 40 2.58 26.10 51.65
C ASP A 40 1.96 26.58 50.36
N ALA A 41 1.12 25.74 49.78
CA ALA A 41 0.54 26.08 48.49
C ALA A 41 -0.59 27.07 48.70
N GLU A 42 -1.30 26.91 49.81
CA GLU A 42 -2.46 27.77 50.13
C GLU A 42 -3.36 27.85 48.93
N MET A 43 -4.13 26.81 48.77
CA MET A 43 -4.84 26.53 47.57
C MET A 43 -6.22 26.03 47.94
N GLY A 44 -6.40 25.74 49.20
CA GLY A 44 -7.58 25.08 49.72
C GLY A 44 -7.49 23.59 49.50
N GLU A 45 -8.62 22.93 49.68
CA GLU A 45 -8.75 21.51 49.48
C GLU A 45 -9.43 21.25 48.13
N PHE A 46 -9.24 20.06 47.61
CA PHE A 46 -9.92 19.63 46.41
C PHE A 46 -11.36 19.42 46.78
N ASP A 47 -12.27 19.81 45.89
CA ASP A 47 -13.66 19.36 46.00
C ASP A 47 -14.03 18.61 44.73
N PHE A 48 -14.38 17.34 44.90
CA PHE A 48 -14.69 16.47 43.78
C PHE A 48 -16.15 16.32 43.52
N ALA A 49 -16.54 16.53 42.27
CA ALA A 49 -17.88 16.11 41.81
C ALA A 49 -17.68 15.16 40.63
N TYR A 50 -17.39 13.91 40.94
CA TYR A 50 -17.20 12.88 39.94
C TYR A 50 -18.40 11.92 39.92
N GLY A 51 -18.95 11.64 38.73
CA GLY A 51 -20.04 10.68 38.61
C GLY A 51 -19.70 9.30 39.15
N SER A 52 -20.72 8.56 39.53
CA SER A 52 -20.53 7.27 40.20
C SER A 52 -20.52 6.02 39.29
N PHE A 53 -21.13 6.12 38.10
CA PHE A 53 -21.22 5.00 37.16
C PHE A 53 -21.14 5.52 35.76
N GLU A 54 -19.96 6.01 35.42
CA GLU A 54 -19.74 6.64 34.14
C GLU A 54 -19.62 5.54 33.08
N LYS A 55 -20.19 5.82 31.92
CA LYS A 55 -20.02 5.01 30.75
C LYS A 55 -18.75 5.47 30.09
N CYS A 56 -17.75 4.61 30.02
CA CYS A 56 -16.41 4.97 29.53
C CYS A 56 -15.89 4.07 28.39
N ASP A 57 -15.10 4.65 27.47
CA ASP A 57 -14.26 3.90 26.51
C ASP A 57 -12.93 3.53 27.13
N VAL A 58 -12.58 2.25 27.10
CA VAL A 58 -11.27 1.81 27.58
C VAL A 58 -10.38 1.55 26.38
N LEU A 59 -9.27 2.29 26.33
CA LEU A 59 -8.30 2.20 25.25
C LEU A 59 -7.02 1.48 25.70
N ASN A 60 -6.40 0.73 24.78
CA ASN A 60 -5.09 0.14 25.00
C ASN A 60 -4.06 1.05 24.37
N THR A 61 -3.34 1.79 25.19
CA THR A 61 -2.43 2.80 24.74
C THR A 61 -1.30 2.28 23.93
N GLY A 62 -1.10 0.98 24.03
CA GLY A 62 0.05 0.36 23.40
C GLY A 62 1.41 0.82 23.95
N HIS A 63 1.42 1.25 25.20
CA HIS A 63 2.64 1.72 25.85
C HIS A 63 2.63 1.21 27.29
N GLY A 64 1.87 0.14 27.50
CA GLY A 64 1.82 -0.47 28.82
C GLY A 64 0.41 -0.38 29.32
N THR A 65 0.03 0.79 29.83
CA THR A 65 -1.23 0.93 30.54
C THR A 65 -2.42 0.86 29.59
N MET A 66 -3.59 0.51 30.13
CA MET A 66 -4.85 0.85 29.46
C MET A 66 -5.23 2.23 29.91
N GLN A 67 -6.20 2.83 29.23
CA GLN A 67 -6.55 4.23 29.44
C GLN A 67 -8.08 4.36 29.47
N VAL A 68 -8.63 4.86 30.59
CA VAL A 68 -10.09 4.97 30.71
C VAL A 68 -10.53 6.37 30.39
N ASN A 69 -11.29 6.53 29.31
CA ASN A 69 -11.78 7.85 28.90
C ASN A 69 -13.17 8.13 29.41
N PHE A 70 -13.40 9.39 29.78
CA PHE A 70 -14.67 9.79 30.37
C PHE A 70 -15.46 10.74 29.50
N PRO A 71 -16.78 10.80 29.74
CA PRO A 71 -17.54 11.95 29.26
C PRO A 71 -17.33 13.14 30.16
N ALA A 72 -17.83 14.29 29.73
CA ALA A 72 -17.82 15.49 30.56
C ALA A 72 -18.69 15.28 31.80
N GLY A 73 -18.50 16.15 32.79
CA GLY A 73 -19.31 16.14 33.99
C GLY A 73 -18.55 15.76 35.25
N ASN A 74 -17.37 15.17 35.05
CA ASN A 74 -16.53 14.85 36.18
C ASN A 74 -15.60 16.02 36.46
N LEU A 75 -15.92 16.75 37.52
CA LEU A 75 -15.20 17.97 37.81
C LEU A 75 -14.51 17.88 39.14
N ALA A 76 -13.29 18.40 39.17
CA ALA A 76 -12.52 18.58 40.40
C ALA A 76 -12.28 20.09 40.58
N PHE A 77 -12.60 20.62 41.77
CA PHE A 77 -12.43 22.05 42.08
C PHE A 77 -11.27 22.28 43.03
N ILE A 78 -10.39 23.24 42.68
CA ILE A 78 -9.20 23.56 43.49
C ILE A 78 -8.68 24.95 43.18
N GLY A 79 -8.31 25.67 44.24
CA GLY A 79 -7.74 27.00 44.10
C GLY A 79 -8.50 27.87 43.14
N ASN A 80 -9.83 27.85 43.27
CA ASN A 80 -10.73 28.63 42.42
C ASN A 80 -10.63 28.37 40.91
N MET A 81 -10.39 27.11 40.56
CA MET A 81 -10.29 26.65 39.19
C MET A 81 -11.16 25.43 39.00
N GLU A 82 -11.57 25.18 37.75
CA GLU A 82 -12.31 23.98 37.43
C GLU A 82 -11.48 23.04 36.56
N LEU A 83 -11.20 21.85 37.09
CA LEU A 83 -10.53 20.83 36.28
C LEU A 83 -11.60 19.82 35.86
N GLU A 84 -11.61 19.48 34.57
CA GLU A 84 -12.46 18.38 34.10
C GLU A 84 -11.66 17.12 33.71
N LEU A 85 -12.13 15.97 34.19
CA LEU A 85 -11.50 14.70 33.95
C LEU A 85 -11.65 14.32 32.51
N LEU A 86 -10.52 14.09 31.87
CA LEU A 86 -10.48 13.59 30.52
C LEU A 86 -10.40 12.06 30.56
N GLN A 87 -9.38 11.54 31.25
CA GLN A 87 -9.07 10.08 31.30
C GLN A 87 -8.25 9.73 32.53
N PHE A 88 -8.35 8.49 32.97
CA PHE A 88 -7.24 7.96 33.79
C PHE A 88 -6.42 6.80 33.16
N HIS A 89 -5.24 6.54 33.73
CA HIS A 89 -4.39 5.35 33.41
C HIS A 89 -3.42 5.07 34.57
N PHE A 90 -2.52 4.09 34.39
CA PHE A 90 -1.62 3.72 35.47
C PHE A 90 -0.14 3.58 35.09
N HIS A 91 0.71 3.63 36.12
CA HIS A 91 2.12 3.33 35.99
C HIS A 91 2.58 2.45 37.15
N ALA A 92 3.49 1.51 36.85
CA ALA A 92 4.03 0.57 37.82
C ALA A 92 5.52 0.40 37.57
N PRO A 93 6.35 0.65 38.60
CA PRO A 93 6.02 1.21 39.91
C PRO A 93 5.51 2.67 39.82
N SER A 94 5.33 3.37 40.94
CA SER A 94 4.84 4.74 40.88
C SER A 94 5.90 5.56 40.12
N GLU A 95 5.53 6.71 39.56
CA GLU A 95 6.51 7.49 38.77
C GLU A 95 7.05 8.57 39.67
N HIS A 96 6.18 9.12 40.48
CA HIS A 96 6.67 9.98 41.51
C HIS A 96 7.28 9.10 42.60
N ALA A 97 8.24 9.66 43.31
CA ALA A 97 8.78 9.06 44.52
C ALA A 97 8.51 9.98 45.68
N MET A 98 8.68 9.45 46.89
CA MET A 98 8.48 10.24 48.09
C MET A 98 9.56 9.94 49.11
N ASP A 99 10.48 10.89 49.25
CA ASP A 99 11.73 10.66 49.98
C ASP A 99 12.52 9.50 49.36
N GLY A 100 12.52 9.49 48.03
CA GLY A 100 13.33 8.57 47.28
C GLY A 100 12.63 7.26 46.94
N ARG A 101 11.51 6.99 47.61
CA ARG A 101 10.83 5.70 47.50
C ARG A 101 9.57 5.73 46.64
N ARG A 102 9.46 4.74 45.76
CA ARG A 102 8.33 4.58 44.87
C ARG A 102 7.31 3.57 45.41
N TYR A 103 6.06 3.68 45.00
CA TYR A 103 5.01 2.78 45.44
C TYR A 103 4.69 1.77 44.35
N ALA A 104 3.85 0.80 44.65
CA ALA A 104 3.61 -0.26 43.68
C ALA A 104 3.02 0.31 42.39
N MET A 105 2.01 1.16 42.49
CA MET A 105 1.50 1.81 41.27
C MET A 105 1.21 3.25 41.61
N GLU A 106 0.91 4.03 40.58
CA GLU A 106 0.47 5.41 40.70
C GLU A 106 -0.64 5.51 39.70
N ALA A 107 -1.73 6.19 40.05
CA ALA A 107 -2.83 6.40 39.15
C ALA A 107 -2.72 7.82 38.73
N HIS A 108 -2.97 8.06 37.46
CA HIS A 108 -2.93 9.39 36.90
C HIS A 108 -4.28 9.78 36.33
N LEU A 109 -4.95 10.77 36.96
CA LEU A 109 -6.25 11.25 36.48
C LEU A 109 -6.03 12.54 35.78
N VAL A 110 -6.18 12.55 34.46
CA VAL A 110 -5.76 13.69 33.67
C VAL A 110 -6.96 14.63 33.43
N HIS A 111 -6.73 15.93 33.53
CA HIS A 111 -7.83 16.89 33.47
C HIS A 111 -7.45 18.02 32.54
N LYS A 112 -8.52 18.65 32.04
CA LYS A 112 -8.40 19.89 31.32
C LYS A 112 -8.83 20.95 32.34
N ASN A 113 -7.99 21.94 32.53
CA ASN A 113 -8.35 23.06 33.36
C ASN A 113 -9.25 24.01 32.56
N LYS A 114 -10.56 23.94 32.76
CA LYS A 114 -11.50 24.69 31.90
C LYS A 114 -11.34 26.20 32.00
N SER A 115 -10.93 26.68 33.17
CA SER A 115 -10.49 28.06 33.36
C SER A 115 -9.39 28.41 32.33
N THR A 116 -8.35 27.57 32.22
CA THR A 116 -7.11 27.89 31.48
C THR A 116 -6.93 27.20 30.15
N GLY A 117 -7.42 25.97 30.04
CA GLY A 117 -7.26 25.21 28.82
C GLY A 117 -6.00 24.36 28.86
N ASN A 118 -5.16 24.57 29.88
CA ASN A 118 -3.97 23.74 30.09
C ASN A 118 -4.28 22.42 30.81
N LEU A 119 -3.37 21.44 30.72
CA LEU A 119 -3.62 20.14 31.35
C LEU A 119 -3.23 20.10 32.82
N ALA A 120 -4.01 19.39 33.63
CA ALA A 120 -3.62 19.14 35.02
C ALA A 120 -3.67 17.63 35.28
N VAL A 121 -2.72 17.08 36.04
CA VAL A 121 -2.76 15.65 36.36
C VAL A 121 -2.74 15.41 37.86
N LEU A 122 -3.64 14.54 38.30
CA LEU A 122 -3.68 14.16 39.69
C LEU A 122 -3.04 12.77 39.85
N GLY A 123 -2.05 12.70 40.72
CA GLY A 123 -1.34 11.47 40.94
C GLY A 123 -1.76 10.88 42.28
N ILE A 124 -2.19 9.62 42.28
CA ILE A 124 -2.47 8.91 43.52
C ILE A 124 -1.59 7.64 43.62
N MET A 125 -0.84 7.47 44.71
CA MET A 125 -0.08 6.26 44.92
C MET A 125 -0.98 5.08 45.27
N LEU A 126 -0.64 3.91 44.77
CA LEU A 126 -1.33 2.68 45.05
C LEU A 126 -0.34 1.76 45.72
N GLU A 127 -0.71 1.39 46.93
CA GLU A 127 0.08 0.64 47.89
C GLU A 127 -0.40 -0.80 47.88
N PRO A 128 0.51 -1.76 48.08
CA PRO A 128 -0.03 -3.11 48.26
C PRO A 128 -0.55 -3.27 49.67
N GLY A 129 -1.20 -4.41 49.93
CA GLY A 129 -1.78 -4.73 51.22
C GLY A 129 -3.30 -4.78 51.21
N GLY A 130 -3.91 -4.19 50.20
CA GLY A 130 -5.34 -3.99 50.25
C GLY A 130 -6.08 -5.30 50.27
N LEU A 131 -7.22 -5.34 50.98
CA LEU A 131 -8.03 -6.55 51.07
C LEU A 131 -9.28 -6.41 50.23
N ILE A 132 -9.43 -5.27 49.59
CA ILE A 132 -10.61 -5.01 48.80
C ILE A 132 -10.21 -4.55 47.43
N LYS A 133 -10.64 -5.32 46.43
CA LYS A 133 -10.39 -5.02 45.04
C LYS A 133 -10.91 -3.65 44.73
N ASN A 134 -10.03 -2.79 44.22
CA ASN A 134 -10.47 -1.49 43.76
C ASN A 134 -11.23 -1.72 42.44
N PRO A 135 -12.48 -1.27 42.38
CA PRO A 135 -13.36 -1.55 41.25
C PRO A 135 -13.11 -0.77 39.97
N ALA A 136 -12.46 0.38 40.07
CA ALA A 136 -12.12 1.14 38.87
C ALA A 136 -10.94 0.49 38.14
N LEU A 137 -9.88 0.19 38.90
CA LEU A 137 -8.75 -0.55 38.35
C LEU A 137 -9.23 -1.91 37.85
N SER A 138 -10.19 -2.48 38.58
CA SER A 138 -10.68 -3.80 38.23
C SER A 138 -11.33 -3.78 36.86
N THR A 139 -12.33 -2.93 36.70
CA THR A 139 -12.99 -2.83 35.44
C THR A 139 -12.00 -2.46 34.32
N ALA A 140 -11.07 -1.54 34.59
CA ALA A 140 -10.10 -1.14 33.57
C ALA A 140 -9.21 -2.31 33.08
N LEU A 141 -8.84 -3.18 34.02
CA LEU A 141 -8.13 -4.40 33.63
C LEU A 141 -9.05 -5.30 32.81
N GLU A 142 -10.27 -5.55 33.29
CA GLU A 142 -11.20 -6.45 32.57
C GLU A 142 -11.56 -6.02 31.15
N VAL A 143 -11.92 -4.75 30.96
CA VAL A 143 -12.41 -4.26 29.66
C VAL A 143 -11.28 -3.98 28.64
N ALA A 144 -10.06 -3.83 29.12
CA ALA A 144 -8.94 -3.41 28.24
C ALA A 144 -8.79 -4.29 26.99
N PRO A 145 -8.97 -3.67 25.81
CA PRO A 145 -8.75 -4.46 24.59
C PRO A 145 -7.31 -4.96 24.47
N GLU A 146 -7.15 -6.16 23.92
CA GLU A 146 -5.82 -6.76 23.78
C GLU A 146 -5.05 -6.10 22.62
N VAL A 147 -5.73 -5.79 21.52
CA VAL A 147 -5.06 -5.14 20.40
C VAL A 147 -4.56 -3.71 20.70
N PRO A 148 -3.25 -3.46 20.57
CA PRO A 148 -2.72 -2.12 20.80
C PRO A 148 -3.39 -1.01 19.98
N LEU A 149 -3.62 0.15 20.61
CA LEU A 149 -4.32 1.30 20.00
C LEU A 149 -5.81 1.09 19.71
N ALA A 150 -6.35 -0.05 20.11
CA ALA A 150 -7.78 -0.31 19.96
C ALA A 150 -8.55 0.19 21.19
N LYS A 151 -9.85 0.46 21.05
CA LYS A 151 -10.66 0.74 22.25
C LYS A 151 -12.00 0.05 22.23
N LYS A 152 -12.50 -0.23 23.43
CA LYS A 152 -13.79 -0.89 23.57
C LYS A 152 -14.62 -0.22 24.67
N PRO A 153 -15.89 0.07 24.38
CA PRO A 153 -16.70 0.65 25.45
C PRO A 153 -16.92 -0.34 26.59
N SER A 154 -16.93 0.14 27.83
CA SER A 154 -17.17 -0.72 28.98
C SER A 154 -18.64 -1.00 29.19
N PRO A 155 -18.99 -2.21 29.61
CA PRO A 155 -20.39 -2.42 29.96
C PRO A 155 -20.66 -1.81 31.29
N LYS A 156 -19.72 -2.01 32.22
CA LYS A 156 -19.92 -1.54 33.59
C LYS A 156 -19.54 -0.08 33.74
N GLY A 157 -20.21 0.57 34.69
CA GLY A 157 -19.92 1.95 35.01
C GLY A 157 -18.62 1.95 35.75
N ILE A 158 -17.97 3.12 35.79
CA ILE A 158 -16.75 3.27 36.54
C ILE A 158 -16.93 4.44 37.45
N ASN A 159 -16.50 4.26 38.69
CA ASN A 159 -16.49 5.35 39.63
C ASN A 159 -15.09 5.93 39.88
N PRO A 160 -14.71 7.01 39.19
CA PRO A 160 -13.30 7.43 39.29
C PRO A 160 -12.90 7.95 40.66
N VAL A 161 -13.88 8.21 41.53
CA VAL A 161 -13.59 8.66 42.88
C VAL A 161 -12.90 7.57 43.67
N MET A 162 -13.12 6.33 43.23
CA MET A 162 -12.45 5.17 43.82
C MET A 162 -10.95 5.23 43.61
N LEU A 163 -10.45 6.09 42.71
CA LEU A 163 -9.00 6.21 42.59
C LEU A 163 -8.45 7.39 43.40
N LEU A 164 -9.25 7.93 44.31
CA LEU A 164 -8.80 9.03 45.16
C LEU A 164 -8.75 8.61 46.63
N PRO A 165 -7.84 9.23 47.39
CA PRO A 165 -7.72 8.80 48.78
C PRO A 165 -8.88 9.30 49.62
N LYS A 166 -9.25 8.58 50.68
CA LYS A 166 -10.29 9.03 51.58
C LYS A 166 -9.89 10.35 52.22
N LYS A 167 -10.87 11.13 52.66
CA LYS A 167 -10.54 12.31 53.43
C LYS A 167 -9.98 11.82 54.78
N SER A 168 -8.96 12.51 55.30
CA SER A 168 -8.41 12.23 56.62
C SER A 168 -9.40 12.53 57.75
N LYS A 169 -8.90 12.35 58.98
CA LYS A 169 -9.71 12.65 60.16
C LYS A 169 -10.12 14.10 60.16
N ALA A 170 -9.26 14.98 59.67
CA ALA A 170 -9.63 16.39 59.56
C ALA A 170 -10.36 16.74 58.26
N GLY A 171 -10.85 15.77 57.52
CA GLY A 171 -11.58 16.08 56.29
C GLY A 171 -10.69 16.60 55.17
N THR A 172 -9.37 16.45 55.31
CA THR A 172 -8.46 16.85 54.24
C THR A 172 -8.08 15.69 53.30
N ARG A 173 -7.60 16.04 52.10
CA ARG A 173 -6.87 15.15 51.21
C ARG A 173 -5.61 15.91 50.88
N PRO A 174 -4.58 15.78 51.73
CA PRO A 174 -3.38 16.59 51.58
C PRO A 174 -2.59 16.22 50.34
N PHE A 175 -1.95 17.20 49.73
CA PHE A 175 -1.33 16.97 48.45
C PHE A 175 -0.21 17.95 48.26
N VAL A 176 0.46 17.83 47.12
CA VAL A 176 1.54 18.74 46.78
C VAL A 176 1.28 19.13 45.35
N HIS A 177 1.77 20.31 45.00
CA HIS A 177 1.49 20.95 43.72
C HIS A 177 2.79 21.44 43.12
N TYR A 178 3.07 21.08 41.88
CA TYR A 178 4.27 21.59 41.24
C TYR A 178 4.02 21.62 39.73
N PRO A 179 4.71 22.52 39.03
CA PRO A 179 4.63 22.58 37.58
C PRO A 179 5.49 21.53 36.94
N GLY A 180 4.95 20.81 35.97
CA GLY A 180 5.69 19.70 35.36
C GLY A 180 5.33 19.41 33.94
N SER A 181 5.53 18.15 33.54
CA SER A 181 5.29 17.73 32.16
C SER A 181 4.49 16.44 32.03
N LEU A 182 4.13 16.08 30.80
CA LEU A 182 3.67 14.74 30.54
C LEU A 182 4.88 13.85 30.85
N THR A 183 4.64 12.59 31.22
CA THR A 183 5.74 11.70 31.57
C THR A 183 6.10 10.77 30.39
N THR A 184 5.47 11.00 29.26
CA THR A 184 5.70 10.21 28.06
C THR A 184 5.82 11.21 26.92
N PRO A 185 6.54 10.86 25.85
CA PRO A 185 6.67 11.76 24.70
C PRO A 185 5.30 12.30 24.25
N PRO A 186 5.22 13.58 23.83
CA PRO A 186 6.34 14.54 23.67
C PRO A 186 6.88 15.12 24.97
N CYS A 187 6.46 14.59 26.11
CA CYS A 187 6.88 15.12 27.42
C CYS A 187 6.65 16.59 27.47
N SER A 188 5.53 17.04 26.88
CA SER A 188 5.18 18.47 26.87
C SER A 188 5.07 19.04 28.28
N GLU A 189 5.73 20.17 28.53
CA GLU A 189 5.62 20.87 29.82
C GLU A 189 4.38 21.79 29.93
N GLY A 190 4.26 22.58 30.98
CA GLY A 190 3.07 23.40 31.19
C GLY A 190 1.91 22.70 31.89
N VAL A 191 2.19 21.52 32.44
CA VAL A 191 1.17 20.66 33.05
C VAL A 191 1.19 20.95 34.53
N ASP A 192 0.04 20.98 35.17
CA ASP A 192 -0.01 21.25 36.60
C ASP A 192 -0.18 19.89 37.23
N TRP A 193 0.75 19.56 38.13
CA TRP A 193 0.78 18.25 38.78
C TRP A 193 0.30 18.40 40.20
N PHE A 194 -0.67 17.58 40.60
CA PHE A 194 -1.10 17.54 41.99
C PHE A 194 -0.91 16.14 42.41
N VAL A 195 -0.23 15.93 43.54
CA VAL A 195 0.07 14.56 43.96
C VAL A 195 -0.36 14.32 45.38
N PHE A 196 -1.22 13.36 45.56
CA PHE A 196 -1.79 13.14 46.81
C PHE A 196 -0.86 12.35 47.69
N MET A 197 -0.81 12.71 48.94
CA MET A 197 0.17 12.20 49.83
C MET A 197 -0.25 10.91 50.41
N GLN A 198 -1.53 10.65 50.39
CA GLN A 198 -2.06 9.50 51.00
C GLN A 198 -2.30 8.44 49.95
N PRO A 199 -1.59 7.31 50.09
CA PRO A 199 -1.79 6.22 49.13
C PRO A 199 -3.12 5.56 49.33
N ILE A 200 -3.55 4.73 48.39
CA ILE A 200 -4.69 3.86 48.60
C ILE A 200 -4.21 2.40 48.57
N LYS A 201 -4.76 1.56 49.43
CA LYS A 201 -4.38 0.15 49.41
C LYS A 201 -5.23 -0.53 48.37
N VAL A 202 -4.62 -1.44 47.64
CA VAL A 202 -5.26 -2.17 46.58
C VAL A 202 -4.71 -3.58 46.84
N PRO A 203 -5.42 -4.63 46.42
CA PRO A 203 -4.83 -5.96 46.64
C PRO A 203 -3.63 -6.30 45.77
N ASP A 204 -2.69 -7.05 46.32
CA ASP A 204 -1.49 -7.48 45.57
C ASP A 204 -1.81 -8.17 44.26
N SER A 205 -2.88 -8.98 44.26
CA SER A 205 -3.45 -9.50 43.02
C SER A 205 -3.53 -8.43 41.92
N GLN A 206 -4.10 -7.25 42.21
CA GLN A 206 -4.32 -6.26 41.18
C GLN A 206 -3.05 -5.58 40.70
N ILE A 207 -2.13 -5.29 41.62
CA ILE A 207 -0.84 -4.76 41.17
C ILE A 207 -0.19 -5.76 40.19
N LEU A 208 -0.16 -7.04 40.55
CA LEU A 208 0.38 -8.03 39.62
C LEU A 208 -0.41 -8.13 38.31
N ASP A 209 -1.74 -8.11 38.37
CA ASP A 209 -2.55 -8.09 37.16
C ASP A 209 -2.10 -7.00 36.25
N PHE A 210 -1.79 -5.85 36.85
CA PHE A 210 -1.44 -4.73 36.02
C PHE A 210 -0.09 -4.94 35.38
N MET A 211 0.87 -5.34 36.20
CA MET A 211 2.20 -5.64 35.69
C MET A 211 2.11 -6.67 34.57
N ARG A 212 1.20 -7.63 34.72
CA ARG A 212 0.93 -8.61 33.68
C ARG A 212 0.41 -7.94 32.39
N PHE A 213 -0.61 -7.08 32.51
CA PHE A 213 -1.10 -6.31 31.36
C PHE A 213 0.06 -5.60 30.64
N VAL A 214 0.94 -4.97 31.41
CA VAL A 214 2.05 -4.23 30.82
C VAL A 214 2.97 -5.17 30.04
N GLY A 215 2.98 -6.43 30.50
CA GLY A 215 3.80 -7.49 29.92
C GLY A 215 3.01 -8.23 28.87
N ASP A 216 1.87 -7.64 28.49
CA ASP A 216 1.06 -8.17 27.38
C ASP A 216 0.67 -9.64 27.63
N ASN A 217 0.41 -9.99 28.88
CA ASN A 217 0.00 -11.35 29.28
C ASN A 217 1.03 -12.45 29.03
N LYS A 218 2.29 -12.07 28.84
CA LYS A 218 3.33 -13.09 28.61
C LYS A 218 4.44 -12.93 29.64
N THR A 219 4.57 -11.76 30.22
CA THR A 219 5.52 -11.52 31.30
C THR A 219 5.00 -10.44 32.29
N TYR A 220 5.89 -9.90 33.12
CA TYR A 220 5.57 -8.85 34.07
C TYR A 220 6.54 -7.75 33.77
N ALA A 221 6.03 -6.57 33.43
CA ALA A 221 6.89 -5.47 33.03
C ALA A 221 6.49 -4.23 33.82
N THR A 222 7.33 -3.20 33.71
CA THR A 222 7.01 -1.89 34.23
C THR A 222 6.78 -0.87 33.09
N ASN A 223 6.22 0.29 33.42
CA ASN A 223 5.92 1.36 32.45
C ASN A 223 6.04 2.72 33.11
N THR A 224 7.22 2.95 33.68
CA THR A 224 7.48 4.16 34.42
C THR A 224 8.72 4.84 33.92
N ARG A 225 8.65 6.16 33.89
CA ARG A 225 9.76 7.01 33.50
C ARG A 225 10.66 7.27 34.70
N PRO A 226 11.96 7.43 34.47
CA PRO A 226 12.76 7.69 35.67
C PRO A 226 12.57 9.10 36.20
N LEU A 227 12.71 9.26 37.51
CA LEU A 227 12.67 10.56 38.20
C LEU A 227 13.44 11.67 37.48
N GLN A 228 12.91 12.89 37.52
CA GLN A 228 13.58 14.04 36.92
C GLN A 228 14.10 15.09 37.93
N LEU A 229 14.92 16.03 37.44
CA LEU A 229 15.53 17.01 38.33
C LEU A 229 14.59 18.16 38.56
N LEU A 230 14.46 18.56 39.81
CA LEU A 230 13.56 19.65 40.18
C LEU A 230 14.00 20.93 39.50
N ASN A 231 15.31 21.06 39.32
CA ASN A 231 15.87 22.27 38.77
C ASN A 231 15.44 23.45 39.59
N SER A 232 15.05 24.52 38.92
CA SER A 232 14.85 25.79 39.61
C SER A 232 13.48 25.84 40.25
N ARG A 233 12.77 24.70 40.24
CA ARG A 233 11.35 24.67 40.59
C ARG A 233 11.16 24.55 42.06
N LEU A 234 9.93 24.86 42.50
CA LEU A 234 9.55 24.77 43.90
C LEU A 234 8.33 23.87 44.06
N VAL A 235 8.39 22.89 44.96
CA VAL A 235 7.22 22.07 45.29
C VAL A 235 6.45 22.78 46.39
N GLU A 236 5.14 22.98 46.21
CA GLU A 236 4.32 23.66 47.23
C GLU A 236 3.38 22.67 47.93
N TYR A 237 3.15 22.87 49.23
CA TYR A 237 2.53 21.85 50.08
C TYR A 237 1.16 22.24 50.62
N GLU A 238 0.26 21.32 50.60
CA GLU A 238 -1.01 21.46 51.17
C GLU A 238 -1.30 20.34 52.10
N LEU A 239 -0.62 20.35 53.21
CA LEU A 239 -0.71 19.28 54.16
C LEU A 239 -1.64 19.54 55.29
N ALA B 3 -21.06 10.34 20.28
CA ALA B 3 -22.46 10.09 19.93
C ALA B 3 -22.58 9.68 18.46
N TRP B 4 -21.73 10.25 17.61
CA TRP B 4 -21.72 9.87 16.20
C TRP B 4 -20.31 9.72 15.70
N ASN B 5 -20.17 8.89 14.68
CA ASN B 5 -18.91 8.76 13.96
C ASN B 5 -19.13 8.23 12.55
N TYR B 6 -18.06 8.07 11.81
CA TYR B 6 -18.15 7.39 10.54
C TYR B 6 -17.97 5.88 10.79
N GLY B 7 -16.89 5.49 11.44
CA GLY B 7 -16.70 4.09 11.77
C GLY B 7 -15.97 3.32 10.67
N GLU B 8 -15.89 1.99 10.83
CA GLU B 8 -15.16 1.14 9.88
C GLU B 8 -16.14 0.51 8.92
N VAL B 9 -15.67 0.11 7.74
CA VAL B 9 -16.57 -0.40 6.72
C VAL B 9 -17.42 -1.55 7.26
N ALA B 10 -18.65 -1.68 6.77
CA ALA B 10 -19.62 -2.55 7.44
C ALA B 10 -19.53 -4.02 7.01
N GLY B 11 -18.70 -4.28 6.01
CA GLY B 11 -18.57 -5.60 5.41
C GLY B 11 -18.08 -6.70 6.36
N PRO B 12 -16.82 -6.60 6.84
CA PRO B 12 -16.13 -7.68 7.60
C PRO B 12 -16.81 -8.19 8.87
N PRO B 13 -17.25 -7.31 9.76
CA PRO B 13 -18.00 -7.75 10.95
C PRO B 13 -19.17 -8.71 10.66
N THR B 14 -19.80 -8.60 9.50
CA THR B 14 -20.91 -9.47 9.10
C THR B 14 -20.50 -10.78 8.39
N TRP B 15 -19.20 -10.97 8.16
CA TRP B 15 -18.68 -12.16 7.49
C TRP B 15 -18.87 -13.39 8.33
N LYS B 16 -19.36 -14.46 7.70
CA LYS B 16 -19.75 -15.66 8.43
C LYS B 16 -18.79 -16.84 8.24
N GLY B 17 -19.15 -17.99 8.80
CA GLY B 17 -18.30 -19.17 8.72
C GLY B 17 -17.11 -19.04 9.64
N VAL B 18 -15.98 -19.62 9.24
CA VAL B 18 -14.75 -19.58 10.05
C VAL B 18 -14.30 -18.12 10.29
N CYS B 19 -14.67 -17.21 9.39
CA CYS B 19 -14.49 -15.76 9.60
C CYS B 19 -14.88 -15.36 11.01
N ALA B 20 -16.02 -15.86 11.49
CA ALA B 20 -16.52 -15.47 12.80
C ALA B 20 -16.02 -16.46 13.84
N THR B 21 -16.20 -17.75 13.54
CA THR B 21 -15.97 -18.79 14.53
C THR B 21 -14.50 -18.92 14.91
N GLY B 22 -13.62 -18.64 13.94
CA GLY B 22 -12.22 -19.04 14.00
C GLY B 22 -11.35 -18.35 15.03
N LYS B 23 -10.43 -19.12 15.60
CA LYS B 23 -9.53 -18.62 16.63
C LYS B 23 -8.10 -18.38 16.09
N ARG B 24 -7.87 -18.73 14.84
CA ARG B 24 -6.57 -18.46 14.24
C ARG B 24 -6.73 -17.63 12.97
N GLN B 25 -7.35 -16.48 13.12
CA GLN B 25 -7.69 -15.64 11.97
C GLN B 25 -6.65 -14.53 11.77
N SER B 26 -6.55 -14.09 10.52
CA SER B 26 -5.64 -13.02 10.13
C SER B 26 -6.46 -11.85 9.60
N PRO B 27 -5.89 -10.64 9.63
CA PRO B 27 -4.52 -10.32 10.04
C PRO B 27 -4.49 -10.10 11.53
N ILE B 28 -3.28 -9.94 12.06
CA ILE B 28 -3.08 -9.73 13.48
C ILE B 28 -2.14 -8.54 13.68
N ASN B 29 -2.02 -8.08 14.92
CA ASN B 29 -0.94 -7.16 15.28
C ASN B 29 0.35 -7.94 15.51
N ILE B 30 1.45 -7.37 15.04
CA ILE B 30 2.73 -7.98 15.26
C ILE B 30 3.52 -7.10 16.19
N PRO B 31 3.72 -7.55 17.42
CA PRO B 31 4.52 -6.76 18.36
C PRO B 31 5.98 -6.63 17.95
N LEU B 32 6.53 -5.44 18.11
CA LEU B 32 7.96 -5.20 17.94
C LEU B 32 8.49 -4.59 19.22
N ASN B 33 8.54 -3.26 19.26
CA ASN B 33 9.07 -2.57 20.41
C ASN B 33 8.10 -2.62 21.55
N THR B 34 8.01 -3.81 22.12
CA THR B 34 7.10 -4.15 23.21
C THR B 34 7.85 -5.00 24.24
N SER B 35 7.25 -5.14 25.42
CA SER B 35 7.93 -5.72 26.58
C SER B 35 7.97 -7.26 26.62
N ALA B 36 7.14 -7.91 25.84
CA ALA B 36 6.99 -9.36 25.93
C ALA B 36 8.24 -10.11 25.41
N PRO B 37 8.35 -11.39 25.76
CA PRO B 37 9.48 -12.14 25.22
C PRO B 37 9.17 -12.54 23.80
N LYS B 38 10.20 -12.59 22.96
CA LYS B 38 10.08 -12.99 21.57
C LYS B 38 10.69 -14.39 21.38
N VAL B 39 9.84 -15.34 21.08
CA VAL B 39 10.28 -16.67 20.72
C VAL B 39 10.86 -16.64 19.31
N ASP B 40 11.98 -17.33 19.11
CA ASP B 40 12.70 -17.32 17.84
C ASP B 40 12.24 -18.40 16.92
N ALA B 41 11.88 -17.98 15.72
CA ALA B 41 11.43 -18.91 14.70
C ALA B 41 12.56 -19.93 14.36
N GLU B 42 13.79 -19.45 14.31
CA GLU B 42 14.93 -20.30 13.89
C GLU B 42 14.52 -21.22 12.75
N MET B 43 14.25 -20.61 11.59
CA MET B 43 13.90 -21.29 10.34
C MET B 43 14.88 -20.85 9.27
N GLY B 44 15.81 -19.97 9.66
CA GLY B 44 16.73 -19.40 8.71
C GLY B 44 16.10 -18.31 7.86
N GLU B 45 16.84 -17.89 6.84
CA GLU B 45 16.46 -16.83 5.92
C GLU B 45 15.78 -17.36 4.67
N PHE B 46 14.75 -16.64 4.24
CA PHE B 46 14.15 -16.86 2.95
C PHE B 46 15.23 -16.84 1.87
N ASP B 47 15.07 -17.74 0.91
CA ASP B 47 15.83 -17.69 -0.32
C ASP B 47 14.81 -17.71 -1.44
N PHE B 48 14.95 -16.80 -2.39
CA PHE B 48 13.97 -16.71 -3.46
C PHE B 48 14.53 -17.12 -4.83
N ALA B 49 13.77 -17.93 -5.55
CA ALA B 49 14.05 -18.20 -6.96
C ALA B 49 12.78 -17.86 -7.74
N TYR B 50 12.54 -16.57 -7.93
CA TYR B 50 11.40 -16.09 -8.71
C TYR B 50 11.97 -15.62 -10.03
N GLY B 51 11.27 -15.88 -11.13
CA GLY B 51 11.74 -15.40 -12.42
C GLY B 51 11.62 -13.89 -12.45
N SER B 52 12.40 -13.25 -13.34
CA SER B 52 12.45 -11.78 -13.41
C SER B 52 11.57 -11.19 -14.55
N PHE B 53 10.96 -12.07 -15.36
CA PHE B 53 10.16 -11.69 -16.52
C PHE B 53 9.08 -12.71 -16.75
N GLU B 54 8.48 -13.15 -15.65
CA GLU B 54 7.36 -14.09 -15.71
C GLU B 54 6.21 -13.44 -16.47
N LYS B 55 5.53 -14.24 -17.28
CA LYS B 55 4.37 -13.79 -18.02
C LYS B 55 3.16 -14.23 -17.23
N CYS B 56 2.31 -13.26 -16.89
CA CYS B 56 1.24 -13.51 -15.94
C CYS B 56 -0.14 -13.26 -16.50
N ASP B 57 -1.16 -13.87 -15.88
CA ASP B 57 -2.55 -13.44 -16.06
C ASP B 57 -2.86 -12.35 -15.02
N VAL B 58 -3.74 -11.42 -15.36
CA VAL B 58 -4.17 -10.40 -14.39
C VAL B 58 -5.67 -10.26 -14.44
N LEU B 59 -6.32 -10.38 -13.29
CA LEU B 59 -7.78 -10.32 -13.26
C LEU B 59 -8.27 -9.39 -12.19
N ASN B 60 -9.55 -8.99 -12.30
CA ASN B 60 -10.22 -8.21 -11.23
C ASN B 60 -11.02 -9.11 -10.31
N THR B 61 -10.77 -9.03 -9.02
CA THR B 61 -11.31 -10.01 -8.12
C THR B 61 -12.80 -9.81 -7.96
N GLY B 62 -13.21 -8.56 -8.04
CA GLY B 62 -14.56 -8.19 -7.68
C GLY B 62 -14.62 -7.65 -6.25
N HIS B 63 -13.49 -7.69 -5.54
CA HIS B 63 -13.48 -7.32 -4.11
C HIS B 63 -12.45 -6.26 -3.80
N GLY B 64 -12.10 -5.47 -4.81
CA GLY B 64 -11.19 -4.36 -4.60
C GLY B 64 -9.93 -4.55 -5.40
N THR B 65 -9.05 -5.43 -4.91
CA THR B 65 -7.72 -5.54 -5.52
C THR B 65 -7.74 -6.22 -6.86
N MET B 66 -6.69 -6.00 -7.67
CA MET B 66 -6.48 -6.84 -8.83
C MET B 66 -5.71 -8.06 -8.32
N GLN B 67 -5.60 -9.10 -9.15
CA GLN B 67 -4.83 -10.31 -8.81
C GLN B 67 -3.99 -10.72 -9.99
N VAL B 68 -2.71 -10.92 -9.74
CA VAL B 68 -1.77 -11.32 -10.76
C VAL B 68 -1.42 -12.80 -10.56
N ASN B 69 -1.87 -13.66 -11.47
CA ASN B 69 -1.57 -15.10 -11.40
C ASN B 69 -0.23 -15.49 -12.07
N PHE B 70 0.47 -16.45 -11.47
CA PHE B 70 1.77 -16.83 -11.95
C PHE B 70 1.85 -18.20 -12.53
N PRO B 71 2.75 -18.37 -13.51
CA PRO B 71 3.07 -19.71 -13.98
C PRO B 71 3.98 -20.43 -12.99
N ALA B 72 4.28 -21.70 -13.25
CA ALA B 72 5.09 -22.53 -12.34
C ALA B 72 6.50 -22.01 -12.20
N GLY B 73 7.15 -22.43 -11.12
CA GLY B 73 8.59 -22.28 -11.03
C GLY B 73 9.10 -21.09 -10.25
N ASN B 74 8.19 -20.25 -9.79
CA ASN B 74 8.58 -19.21 -8.85
C ASN B 74 8.50 -19.77 -7.47
N LEU B 75 9.64 -19.75 -6.80
CA LEU B 75 9.87 -20.61 -5.66
C LEU B 75 10.58 -19.84 -4.60
N ALA B 76 10.04 -19.98 -3.39
CA ALA B 76 10.65 -19.47 -2.19
C ALA B 76 11.09 -20.66 -1.32
N PHE B 77 12.25 -20.52 -0.68
CA PHE B 77 12.77 -21.54 0.20
C PHE B 77 12.92 -20.96 1.60
N ILE B 78 12.37 -21.69 2.56
CA ILE B 78 12.43 -21.30 3.97
C ILE B 78 12.22 -22.55 4.80
N GLY B 79 12.90 -22.59 5.94
CA GLY B 79 13.05 -23.84 6.66
C GLY B 79 13.65 -24.74 5.61
N ASN B 80 13.12 -25.96 5.50
CA ASN B 80 13.29 -26.74 4.27
C ASN B 80 11.88 -27.09 3.81
N MET B 81 11.21 -26.04 3.38
CA MET B 81 9.96 -26.17 2.70
C MET B 81 10.13 -25.46 1.40
N GLU B 82 9.45 -25.93 0.38
CA GLU B 82 9.41 -25.25 -0.90
C GLU B 82 8.08 -24.56 -1.02
N LEU B 83 8.07 -23.24 -1.14
CA LEU B 83 6.79 -22.51 -1.39
C LEU B 83 6.74 -22.12 -2.85
N GLU B 84 5.65 -22.47 -3.53
CA GLU B 84 5.44 -22.10 -4.92
C GLU B 84 4.44 -20.95 -5.02
N LEU B 85 4.84 -19.90 -5.72
CA LEU B 85 4.05 -18.69 -5.82
C LEU B 85 2.83 -18.97 -6.71
N LEU B 86 1.65 -18.52 -6.28
CA LEU B 86 0.46 -18.69 -7.08
C LEU B 86 0.06 -17.34 -7.63
N GLN B 87 0.11 -16.31 -6.78
CA GLN B 87 -0.48 -15.04 -7.20
C GLN B 87 -0.14 -14.01 -6.19
N PHE B 88 -0.08 -12.75 -6.60
CA PHE B 88 -0.08 -11.70 -5.62
C PHE B 88 -1.25 -10.73 -5.84
N HIS B 89 -1.61 -10.03 -4.76
CA HIS B 89 -2.64 -9.00 -4.76
C HIS B 89 -2.32 -8.00 -3.67
N PHE B 90 -3.18 -7.00 -3.47
CA PHE B 90 -2.87 -5.91 -2.52
C PHE B 90 -3.98 -5.56 -1.60
N HIS B 91 -3.63 -4.87 -0.53
CA HIS B 91 -4.61 -4.33 0.37
C HIS B 91 -4.19 -2.89 0.72
N ALA B 92 -5.20 -2.05 0.98
CA ALA B 92 -4.96 -0.68 1.49
C ALA B 92 -6.04 -0.27 2.51
N PRO B 93 -5.62 0.06 3.75
CA PRO B 93 -4.26 0.14 4.28
C PRO B 93 -3.71 -1.24 4.47
N SER B 94 -2.60 -1.37 5.19
CA SER B 94 -2.07 -2.73 5.40
C SER B 94 -3.09 -3.53 6.22
N GLU B 95 -3.11 -4.84 6.06
CA GLU B 95 -3.94 -5.70 6.89
C GLU B 95 -3.23 -5.96 8.22
N HIS B 96 -2.02 -6.51 8.17
CA HIS B 96 -1.22 -6.61 9.38
C HIS B 96 -0.85 -5.23 9.88
N ALA B 97 -0.52 -5.17 11.16
CA ALA B 97 -0.08 -3.94 11.78
C ALA B 97 1.14 -4.27 12.62
N MET B 98 2.00 -3.27 12.81
CA MET B 98 3.19 -3.36 13.65
C MET B 98 3.00 -2.48 14.89
N ASP B 99 2.89 -3.07 16.06
CA ASP B 99 2.63 -2.29 17.26
C ASP B 99 1.43 -1.34 17.06
N GLY B 100 0.40 -1.88 16.42
CA GLY B 100 -0.86 -1.16 16.28
C GLY B 100 -0.97 -0.33 15.03
N ARG B 101 0.18 0.10 14.50
CA ARG B 101 0.21 0.94 13.31
C ARG B 101 0.14 0.15 11.99
N ARG B 102 -0.63 0.66 11.04
CA ARG B 102 -0.70 0.11 9.69
C ARG B 102 0.10 0.94 8.68
N TYR B 103 0.34 0.37 7.51
CA TYR B 103 1.09 1.06 6.49
C TYR B 103 0.15 1.38 5.34
N ALA B 104 0.63 2.18 4.40
CA ALA B 104 -0.15 2.51 3.22
C ALA B 104 -0.68 1.27 2.51
N MET B 105 0.20 0.34 2.12
CA MET B 105 -0.31 -0.88 1.47
C MET B 105 0.34 -2.14 2.04
N GLU B 106 -0.24 -3.28 1.73
CA GLU B 106 0.37 -4.55 2.07
C GLU B 106 0.25 -5.42 0.85
N ALA B 107 1.37 -5.97 0.36
CA ALA B 107 1.31 -6.93 -0.72
C ALA B 107 1.28 -8.32 -0.13
N HIS B 108 0.46 -9.15 -0.72
CA HIS B 108 0.34 -10.52 -0.29
C HIS B 108 0.75 -11.39 -1.44
N LEU B 109 1.79 -12.20 -1.26
CA LEU B 109 2.19 -13.19 -2.28
C LEU B 109 1.76 -14.56 -1.77
N VAL B 110 0.76 -15.15 -2.43
CA VAL B 110 0.16 -16.37 -1.93
C VAL B 110 0.88 -17.55 -2.56
N HIS B 111 1.33 -18.49 -1.72
CA HIS B 111 2.06 -19.67 -2.18
C HIS B 111 1.35 -20.94 -1.76
N LYS B 112 1.81 -22.02 -2.41
CA LYS B 112 1.49 -23.37 -2.01
C LYS B 112 2.76 -23.97 -1.45
N ASN B 113 2.65 -24.56 -0.26
CA ASN B 113 3.73 -25.38 0.25
C ASN B 113 3.74 -26.65 -0.58
N LYS B 114 4.77 -26.80 -1.40
CA LYS B 114 4.82 -27.91 -2.32
C LYS B 114 5.16 -29.18 -1.52
N SER B 115 5.95 -29.00 -0.45
CA SER B 115 6.23 -30.05 0.50
C SER B 115 4.92 -30.61 1.10
N THR B 116 4.24 -29.77 1.90
CA THR B 116 3.12 -30.14 2.79
C THR B 116 1.74 -30.06 2.16
N GLY B 117 1.57 -29.22 1.15
CA GLY B 117 0.28 -29.09 0.49
C GLY B 117 -0.61 -27.95 0.96
N ASN B 118 -0.26 -27.31 2.08
CA ASN B 118 -0.99 -26.16 2.68
C ASN B 118 -0.62 -24.83 2.03
N LEU B 119 -1.36 -23.77 2.36
CA LEU B 119 -1.08 -22.46 1.79
C LEU B 119 -0.17 -21.64 2.69
N ALA B 120 0.60 -20.75 2.09
CA ALA B 120 1.41 -19.86 2.92
C ALA B 120 1.39 -18.53 2.24
N VAL B 121 1.26 -17.45 3.02
CA VAL B 121 1.26 -16.12 2.43
C VAL B 121 2.40 -15.31 2.97
N LEU B 122 3.09 -14.62 2.06
CA LEU B 122 4.14 -13.69 2.47
C LEU B 122 3.48 -12.33 2.37
N GLY B 123 3.66 -11.54 3.43
CA GLY B 123 3.08 -10.22 3.51
C GLY B 123 4.17 -9.18 3.57
N ILE B 124 4.13 -8.22 2.65
CA ILE B 124 5.08 -7.11 2.63
C ILE B 124 4.39 -5.73 2.80
N MET B 125 4.89 -4.92 3.73
CA MET B 125 4.33 -3.58 3.95
C MET B 125 4.85 -2.67 2.87
N LEU B 126 4.03 -1.70 2.50
CA LEU B 126 4.38 -0.65 1.54
C LEU B 126 4.17 0.77 2.15
N GLU B 127 5.29 1.49 2.23
CA GLU B 127 5.36 2.83 2.78
C GLU B 127 5.25 3.80 1.63
N PRO B 128 4.73 4.97 1.92
CA PRO B 128 4.78 6.02 0.91
C PRO B 128 6.13 6.71 1.00
N GLY B 129 6.43 7.58 0.02
CA GLY B 129 7.65 8.35 0.03
C GLY B 129 8.64 8.06 -1.09
N GLY B 130 8.54 6.90 -1.71
CA GLY B 130 9.54 6.51 -2.69
C GLY B 130 9.49 7.36 -3.95
N LEU B 131 10.62 7.49 -4.62
CA LEU B 131 10.64 8.25 -5.86
C LEU B 131 10.48 7.33 -7.06
N ILE B 132 10.98 6.09 -6.94
CA ILE B 132 10.89 5.13 -8.04
C ILE B 132 9.68 4.19 -7.93
N LYS B 133 8.87 4.19 -8.99
CA LYS B 133 7.66 3.40 -9.04
C LYS B 133 8.03 1.94 -8.91
N ASN B 134 7.23 1.20 -8.16
CA ASN B 134 7.39 -0.23 -8.15
C ASN B 134 6.84 -0.83 -9.45
N PRO B 135 7.68 -1.57 -10.19
CA PRO B 135 7.24 -2.03 -11.51
C PRO B 135 6.22 -3.16 -11.48
N ALA B 136 6.16 -3.90 -10.39
CA ALA B 136 5.17 -4.95 -10.26
C ALA B 136 3.81 -4.29 -9.98
N LEU B 137 3.77 -3.45 -8.96
CA LEU B 137 2.53 -2.75 -8.65
C LEU B 137 2.03 -2.00 -9.91
N SER B 138 2.95 -1.29 -10.57
CA SER B 138 2.67 -0.55 -11.79
C SER B 138 2.13 -1.48 -12.88
N THR B 139 2.87 -2.50 -13.28
CA THR B 139 2.31 -3.41 -14.26
C THR B 139 0.91 -3.96 -13.84
N ALA B 140 0.70 -4.23 -12.54
CA ALA B 140 -0.61 -4.70 -12.07
C ALA B 140 -1.71 -3.66 -12.31
N LEU B 141 -1.40 -2.42 -11.98
CA LEU B 141 -2.35 -1.33 -12.14
C LEU B 141 -2.67 -1.11 -13.62
N GLU B 142 -1.63 -1.13 -14.47
CA GLU B 142 -1.83 -0.90 -15.90
C GLU B 142 -2.62 -1.99 -16.58
N VAL B 143 -2.30 -3.24 -16.31
CA VAL B 143 -2.88 -4.32 -17.11
C VAL B 143 -4.24 -4.74 -16.61
N ALA B 144 -4.51 -4.51 -15.33
CA ALA B 144 -5.66 -5.14 -14.66
C ALA B 144 -6.95 -4.72 -15.31
N PRO B 145 -7.80 -5.69 -15.67
CA PRO B 145 -9.11 -5.33 -16.21
C PRO B 145 -9.98 -4.61 -15.18
N GLU B 146 -10.59 -3.52 -15.65
CA GLU B 146 -11.56 -2.78 -14.88
C GLU B 146 -12.76 -3.68 -14.54
N VAL B 147 -13.16 -4.55 -15.48
CA VAL B 147 -14.29 -5.46 -15.23
C VAL B 147 -13.91 -6.79 -14.57
N PRO B 148 -14.83 -7.36 -13.80
CA PRO B 148 -14.50 -8.64 -13.15
C PRO B 148 -14.89 -9.84 -14.02
N LEU B 149 -14.62 -11.06 -13.52
CA LEU B 149 -14.93 -12.29 -14.26
C LEU B 149 -14.14 -12.37 -15.60
N ALA B 150 -12.96 -11.77 -15.63
CA ALA B 150 -12.17 -11.74 -16.86
C ALA B 150 -10.72 -11.58 -16.51
N LYS B 151 -9.93 -12.58 -16.90
CA LYS B 151 -8.48 -12.57 -16.72
C LYS B 151 -7.79 -12.24 -18.03
N LYS B 152 -6.97 -11.19 -17.98
CA LYS B 152 -6.24 -10.64 -19.12
C LYS B 152 -4.75 -11.09 -19.07
N PRO B 153 -4.23 -11.74 -20.14
CA PRO B 153 -2.78 -12.01 -20.15
C PRO B 153 -1.97 -10.73 -20.24
N SER B 154 -0.88 -10.65 -19.48
CA SER B 154 -0.15 -9.40 -19.35
C SER B 154 1.00 -9.41 -20.37
N PRO B 155 1.06 -8.38 -21.23
CA PRO B 155 2.16 -8.30 -22.19
C PRO B 155 3.50 -8.06 -21.51
N LYS B 156 3.50 -7.26 -20.46
CA LYS B 156 4.73 -7.00 -19.71
C LYS B 156 4.97 -8.15 -18.75
N GLY B 157 6.21 -8.63 -18.72
CA GLY B 157 6.60 -9.68 -17.79
C GLY B 157 6.91 -9.07 -16.44
N ILE B 158 6.53 -9.74 -15.35
CA ILE B 158 6.62 -9.18 -14.00
C ILE B 158 7.75 -9.86 -13.22
N ASN B 159 8.45 -9.07 -12.39
CA ASN B 159 9.41 -9.60 -11.44
C ASN B 159 8.89 -9.50 -9.99
N PRO B 160 8.35 -10.60 -9.43
CA PRO B 160 7.74 -10.58 -8.09
C PRO B 160 8.73 -10.28 -6.95
N VAL B 161 10.02 -10.53 -7.18
CA VAL B 161 11.08 -10.18 -6.25
C VAL B 161 11.06 -8.70 -5.97
N MET B 162 10.44 -7.94 -6.88
CA MET B 162 10.32 -6.50 -6.73
C MET B 162 9.32 -6.11 -5.65
N LEU B 163 8.51 -7.07 -5.22
CA LEU B 163 7.62 -6.82 -4.12
C LEU B 163 8.23 -7.20 -2.78
N LEU B 164 9.39 -7.84 -2.77
CA LEU B 164 10.09 -8.19 -1.52
C LEU B 164 11.09 -7.13 -1.06
N PRO B 165 11.25 -7.02 0.25
CA PRO B 165 12.22 -6.02 0.73
C PRO B 165 13.66 -6.44 0.42
N LYS B 166 14.56 -5.47 0.32
CA LYS B 166 15.99 -5.77 0.11
C LYS B 166 16.65 -6.27 1.39
N LYS B 167 17.69 -7.07 1.22
CA LYS B 167 18.44 -7.67 2.32
C LYS B 167 19.03 -6.57 3.22
N SER B 168 19.05 -6.80 4.54
CA SER B 168 19.61 -5.81 5.47
C SER B 168 21.09 -5.68 5.19
N LYS B 169 21.74 -4.73 5.88
CA LYS B 169 23.19 -4.61 5.74
C LYS B 169 23.85 -5.97 6.01
N ALA B 170 23.25 -6.73 6.93
CA ALA B 170 23.71 -8.03 7.36
C ALA B 170 23.36 -9.17 6.42
N GLY B 171 22.60 -8.88 5.37
CA GLY B 171 22.22 -9.91 4.41
C GLY B 171 20.90 -10.61 4.72
N THR B 172 20.19 -10.16 5.74
CA THR B 172 18.95 -10.82 6.14
C THR B 172 17.67 -10.09 5.64
N ARG B 173 16.57 -10.84 5.53
CA ARG B 173 15.22 -10.27 5.40
C ARG B 173 14.41 -10.64 6.64
N PRO B 174 14.48 -9.80 7.69
CA PRO B 174 13.81 -10.07 8.96
C PRO B 174 12.32 -10.31 8.76
N PHE B 175 11.75 -11.23 9.52
CA PHE B 175 10.34 -11.54 9.38
C PHE B 175 9.80 -12.14 10.67
N VAL B 176 8.47 -12.32 10.68
CA VAL B 176 7.79 -13.08 11.71
C VAL B 176 6.95 -14.15 11.03
N HIS B 177 6.75 -15.25 11.76
CA HIS B 177 6.02 -16.39 11.25
C HIS B 177 4.90 -16.72 12.23
N TYR B 178 3.68 -16.93 11.74
CA TYR B 178 2.63 -17.32 12.66
C TYR B 178 1.55 -18.04 11.92
N PRO B 179 0.81 -18.89 12.64
CA PRO B 179 -0.27 -19.65 12.02
C PRO B 179 -1.49 -18.78 11.85
N GLY B 180 -2.04 -18.73 10.65
CA GLY B 180 -3.14 -17.84 10.38
C GLY B 180 -4.19 -18.40 9.48
N SER B 181 -4.85 -17.48 8.77
CA SER B 181 -5.99 -17.77 7.94
C SER B 181 -5.93 -16.89 6.72
N LEU B 182 -6.70 -17.25 5.69
CA LEU B 182 -7.04 -16.29 4.66
C LEU B 182 -7.78 -15.10 5.32
N THR B 183 -7.62 -13.90 4.75
CA THR B 183 -8.21 -12.69 5.30
C THR B 183 -9.47 -12.25 4.54
N THR B 184 -9.96 -13.10 3.64
CA THR B 184 -11.29 -12.87 3.05
C THR B 184 -12.10 -14.14 3.17
N PRO B 185 -13.42 -14.02 3.14
CA PRO B 185 -14.21 -15.26 3.21
C PRO B 185 -13.72 -16.25 2.15
N PRO B 186 -13.79 -17.56 2.43
CA PRO B 186 -14.35 -18.16 3.65
C PRO B 186 -13.43 -18.10 4.87
N CYS B 187 -12.39 -17.27 4.82
CA CYS B 187 -11.44 -17.13 5.93
C CYS B 187 -10.79 -18.48 6.41
N SER B 188 -10.65 -19.45 5.49
CA SER B 188 -10.00 -20.76 5.75
C SER B 188 -8.69 -20.68 6.53
N GLU B 189 -8.59 -21.45 7.61
CA GLU B 189 -7.36 -21.47 8.41
C GLU B 189 -6.28 -22.46 7.86
N GLY B 190 -5.24 -22.70 8.64
CA GLY B 190 -4.18 -23.59 8.25
C GLY B 190 -3.19 -22.93 7.30
N VAL B 191 -3.13 -21.60 7.33
CA VAL B 191 -2.23 -20.83 6.46
C VAL B 191 -0.99 -20.37 7.21
N ASP B 192 0.18 -20.59 6.64
CA ASP B 192 1.39 -20.10 7.29
C ASP B 192 1.59 -18.68 6.82
N TRP B 193 1.79 -17.79 7.76
CA TRP B 193 1.98 -16.39 7.43
C TRP B 193 3.38 -16.05 7.74
N PHE B 194 4.01 -15.36 6.80
CA PHE B 194 5.32 -14.80 7.02
C PHE B 194 5.20 -13.36 6.67
N VAL B 195 5.49 -12.48 7.63
CA VAL B 195 5.29 -11.05 7.42
C VAL B 195 6.61 -10.37 7.61
N PHE B 196 7.05 -9.69 6.57
CA PHE B 196 8.39 -9.12 6.58
C PHE B 196 8.46 -7.80 7.33
N MET B 197 9.54 -7.63 8.08
CA MET B 197 9.66 -6.49 8.97
C MET B 197 9.96 -5.23 8.23
N GLN B 198 10.74 -5.34 7.16
CA GLN B 198 11.21 -4.16 6.41
C GLN B 198 10.21 -3.75 5.34
N PRO B 199 9.62 -2.53 5.41
CA PRO B 199 8.71 -2.09 4.33
C PRO B 199 9.45 -1.77 3.03
N ILE B 200 8.72 -1.55 1.93
CA ILE B 200 9.33 -0.99 0.71
C ILE B 200 8.66 0.34 0.41
N LYS B 201 9.43 1.34 -0.01
CA LYS B 201 8.88 2.67 -0.24
C LYS B 201 8.31 2.64 -1.63
N VAL B 202 7.23 3.36 -1.82
CA VAL B 202 6.56 3.41 -3.10
C VAL B 202 6.17 4.86 -3.25
N PRO B 203 6.11 5.38 -4.48
CA PRO B 203 5.61 6.76 -4.67
C PRO B 203 4.16 6.89 -4.23
N ASP B 204 3.83 7.99 -3.57
CA ASP B 204 2.44 8.18 -3.13
C ASP B 204 1.47 8.05 -4.29
N SER B 205 1.93 8.42 -5.48
CA SER B 205 1.07 8.34 -6.63
C SER B 205 0.54 6.92 -6.76
N GLN B 206 1.41 5.94 -6.57
CA GLN B 206 1.02 4.54 -6.75
C GLN B 206 -0.03 4.11 -5.73
N ILE B 207 0.13 4.57 -4.49
CA ILE B 207 -0.78 4.22 -3.41
C ILE B 207 -2.17 4.83 -3.72
N LEU B 208 -2.20 6.10 -4.08
CA LEU B 208 -3.46 6.65 -4.52
C LEU B 208 -4.04 5.93 -5.75
N ASP B 209 -3.21 5.58 -6.73
CA ASP B 209 -3.76 4.86 -7.87
C ASP B 209 -4.39 3.54 -7.40
N PHE B 210 -3.77 2.89 -6.42
CA PHE B 210 -4.34 1.59 -6.00
C PHE B 210 -5.68 1.82 -5.29
N MET B 211 -5.67 2.77 -4.34
CA MET B 211 -6.91 3.19 -3.62
C MET B 211 -8.05 3.57 -4.57
N ARG B 212 -7.68 4.24 -5.66
CA ARG B 212 -8.59 4.63 -6.75
C ARG B 212 -9.20 3.43 -7.40
N PHE B 213 -8.32 2.50 -7.79
CA PHE B 213 -8.72 1.23 -8.41
C PHE B 213 -9.70 0.46 -7.53
N VAL B 214 -9.45 0.43 -6.23
CA VAL B 214 -10.39 -0.20 -5.33
C VAL B 214 -11.73 0.55 -5.39
N GLY B 215 -11.64 1.87 -5.60
CA GLY B 215 -12.81 2.72 -5.66
C GLY B 215 -13.47 2.75 -7.02
N ASP B 216 -13.02 1.84 -7.88
CA ASP B 216 -13.66 1.65 -9.18
C ASP B 216 -13.60 2.92 -10.02
N ASN B 217 -12.55 3.69 -9.77
CA ASN B 217 -12.29 4.92 -10.50
C ASN B 217 -13.40 5.95 -10.27
N LYS B 218 -14.15 5.77 -9.17
CA LYS B 218 -15.19 6.75 -8.80
C LYS B 218 -14.86 7.38 -7.45
N THR B 219 -13.94 6.78 -6.69
CA THR B 219 -13.63 7.32 -5.39
C THR B 219 -12.26 6.79 -4.92
N TYR B 220 -11.96 6.91 -3.63
CA TYR B 220 -10.75 6.35 -3.05
C TYR B 220 -11.26 5.53 -1.92
N ALA B 221 -10.87 4.26 -1.92
CA ALA B 221 -11.44 3.26 -1.04
C ALA B 221 -10.38 2.23 -0.62
N THR B 222 -10.80 1.39 0.32
CA THR B 222 -9.95 0.48 1.00
C THR B 222 -10.51 -0.92 0.87
N ASN B 223 -9.66 -1.91 1.16
CA ASN B 223 -10.03 -3.32 1.03
C ASN B 223 -9.27 -4.19 2.05
N THR B 224 -9.48 -3.86 3.32
CA THR B 224 -8.78 -4.44 4.46
C THR B 224 -9.75 -4.84 5.54
N ARG B 225 -9.49 -6.01 6.07
CA ARG B 225 -10.24 -6.60 7.14
C ARG B 225 -9.58 -6.18 8.44
N PRO B 226 -10.39 -5.93 9.48
CA PRO B 226 -9.82 -5.43 10.73
C PRO B 226 -8.97 -6.46 11.47
N LEU B 227 -8.14 -5.95 12.38
CA LEU B 227 -7.24 -6.76 13.17
C LEU B 227 -7.95 -7.85 13.96
N GLN B 228 -7.47 -9.08 13.87
CA GLN B 228 -8.02 -10.19 14.67
C GLN B 228 -7.22 -10.42 15.95
N LEU B 229 -7.86 -11.12 16.90
CA LEU B 229 -7.23 -11.44 18.18
C LEU B 229 -6.26 -12.61 18.02
N LEU B 230 -5.17 -12.56 18.76
CA LEU B 230 -4.12 -13.55 18.72
C LEU B 230 -4.55 -14.91 19.27
N ASN B 231 -5.36 -14.82 20.33
CA ASN B 231 -5.74 -15.97 21.13
C ASN B 231 -4.51 -16.67 21.64
N SER B 232 -4.53 -17.99 21.77
CA SER B 232 -3.35 -18.64 22.32
C SER B 232 -2.09 -18.52 21.42
N ARG B 233 -2.29 -18.31 20.12
CA ARG B 233 -1.24 -18.37 19.11
C ARG B 233 0.06 -17.72 19.49
N LEU B 234 1.14 -18.27 18.96
CA LEU B 234 2.47 -17.76 19.22
C LEU B 234 3.04 -17.11 17.95
N VAL B 235 3.58 -15.89 18.08
CA VAL B 235 4.27 -15.24 16.98
C VAL B 235 5.78 -15.45 17.12
N GLU B 236 6.36 -16.10 16.11
CA GLU B 236 7.79 -16.41 16.12
C GLU B 236 8.61 -15.42 15.28
N TYR B 237 9.80 -15.07 15.75
CA TYR B 237 10.59 -14.03 15.11
C TYR B 237 11.86 -14.59 14.48
N GLU B 238 12.26 -13.96 13.38
CA GLU B 238 13.49 -14.24 12.73
C GLU B 238 13.98 -12.88 12.32
N LEU B 239 14.60 -12.16 13.26
CA LEU B 239 14.95 -10.75 13.02
C LEU B 239 16.41 -10.54 12.57
N MET C 1 -1.15 -22.22 -11.35
CA MET C 1 -2.06 -21.11 -11.74
C MET C 1 -2.06 -20.87 -13.26
N ALA C 2 -1.31 -19.88 -13.71
CA ALA C 2 -1.43 -19.42 -15.11
C ALA C 2 -0.70 -20.28 -16.14
N ALA C 3 -1.05 -21.56 -16.23
CA ALA C 3 -0.47 -22.44 -17.24
C ALA C 3 -1.37 -22.53 -18.48
N TRP C 4 -2.63 -22.96 -18.25
CA TRP C 4 -3.68 -23.12 -19.27
C TRP C 4 -5.08 -22.96 -18.66
N ASN C 5 -6.09 -22.72 -19.50
CA ASN C 5 -7.48 -22.58 -19.03
C ASN C 5 -8.48 -23.08 -20.09
N TYR C 6 -9.73 -23.25 -19.69
CA TYR C 6 -10.82 -23.42 -20.66
C TYR C 6 -11.14 -22.03 -21.19
N GLY C 7 -11.30 -21.11 -20.27
CA GLY C 7 -11.54 -19.73 -20.64
C GLY C 7 -13.00 -19.49 -20.98
N GLU C 8 -13.27 -18.39 -21.65
CA GLU C 8 -14.63 -17.95 -21.95
C GLU C 8 -14.97 -18.14 -23.43
N VAL C 9 -16.25 -18.30 -23.72
CA VAL C 9 -16.71 -18.60 -25.08
C VAL C 9 -16.08 -17.67 -26.11
N ALA C 10 -15.73 -18.24 -27.26
CA ALA C 10 -14.85 -17.59 -28.21
C ALA C 10 -15.56 -16.56 -29.05
N GLY C 11 -16.90 -16.54 -28.98
CA GLY C 11 -17.72 -15.76 -29.89
C GLY C 11 -17.70 -14.24 -29.75
N PRO C 12 -18.09 -13.72 -28.57
CA PRO C 12 -18.30 -12.27 -28.33
C PRO C 12 -17.12 -11.33 -28.62
N PRO C 13 -15.86 -11.75 -28.35
CA PRO C 13 -14.71 -10.88 -28.63
C PRO C 13 -14.54 -10.60 -30.12
N THR C 14 -15.13 -11.44 -30.99
CA THR C 14 -15.00 -11.31 -32.45
C THR C 14 -16.17 -10.60 -33.10
N TRP C 15 -17.21 -10.34 -32.31
CA TRP C 15 -18.39 -9.69 -32.81
C TRP C 15 -17.99 -8.35 -33.36
N LYS C 16 -18.50 -8.07 -34.56
CA LYS C 16 -18.09 -6.91 -35.33
C LYS C 16 -19.02 -5.68 -35.13
N GLY C 17 -18.52 -4.51 -35.53
CA GLY C 17 -19.36 -3.32 -35.54
C GLY C 17 -19.40 -2.62 -34.21
N VAL C 18 -20.58 -2.09 -33.86
CA VAL C 18 -20.71 -1.35 -32.61
C VAL C 18 -20.41 -2.26 -31.40
N CYS C 19 -20.71 -3.56 -31.51
CA CYS C 19 -20.26 -4.54 -30.51
C CYS C 19 -18.79 -4.33 -30.11
N ALA C 20 -17.95 -3.91 -31.06
CA ALA C 20 -16.53 -3.74 -30.78
C ALA C 20 -16.13 -2.29 -30.52
N THR C 21 -16.78 -1.35 -31.22
CA THR C 21 -16.35 0.05 -31.23
C THR C 21 -16.99 0.84 -30.09
N GLY C 22 -18.23 0.51 -29.79
CA GLY C 22 -19.08 1.29 -28.88
C GLY C 22 -18.58 1.40 -27.46
N LYS C 23 -18.83 2.55 -26.84
CA LYS C 23 -18.35 2.80 -25.50
C LYS C 23 -19.50 2.84 -24.50
N ARG C 24 -20.65 2.33 -24.89
CA ARG C 24 -21.82 2.34 -24.00
C ARG C 24 -22.54 0.99 -24.11
N GLN C 25 -21.76 -0.07 -23.94
CA GLN C 25 -22.24 -1.42 -24.19
C GLN C 25 -22.73 -2.16 -22.93
N SER C 26 -23.59 -3.16 -23.15
CA SER C 26 -24.13 -4.02 -22.08
C SER C 26 -23.70 -5.49 -22.27
N PRO C 27 -23.68 -6.27 -21.19
CA PRO C 27 -23.97 -5.91 -19.80
C PRO C 27 -22.78 -5.32 -19.09
N ILE C 28 -22.99 -4.95 -17.84
CA ILE C 28 -21.96 -4.36 -17.01
C ILE C 28 -21.98 -4.89 -15.60
N ASN C 29 -21.01 -4.47 -14.79
CA ASN C 29 -21.01 -4.85 -13.39
C ASN C 29 -21.84 -3.80 -12.63
N ILE C 30 -22.59 -4.24 -11.62
CA ILE C 30 -23.39 -3.33 -10.81
C ILE C 30 -22.85 -3.35 -9.40
N PRO C 31 -22.09 -2.33 -9.03
CA PRO C 31 -21.59 -2.30 -7.65
C PRO C 31 -22.71 -2.02 -6.66
N LEU C 32 -22.67 -2.68 -5.54
CA LEU C 32 -23.65 -2.49 -4.50
C LEU C 32 -22.97 -2.29 -3.17
N ASN C 33 -22.31 -3.33 -2.71
CA ASN C 33 -21.75 -3.31 -1.39
C ASN C 33 -20.33 -2.73 -1.47
N THR C 34 -20.22 -1.50 -2.00
CA THR C 34 -18.95 -0.76 -1.97
C THR C 34 -19.12 0.64 -1.39
N SER C 35 -17.97 1.27 -1.11
CA SER C 35 -17.94 2.62 -0.53
C SER C 35 -18.18 3.67 -1.61
N ALA C 36 -18.23 3.21 -2.86
CA ALA C 36 -18.32 4.08 -4.02
C ALA C 36 -19.65 4.83 -4.01
N PRO C 37 -19.64 6.07 -4.51
CA PRO C 37 -20.84 6.90 -4.43
C PRO C 37 -21.89 6.33 -5.38
N LYS C 38 -23.15 6.36 -4.94
CA LYS C 38 -24.28 5.84 -5.71
C LYS C 38 -25.23 7.00 -6.00
N VAL C 39 -25.18 7.48 -7.24
CA VAL C 39 -26.13 8.47 -7.73
C VAL C 39 -27.56 7.89 -7.75
N ASP C 40 -28.46 8.54 -7.02
CA ASP C 40 -29.86 8.14 -6.98
C ASP C 40 -30.52 8.38 -8.32
N ALA C 41 -31.41 7.50 -8.73
CA ALA C 41 -32.06 7.62 -10.03
C ALA C 41 -33.24 8.55 -9.87
N GLU C 42 -33.88 8.49 -8.71
CA GLU C 42 -35.05 9.30 -8.41
C GLU C 42 -35.97 9.23 -9.62
N MET C 43 -36.49 8.04 -9.82
CA MET C 43 -37.28 7.73 -10.98
C MET C 43 -38.64 7.18 -10.54
N GLY C 44 -38.83 7.13 -9.22
CA GLY C 44 -39.94 6.40 -8.63
C GLY C 44 -39.81 4.88 -8.74
N GLU C 45 -40.83 4.19 -8.25
CA GLU C 45 -40.93 2.74 -8.34
C GLU C 45 -41.65 2.34 -9.62
N PHE C 46 -41.33 1.15 -10.10
CA PHE C 46 -42.00 0.55 -11.24
C PHE C 46 -43.48 0.28 -10.93
N ASP C 47 -44.36 0.62 -11.87
CA ASP C 47 -45.75 0.19 -11.75
C ASP C 47 -46.09 -0.61 -13.00
N PHE C 48 -46.48 -1.85 -12.78
CA PHE C 48 -46.68 -2.76 -13.89
C PHE C 48 -48.14 -2.99 -14.12
N ALA C 49 -48.52 -2.95 -15.39
CA ALA C 49 -49.85 -3.30 -15.81
C ALA C 49 -49.66 -4.32 -16.95
N TYR C 50 -49.50 -5.59 -16.59
CA TYR C 50 -49.33 -6.65 -17.58
C TYR C 50 -50.56 -7.57 -17.62
N GLY C 51 -50.99 -8.02 -18.79
CA GLY C 51 -52.06 -9.02 -18.87
C GLY C 51 -51.69 -10.27 -18.08
N SER C 52 -52.69 -11.06 -17.73
CA SER C 52 -52.46 -12.22 -16.87
C SER C 52 -52.40 -13.57 -17.64
N PHE C 53 -52.86 -13.59 -18.89
CA PHE C 53 -53.00 -14.84 -19.65
C PHE C 53 -53.00 -14.53 -21.12
N GLU C 54 -51.82 -14.36 -21.69
CA GLU C 54 -51.73 -13.85 -23.06
C GLU C 54 -51.51 -14.88 -24.16
N LYS C 55 -52.15 -14.60 -25.30
CA LYS C 55 -51.91 -15.26 -26.56
C LYS C 55 -50.50 -14.87 -27.05
N CYS C 56 -49.57 -15.84 -27.00
CA CYS C 56 -48.17 -15.55 -27.25
C CYS C 56 -47.55 -16.37 -28.35
N ASP C 57 -46.64 -15.74 -29.07
CA ASP C 57 -45.80 -16.48 -30.00
C ASP C 57 -44.55 -16.96 -29.27
N VAL C 58 -43.98 -18.08 -29.70
CA VAL C 58 -42.64 -18.43 -29.23
C VAL C 58 -41.70 -18.74 -30.41
N LEU C 59 -40.59 -18.01 -30.43
CA LEU C 59 -39.61 -18.03 -31.50
C LEU C 59 -38.33 -18.74 -31.02
N ASN C 60 -37.61 -19.46 -31.91
CA ASN C 60 -36.24 -19.95 -31.66
C ASN C 60 -35.28 -18.96 -32.26
N THR C 61 -34.53 -18.25 -31.43
CA THR C 61 -33.62 -17.21 -31.89
C THR C 61 -32.55 -17.78 -32.79
N GLY C 62 -32.29 -19.06 -32.59
CA GLY C 62 -31.11 -19.69 -33.14
C GLY C 62 -29.84 -19.09 -32.57
N HIS C 63 -29.92 -18.43 -31.43
CA HIS C 63 -28.74 -17.96 -30.76
C HIS C 63 -28.86 -18.29 -29.30
N GLY C 64 -29.50 -19.43 -29.04
CA GLY C 64 -29.54 -19.99 -27.70
C GLY C 64 -30.91 -19.83 -27.10
N THR C 65 -31.38 -18.60 -26.94
CA THR C 65 -32.64 -18.44 -26.25
C THR C 65 -33.86 -18.64 -27.18
N MET C 66 -34.97 -19.09 -26.61
CA MET C 66 -36.26 -18.86 -27.25
C MET C 66 -36.62 -17.42 -26.95
N GLN C 67 -37.60 -16.88 -27.66
CA GLN C 67 -38.10 -15.54 -27.35
C GLN C 67 -39.61 -15.55 -27.44
N VAL C 68 -40.26 -15.21 -26.33
CA VAL C 68 -41.71 -15.16 -26.29
C VAL C 68 -42.14 -13.81 -26.74
N ASN C 69 -42.95 -13.80 -27.79
CA ASN C 69 -43.52 -12.57 -28.35
C ASN C 69 -44.94 -12.29 -27.87
N PHE C 70 -45.14 -11.08 -27.35
CA PHE C 70 -46.43 -10.65 -26.75
C PHE C 70 -47.27 -9.74 -27.62
N PRO C 71 -48.60 -9.82 -27.43
CA PRO C 71 -49.49 -8.82 -28.02
C PRO C 71 -49.38 -7.48 -27.29
N ALA C 72 -49.88 -6.41 -27.90
CA ALA C 72 -49.90 -5.09 -27.26
C ALA C 72 -50.66 -5.12 -25.93
N GLY C 73 -50.52 -4.04 -25.18
CA GLY C 73 -51.22 -3.97 -23.91
C GLY C 73 -50.51 -4.76 -22.85
N ASN C 74 -49.33 -4.27 -22.48
CA ASN C 74 -48.50 -4.76 -21.40
C ASN C 74 -47.59 -3.62 -21.13
N LEU C 75 -47.92 -2.86 -20.09
CA LEU C 75 -47.25 -1.59 -19.88
C LEU C 75 -46.57 -1.53 -18.53
N ALA C 76 -45.36 -0.99 -18.54
CA ALA C 76 -44.64 -0.69 -17.31
C ALA C 76 -44.44 0.82 -17.25
N PHE C 77 -44.69 1.40 -16.07
CA PHE C 77 -44.53 2.85 -15.86
C PHE C 77 -43.40 3.10 -14.83
N ILE C 78 -42.45 3.92 -15.27
CA ILE C 78 -41.27 4.27 -14.49
C ILE C 78 -40.87 5.64 -14.90
N GLY C 79 -40.42 6.44 -13.93
CA GLY C 79 -39.90 7.78 -14.18
C GLY C 79 -40.67 8.56 -15.23
N ASN C 80 -41.99 8.63 -15.08
CA ASN C 80 -42.87 9.39 -15.98
C ASN C 80 -42.86 8.97 -17.47
N MET C 81 -42.40 7.76 -17.75
CA MET C 81 -42.45 7.21 -19.11
C MET C 81 -43.30 5.95 -19.15
N GLU C 82 -43.71 5.56 -20.35
CA GLU C 82 -44.50 4.34 -20.53
C GLU C 82 -43.74 3.38 -21.39
N LEU C 83 -43.59 2.15 -20.92
CA LEU C 83 -42.87 1.10 -21.67
C LEU C 83 -43.82 -0.05 -22.04
N GLU C 84 -43.84 -0.42 -23.31
CA GLU C 84 -44.64 -1.53 -23.80
C GLU C 84 -43.80 -2.82 -24.12
N LEU C 85 -44.12 -3.91 -23.43
CA LEU C 85 -43.45 -5.17 -23.57
C LEU C 85 -43.60 -5.76 -24.96
N LEU C 86 -42.48 -6.15 -25.55
CA LEU C 86 -42.47 -6.78 -26.86
C LEU C 86 -42.26 -8.26 -26.68
N GLN C 87 -41.28 -8.62 -25.86
CA GLN C 87 -40.86 -10.01 -25.74
C GLN C 87 -39.98 -10.23 -24.52
N PHE C 88 -40.00 -11.45 -24.01
CA PHE C 88 -38.91 -11.83 -23.12
C PHE C 88 -38.11 -12.98 -23.69
N HIS C 89 -36.86 -13.05 -23.28
CA HIS C 89 -36.01 -14.20 -23.58
C HIS C 89 -35.05 -14.33 -22.40
N PHE C 90 -34.09 -15.24 -22.49
CA PHE C 90 -33.26 -15.58 -21.34
C PHE C 90 -31.80 -15.71 -21.68
N HIS C 91 -30.98 -15.60 -20.64
CA HIS C 91 -29.57 -15.83 -20.77
C HIS C 91 -29.11 -16.68 -19.59
N ALA C 92 -28.11 -17.54 -19.84
CA ALA C 92 -27.45 -18.32 -18.80
C ALA C 92 -25.94 -18.40 -19.04
N PRO C 93 -25.13 -18.06 -18.01
CA PRO C 93 -25.53 -17.54 -16.70
C PRO C 93 -26.12 -16.12 -16.81
N SER C 94 -26.25 -15.34 -15.73
CA SER C 94 -26.82 -14.01 -15.89
C SER C 94 -25.82 -13.19 -16.71
N GLU C 95 -26.29 -12.23 -17.49
CA GLU C 95 -25.39 -11.39 -18.26
C GLU C 95 -24.82 -10.34 -17.34
N HIS C 96 -25.70 -9.61 -16.67
CA HIS C 96 -25.30 -8.62 -15.69
C HIS C 96 -24.74 -9.35 -14.46
N ALA C 97 -23.92 -8.63 -13.69
CA ALA C 97 -23.33 -9.13 -12.46
C ALA C 97 -23.55 -8.11 -11.36
N MET C 98 -23.80 -8.57 -10.14
CA MET C 98 -23.98 -7.71 -8.98
C MET C 98 -22.75 -7.93 -8.13
N ASP C 99 -21.91 -6.90 -8.01
CA ASP C 99 -20.65 -7.02 -7.31
C ASP C 99 -19.78 -8.21 -7.79
N GLY C 100 -19.66 -8.33 -9.10
CA GLY C 100 -18.74 -9.27 -9.69
C GLY C 100 -19.23 -10.70 -9.65
N ARG C 101 -20.45 -10.91 -9.19
CA ARG C 101 -21.07 -12.24 -9.15
C ARG C 101 -22.25 -12.34 -10.10
N ARG C 102 -22.36 -13.47 -10.79
CA ARG C 102 -23.46 -13.70 -11.71
C ARG C 102 -24.44 -14.66 -11.11
N TYR C 103 -25.58 -14.78 -11.75
CA TYR C 103 -26.64 -15.63 -11.26
C TYR C 103 -26.87 -16.77 -12.25
N ALA C 104 -27.67 -17.74 -11.86
CA ALA C 104 -27.87 -18.87 -12.71
C ALA C 104 -28.49 -18.44 -14.04
N MET C 105 -29.47 -17.54 -13.98
CA MET C 105 -30.04 -17.04 -15.24
C MET C 105 -30.40 -15.58 -15.19
N GLU C 106 -30.54 -14.99 -16.37
CA GLU C 106 -31.16 -13.67 -16.50
C GLU C 106 -32.35 -13.72 -17.49
N ALA C 107 -33.44 -13.07 -17.11
CA ALA C 107 -34.57 -12.84 -18.00
C ALA C 107 -34.43 -11.43 -18.51
N HIS C 108 -34.64 -11.25 -19.81
CA HIS C 108 -34.72 -9.92 -20.39
C HIS C 108 -36.12 -9.73 -20.95
N LEU C 109 -36.85 -8.78 -20.37
CA LEU C 109 -38.15 -8.31 -20.86
C LEU C 109 -37.92 -7.03 -21.61
N VAL C 110 -37.96 -7.12 -22.93
CA VAL C 110 -37.64 -5.99 -23.80
C VAL C 110 -38.88 -5.18 -24.18
N HIS C 111 -38.81 -3.87 -23.98
CA HIS C 111 -39.96 -3.01 -24.12
C HIS C 111 -39.69 -2.03 -25.22
N LYS C 112 -40.72 -1.25 -25.55
CA LYS C 112 -40.55 -0.10 -26.37
C LYS C 112 -40.95 1.02 -25.48
N ASN C 113 -40.02 1.93 -25.26
CA ASN C 113 -40.36 3.14 -24.52
C ASN C 113 -41.27 3.95 -25.42
N LYS C 114 -42.56 3.98 -25.10
CA LYS C 114 -43.54 4.56 -25.99
C LYS C 114 -43.47 6.07 -25.96
N SER C 115 -42.88 6.62 -24.90
CA SER C 115 -42.57 8.04 -24.83
C SER C 115 -41.49 8.47 -25.85
N THR C 116 -40.28 7.90 -25.71
CA THR C 116 -39.07 8.28 -26.46
C THR C 116 -38.78 7.44 -27.70
N GLY C 117 -39.53 6.36 -27.89
CA GLY C 117 -39.41 5.57 -29.11
C GLY C 117 -38.25 4.60 -29.07
N ASN C 118 -37.35 4.76 -28.11
CA ASN C 118 -36.21 3.85 -27.95
C ASN C 118 -36.63 2.53 -27.36
N LEU C 119 -35.65 1.65 -27.15
CA LEU C 119 -35.86 0.37 -26.49
C LEU C 119 -35.50 0.51 -25.03
N ALA C 120 -36.14 -0.30 -24.19
CA ALA C 120 -35.80 -0.38 -22.79
C ALA C 120 -35.80 -1.88 -22.40
N VAL C 121 -34.81 -2.34 -21.66
CA VAL C 121 -34.78 -3.73 -21.25
C VAL C 121 -34.80 -3.85 -19.73
N LEU C 122 -35.75 -4.64 -19.25
CA LEU C 122 -35.79 -4.95 -17.83
C LEU C 122 -35.08 -6.27 -17.67
N GLY C 123 -34.10 -6.30 -16.78
CA GLY C 123 -33.35 -7.51 -16.53
C GLY C 123 -33.63 -8.03 -15.15
N ILE C 124 -34.05 -9.29 -15.07
CA ILE C 124 -34.29 -10.02 -13.81
C ILE C 124 -33.41 -11.26 -13.62
N MET C 125 -32.82 -11.40 -12.45
CA MET C 125 -31.99 -12.56 -12.13
C MET C 125 -32.83 -13.74 -11.68
N LEU C 126 -32.54 -14.92 -12.23
CA LEU C 126 -33.11 -16.16 -11.73
C LEU C 126 -32.01 -16.86 -10.97
N GLU C 127 -32.34 -17.38 -9.81
CA GLU C 127 -31.41 -18.13 -8.98
C GLU C 127 -32.03 -19.47 -8.65
N PRO C 128 -31.22 -20.45 -8.32
CA PRO C 128 -31.80 -21.77 -8.06
C PRO C 128 -32.41 -21.89 -6.66
N GLY C 129 -32.83 -23.10 -6.34
CA GLY C 129 -33.41 -23.41 -5.04
C GLY C 129 -34.92 -23.44 -5.04
N GLY C 130 -35.53 -23.03 -6.13
CA GLY C 130 -36.98 -22.87 -6.20
C GLY C 130 -37.77 -24.15 -6.06
N LEU C 131 -38.99 -24.02 -5.58
CA LEU C 131 -39.79 -25.19 -5.26
C LEU C 131 -40.94 -25.37 -6.23
N ILE C 132 -41.27 -24.30 -6.94
CA ILE C 132 -42.40 -24.30 -7.84
C ILE C 132 -41.91 -23.86 -9.19
N LYS C 133 -42.26 -24.60 -10.23
CA LYS C 133 -41.88 -24.17 -11.56
C LYS C 133 -42.37 -22.78 -11.78
N ASN C 134 -41.52 -21.95 -12.36
CA ASN C 134 -41.99 -20.66 -12.86
C ASN C 134 -42.68 -20.98 -14.19
N PRO C 135 -44.00 -20.79 -14.26
CA PRO C 135 -44.80 -21.17 -15.43
C PRO C 135 -44.50 -20.38 -16.71
N ALA C 136 -43.93 -19.18 -16.57
CA ALA C 136 -43.59 -18.39 -17.75
C ALA C 136 -42.42 -19.03 -18.46
N LEU C 137 -41.38 -19.32 -17.68
CA LEU C 137 -40.21 -20.00 -18.17
C LEU C 137 -40.57 -21.42 -18.65
N SER C 138 -41.46 -22.09 -17.91
CA SER C 138 -41.89 -23.44 -18.25
C SER C 138 -42.61 -23.51 -19.59
N THR C 139 -43.56 -22.62 -19.80
CA THR C 139 -44.25 -22.56 -21.08
C THR C 139 -43.26 -22.18 -22.15
N ALA C 140 -42.43 -21.17 -21.87
CA ALA C 140 -41.34 -20.81 -22.77
C ALA C 140 -40.48 -22.02 -23.23
N LEU C 141 -40.11 -22.88 -22.30
CA LEU C 141 -39.30 -24.06 -22.65
C LEU C 141 -40.12 -25.11 -23.36
N GLU C 142 -41.37 -25.24 -22.96
CA GLU C 142 -42.23 -26.24 -23.55
C GLU C 142 -42.60 -25.96 -25.00
N VAL C 143 -42.88 -24.72 -25.35
CA VAL C 143 -43.39 -24.45 -26.70
C VAL C 143 -42.26 -24.26 -27.68
N ALA C 144 -41.09 -23.88 -27.18
CA ALA C 144 -39.95 -23.50 -28.02
C ALA C 144 -39.72 -24.47 -29.19
N PRO C 145 -39.89 -24.00 -30.44
CA PRO C 145 -39.55 -24.82 -31.62
C PRO C 145 -38.10 -25.30 -31.66
N GLU C 146 -37.89 -26.61 -31.91
CA GLU C 146 -36.55 -27.21 -32.06
C GLU C 146 -35.80 -26.57 -33.24
N VAL C 147 -36.56 -26.21 -34.26
CA VAL C 147 -36.05 -25.62 -35.51
C VAL C 147 -35.68 -24.14 -35.38
N PRO C 148 -34.39 -23.81 -35.42
CA PRO C 148 -33.99 -22.40 -35.35
C PRO C 148 -34.77 -21.52 -36.31
N LEU C 149 -35.05 -20.30 -35.85
CA LEU C 149 -35.82 -19.29 -36.61
C LEU C 149 -37.30 -19.60 -36.84
N ALA C 150 -37.79 -20.73 -36.35
CA ALA C 150 -39.21 -21.04 -36.49
C ALA C 150 -40.04 -20.42 -35.33
N LYS C 151 -41.33 -20.20 -35.60
CA LYS C 151 -42.26 -19.56 -34.65
C LYS C 151 -43.47 -20.43 -34.41
N LYS C 152 -43.66 -20.90 -33.16
CA LYS C 152 -44.90 -21.61 -32.78
C LYS C 152 -45.78 -20.79 -31.79
N PRO C 153 -47.07 -20.62 -32.13
CA PRO C 153 -47.94 -19.90 -31.21
C PRO C 153 -48.29 -20.75 -29.98
N SER C 154 -48.20 -20.18 -28.78
CA SER C 154 -48.32 -20.96 -27.55
C SER C 154 -49.77 -21.17 -27.12
N PRO C 155 -50.24 -22.43 -27.21
CA PRO C 155 -51.65 -22.65 -26.88
C PRO C 155 -51.96 -22.34 -25.42
N LYS C 156 -50.94 -22.20 -24.58
CA LYS C 156 -51.16 -21.83 -23.18
C LYS C 156 -50.88 -20.32 -22.97
N GLY C 157 -51.69 -19.71 -22.11
CA GLY C 157 -51.51 -18.32 -21.77
C GLY C 157 -50.17 -18.15 -21.09
N ILE C 158 -49.66 -16.93 -21.08
CA ILE C 158 -48.42 -16.61 -20.38
C ILE C 158 -48.59 -15.31 -19.62
N ASN C 159 -48.21 -15.38 -18.36
CA ASN C 159 -48.31 -14.25 -17.45
C ASN C 159 -46.90 -13.73 -17.19
N PRO C 160 -46.54 -12.62 -17.84
CA PRO C 160 -45.18 -12.07 -17.69
C PRO C 160 -44.91 -11.60 -16.28
N VAL C 161 -45.97 -11.34 -15.52
CA VAL C 161 -45.83 -10.92 -14.14
C VAL C 161 -44.97 -11.94 -13.38
N MET C 162 -45.01 -13.19 -13.81
CA MET C 162 -44.29 -14.24 -13.13
C MET C 162 -42.79 -14.14 -13.27
N LEU C 163 -42.32 -13.27 -14.13
CA LEU C 163 -40.93 -12.99 -14.22
C LEU C 163 -40.50 -11.78 -13.52
N LEU C 164 -41.33 -11.13 -12.73
CA LEU C 164 -40.81 -10.01 -12.00
C LEU C 164 -40.71 -10.29 -10.56
N PRO C 165 -39.82 -9.58 -9.89
CA PRO C 165 -39.60 -9.79 -8.46
C PRO C 165 -40.78 -9.33 -7.60
N LYS C 166 -41.11 -10.13 -6.59
CA LYS C 166 -42.10 -9.75 -5.58
C LYS C 166 -41.74 -8.38 -5.02
N LYS C 167 -42.73 -7.56 -4.73
CA LYS C 167 -42.42 -6.30 -4.06
C LYS C 167 -41.76 -6.61 -2.72
N SER C 168 -40.87 -5.73 -2.29
CA SER C 168 -40.27 -5.80 -0.97
C SER C 168 -41.30 -5.84 0.15
N LYS C 169 -40.84 -6.06 1.38
CA LYS C 169 -41.71 -5.88 2.55
C LYS C 169 -42.28 -4.47 2.48
N ALA C 170 -41.38 -3.53 2.16
CA ALA C 170 -41.73 -2.13 2.08
C ALA C 170 -42.51 -1.78 0.79
N GLY C 171 -42.82 -2.77 -0.04
CA GLY C 171 -43.55 -2.50 -1.28
C GLY C 171 -42.77 -1.88 -2.43
N THR C 172 -41.46 -2.14 -2.49
CA THR C 172 -40.57 -1.69 -3.57
C THR C 172 -40.02 -2.83 -4.44
N ARG C 173 -39.49 -2.47 -5.60
CA ARG C 173 -38.69 -3.36 -6.43
C ARG C 173 -37.46 -2.57 -6.73
N PRO C 174 -36.49 -2.63 -5.82
CA PRO C 174 -35.24 -1.89 -6.01
C PRO C 174 -34.66 -2.23 -7.34
N PHE C 175 -34.01 -1.26 -7.98
CA PHE C 175 -33.39 -1.50 -9.28
C PHE C 175 -32.28 -0.49 -9.53
N VAL C 176 -31.45 -0.78 -10.53
CA VAL C 176 -30.53 0.23 -11.03
C VAL C 176 -30.91 0.54 -12.47
N HIS C 177 -30.54 1.71 -12.93
CA HIS C 177 -30.86 2.16 -14.27
C HIS C 177 -29.56 2.66 -14.88
N TYR C 178 -29.28 2.26 -16.10
CA TYR C 178 -28.18 2.90 -16.79
C TYR C 178 -28.47 2.85 -18.27
N PRO C 179 -27.76 3.67 -19.04
CA PRO C 179 -27.90 3.71 -20.50
C PRO C 179 -26.93 2.72 -21.14
N GLY C 180 -27.34 1.97 -22.15
CA GLY C 180 -26.53 0.89 -22.68
C GLY C 180 -26.95 0.42 -24.07
N SER C 181 -26.73 -0.87 -24.31
CA SER C 181 -26.95 -1.44 -25.63
C SER C 181 -27.68 -2.78 -25.59
N LEU C 182 -28.06 -3.27 -26.78
CA LEU C 182 -28.32 -4.69 -26.95
C LEU C 182 -27.06 -5.50 -26.60
N THR C 183 -27.25 -6.77 -26.21
CA THR C 183 -26.12 -7.63 -25.85
C THR C 183 -25.75 -8.67 -26.93
N THR C 184 -26.54 -8.71 -28.00
CA THR C 184 -26.19 -9.52 -29.14
C THR C 184 -26.01 -8.61 -30.35
N PRO C 185 -25.21 -9.07 -31.33
CA PRO C 185 -25.04 -8.23 -32.52
C PRO C 185 -26.42 -7.84 -33.03
N PRO C 186 -26.58 -6.61 -33.51
CA PRO C 186 -25.49 -5.66 -33.78
C PRO C 186 -25.14 -4.78 -32.60
N CYS C 187 -25.58 -5.15 -31.40
CA CYS C 187 -25.19 -4.45 -30.19
C CYS C 187 -25.53 -2.94 -30.21
N SER C 188 -26.68 -2.60 -30.78
CA SER C 188 -27.09 -1.19 -30.90
C SER C 188 -27.22 -0.49 -29.54
N GLU C 189 -26.71 0.73 -29.46
CA GLU C 189 -26.79 1.52 -28.23
C GLU C 189 -28.12 2.35 -28.11
N GLY C 190 -28.16 3.30 -27.19
CA GLY C 190 -29.38 4.06 -27.02
C GLY C 190 -30.48 3.17 -26.46
N VAL C 191 -30.08 2.22 -25.61
CA VAL C 191 -30.99 1.33 -24.90
C VAL C 191 -31.03 1.66 -23.39
N ASP C 192 -32.24 1.76 -22.81
CA ASP C 192 -32.32 2.05 -21.39
C ASP C 192 -32.42 0.75 -20.64
N TRP C 193 -31.55 0.57 -19.66
CA TRP C 193 -31.49 -0.68 -18.96
C TRP C 193 -31.88 -0.46 -17.57
N PHE C 194 -32.79 -1.31 -17.11
CA PHE C 194 -33.19 -1.39 -15.70
C PHE C 194 -32.99 -2.77 -15.25
N VAL C 195 -32.16 -2.92 -14.21
CA VAL C 195 -31.82 -4.24 -13.68
C VAL C 195 -32.27 -4.31 -12.25
N PHE C 196 -33.15 -5.26 -11.96
CA PHE C 196 -33.75 -5.37 -10.63
C PHE C 196 -32.80 -6.07 -9.67
N MET C 197 -32.76 -5.58 -8.44
CA MET C 197 -31.86 -6.10 -7.43
C MET C 197 -32.31 -7.41 -6.89
N GLN C 198 -33.60 -7.59 -6.72
CA GLN C 198 -34.07 -8.85 -6.13
C GLN C 198 -34.21 -9.92 -7.22
N PRO C 199 -33.57 -11.10 -7.02
CA PRO C 199 -33.74 -12.20 -7.97
C PRO C 199 -35.01 -12.97 -7.66
N ILE C 200 -35.41 -13.90 -8.52
CA ILE C 200 -36.54 -14.78 -8.25
C ILE C 200 -36.01 -16.22 -8.27
N LYS C 201 -36.44 -17.03 -7.32
CA LYS C 201 -35.99 -18.40 -7.25
C LYS C 201 -36.79 -19.24 -8.19
N VAL C 202 -36.13 -20.24 -8.75
CA VAL C 202 -36.69 -21.12 -9.74
C VAL C 202 -36.09 -22.51 -9.48
N PRO C 203 -36.81 -23.58 -9.81
CA PRO C 203 -36.26 -24.92 -9.64
C PRO C 203 -35.06 -25.19 -10.53
N ASP C 204 -34.09 -25.92 -9.99
CA ASP C 204 -32.84 -26.20 -10.72
C ASP C 204 -33.13 -26.87 -12.05
N SER C 205 -34.21 -27.64 -12.05
CA SER C 205 -34.64 -28.33 -13.25
C SER C 205 -34.76 -27.34 -14.41
N GLN C 206 -35.46 -26.23 -14.18
CA GLN C 206 -35.70 -25.33 -15.31
C GLN C 206 -34.41 -24.69 -15.78
N ILE C 207 -33.51 -24.40 -14.85
CA ILE C 207 -32.25 -23.82 -15.24
C ILE C 207 -31.50 -24.80 -16.16
N LEU C 208 -31.35 -26.05 -15.71
CA LEU C 208 -30.72 -27.04 -16.59
C LEU C 208 -31.45 -27.19 -17.93
N ASP C 209 -32.78 -27.16 -17.90
CA ASP C 209 -33.56 -27.32 -19.12
C ASP C 209 -33.17 -26.24 -20.11
N PHE C 210 -33.16 -25.00 -19.63
CA PHE C 210 -32.75 -23.90 -20.48
C PHE C 210 -31.32 -24.12 -21.03
N MET C 211 -30.38 -24.46 -20.15
CA MET C 211 -29.01 -24.72 -20.60
C MET C 211 -28.95 -25.78 -21.69
N ARG C 212 -29.80 -26.79 -21.57
N ARG C 212 -29.81 -26.78 -21.55
CA ARG C 212 -29.88 -27.87 -22.54
CA ARG C 212 -29.94 -27.87 -22.52
C ARG C 212 -30.46 -27.32 -23.84
C ARG C 212 -30.42 -27.28 -23.84
N PHE C 213 -31.45 -26.43 -23.73
CA PHE C 213 -32.03 -25.80 -24.89
C PHE C 213 -31.00 -24.96 -25.63
N VAL C 214 -30.17 -24.22 -24.89
CA VAL C 214 -29.13 -23.38 -25.50
C VAL C 214 -28.15 -24.29 -26.25
N GLY C 215 -28.00 -25.54 -25.75
CA GLY C 215 -27.15 -26.55 -26.35
C GLY C 215 -27.85 -27.42 -27.41
N ASP C 216 -28.87 -26.87 -28.05
CA ASP C 216 -29.60 -27.55 -29.13
C ASP C 216 -30.03 -28.95 -28.74
N ASN C 217 -30.29 -29.14 -27.45
CA ASN C 217 -30.65 -30.44 -26.84
C ASN C 217 -29.62 -31.56 -26.97
N LYS C 218 -28.42 -31.18 -27.36
CA LYS C 218 -27.35 -32.17 -27.51
C LYS C 218 -26.36 -32.01 -26.36
N THR C 219 -26.26 -30.81 -25.80
CA THR C 219 -25.33 -30.60 -24.70
C THR C 219 -25.88 -29.61 -23.69
N TYR C 220 -25.02 -28.97 -22.91
CA TYR C 220 -25.41 -27.91 -21.98
C TYR C 220 -24.50 -26.74 -22.22
N ALA C 221 -25.03 -25.56 -22.43
CA ALA C 221 -24.20 -24.48 -22.88
C ALA C 221 -24.74 -23.14 -22.43
N THR C 222 -23.96 -22.12 -22.71
CA THR C 222 -24.27 -20.80 -22.30
C THR C 222 -24.50 -19.89 -23.48
N ASN C 223 -25.23 -18.78 -23.18
CA ASN C 223 -25.58 -17.72 -24.12
C ASN C 223 -25.47 -16.38 -23.45
N THR C 224 -24.25 -16.07 -23.04
CA THR C 224 -23.94 -14.83 -22.31
C THR C 224 -22.69 -14.18 -22.85
N ARG C 225 -22.77 -12.86 -22.93
CA ARG C 225 -21.68 -12.01 -23.34
C ARG C 225 -20.85 -11.58 -22.12
N PRO C 226 -19.56 -11.30 -22.31
CA PRO C 226 -18.84 -10.87 -21.12
C PRO C 226 -19.14 -9.42 -20.73
N LEU C 227 -18.91 -9.06 -19.46
CA LEU C 227 -19.13 -7.73 -18.93
C LEU C 227 -18.40 -6.65 -19.73
N GLN C 228 -19.00 -5.45 -19.85
CA GLN C 228 -18.41 -4.39 -20.64
C GLN C 228 -17.98 -3.26 -19.75
N LEU C 229 -17.03 -2.45 -20.25
CA LEU C 229 -16.54 -1.27 -19.52
C LEU C 229 -17.62 -0.19 -19.36
N LEU C 230 -17.83 0.26 -18.14
CA LEU C 230 -18.76 1.32 -17.92
C LEU C 230 -18.35 2.57 -18.68
N ASN C 231 -17.04 2.74 -18.85
CA ASN C 231 -16.45 3.98 -19.34
C ASN C 231 -17.01 5.23 -18.62
N SER C 232 -17.39 6.26 -19.38
CA SER C 232 -17.79 7.52 -18.74
C SER C 232 -19.28 7.54 -18.41
N ARG C 233 -19.88 6.38 -18.23
CA ARG C 233 -21.29 6.32 -17.87
C ARG C 233 -21.48 6.29 -16.37
N LEU C 234 -22.74 6.17 -16.02
CA LEU C 234 -23.14 6.32 -14.67
C LEU C 234 -24.30 5.34 -14.44
N VAL C 235 -24.15 4.54 -13.39
CA VAL C 235 -25.22 3.67 -12.95
C VAL C 235 -26.00 4.46 -11.90
N GLU C 236 -27.30 4.65 -12.14
CA GLU C 236 -28.22 5.32 -11.18
C GLU C 236 -29.04 4.30 -10.35
N TYR C 237 -29.11 4.50 -9.04
CA TYR C 237 -29.68 3.48 -8.17
C TYR C 237 -31.05 3.94 -7.71
N GLU C 238 -31.93 2.99 -7.48
CA GLU C 238 -33.19 3.28 -6.87
C GLU C 238 -33.39 2.10 -5.93
N LEU C 239 -32.76 2.19 -4.77
CA LEU C 239 -32.68 1.07 -3.83
C LEU C 239 -33.53 1.25 -2.59
N ALA D 3 47.40 25.83 -21.21
CA ALA D 3 47.34 24.40 -21.54
C ALA D 3 46.78 24.19 -22.95
N TRP D 4 45.56 23.65 -23.00
CA TRP D 4 44.65 23.67 -24.16
C TRP D 4 43.25 24.07 -23.63
N ASN D 5 42.31 24.38 -24.51
CA ASN D 5 40.96 24.71 -24.03
C ASN D 5 39.86 24.30 -24.99
N TYR D 6 38.63 24.31 -24.49
CA TYR D 6 37.47 24.28 -25.35
C TYR D 6 37.14 25.73 -25.78
N GLY D 7 36.96 26.61 -24.80
CA GLY D 7 36.75 28.02 -25.08
C GLY D 7 35.30 28.41 -25.35
N GLU D 8 35.12 29.64 -25.81
CA GLU D 8 33.79 30.15 -26.09
C GLU D 8 33.47 29.86 -27.55
N VAL D 9 32.19 29.97 -27.90
CA VAL D 9 31.75 29.73 -29.27
C VAL D 9 32.53 30.68 -30.19
N ALA D 10 32.72 30.31 -31.45
CA ALA D 10 33.65 31.05 -32.32
C ALA D 10 33.01 32.13 -33.20
N GLY D 11 31.67 32.17 -33.26
CA GLY D 11 30.96 33.12 -34.10
C GLY D 11 31.19 34.60 -33.78
N PRO D 12 30.81 35.04 -32.54
CA PRO D 12 30.82 36.45 -32.08
C PRO D 12 32.10 37.28 -32.22
N PRO D 13 33.26 36.75 -31.82
CA PRO D 13 34.51 37.52 -32.01
C PRO D 13 34.79 37.88 -33.47
N THR D 14 34.13 37.22 -34.41
CA THR D 14 34.31 37.50 -35.84
C THR D 14 33.28 38.50 -36.36
N TRP D 15 32.28 38.83 -35.55
CA TRP D 15 31.20 39.69 -35.98
C TRP D 15 31.73 41.03 -36.42
N LYS D 16 31.23 41.46 -37.57
CA LYS D 16 31.75 42.63 -38.24
C LYS D 16 30.92 43.88 -37.99
N GLY D 17 31.45 45.01 -38.44
CA GLY D 17 30.73 46.26 -38.35
C GLY D 17 30.78 46.77 -36.93
N VAL D 18 29.71 47.45 -36.54
CA VAL D 18 29.58 48.04 -35.21
C VAL D 18 29.78 46.95 -34.11
N CYS D 19 29.51 45.70 -34.46
CA CYS D 19 29.78 44.59 -33.56
C CYS D 19 31.21 44.63 -32.95
N ALA D 20 32.18 45.20 -33.67
CA ALA D 20 33.57 45.23 -33.20
C ALA D 20 34.03 46.63 -32.80
N THR D 21 33.56 47.61 -33.56
CA THR D 21 34.00 48.98 -33.38
C THR D 21 33.25 49.72 -32.25
N GLY D 22 32.02 49.30 -31.96
CA GLY D 22 31.14 50.04 -31.05
C GLY D 22 31.68 50.16 -29.63
N LYS D 23 31.28 51.23 -28.93
CA LYS D 23 31.65 51.40 -27.53
C LYS D 23 30.41 51.53 -26.62
N ARG D 24 29.26 51.25 -27.20
CA ARG D 24 28.03 51.11 -26.46
C ARG D 24 27.45 49.78 -26.91
N GLN D 25 28.16 48.71 -26.62
CA GLN D 25 27.76 47.38 -27.06
C GLN D 25 27.14 46.63 -25.90
N SER D 26 26.24 45.71 -26.22
CA SER D 26 25.54 44.91 -25.22
C SER D 26 25.84 43.44 -25.51
N PRO D 27 25.70 42.58 -24.48
CA PRO D 27 25.26 42.85 -23.12
C PRO D 27 26.44 43.25 -22.26
N ILE D 28 26.16 43.75 -21.05
CA ILE D 28 27.21 44.21 -20.17
C ILE D 28 27.06 43.55 -18.84
N ASN D 29 28.03 43.80 -17.95
CA ASN D 29 27.85 43.39 -16.56
C ASN D 29 26.99 44.43 -15.82
N ILE D 30 26.20 43.96 -14.89
CA ILE D 30 25.40 44.86 -14.09
C ILE D 30 25.79 44.65 -12.64
N PRO D 31 26.58 45.58 -12.09
CA PRO D 31 26.90 45.56 -10.66
C PRO D 31 25.67 45.41 -9.77
N LEU D 32 25.85 44.73 -8.66
CA LEU D 32 24.78 44.54 -7.71
C LEU D 32 25.38 44.61 -6.29
N ASN D 33 25.94 43.52 -5.81
CA ASN D 33 26.54 43.48 -4.47
C ASN D 33 27.80 44.37 -4.30
N THR D 34 28.17 45.13 -5.33
CA THR D 34 29.38 45.96 -5.29
C THR D 34 29.13 47.17 -4.35
N SER D 35 30.19 47.79 -3.86
CA SER D 35 30.06 48.92 -2.92
C SER D 35 30.30 50.27 -3.62
N ALA D 36 30.59 50.26 -4.92
CA ALA D 36 30.78 51.51 -5.64
C ALA D 36 29.45 52.28 -5.74
N PRO D 37 29.52 53.57 -6.10
CA PRO D 37 28.29 54.35 -6.19
C PRO D 37 27.46 53.92 -7.37
N LYS D 38 26.17 53.72 -7.10
CA LYS D 38 25.17 53.45 -8.13
C LYS D 38 24.35 54.74 -8.30
N VAL D 39 23.92 55.01 -9.52
CA VAL D 39 23.15 56.19 -9.84
C VAL D 39 21.66 55.84 -9.88
N ASP D 40 20.82 56.66 -9.23
CA ASP D 40 19.36 56.49 -9.29
C ASP D 40 18.87 56.84 -10.71
N ALA D 41 17.93 56.08 -11.24
CA ALA D 41 17.40 56.34 -12.59
C ALA D 41 16.37 57.50 -12.61
N GLU D 42 15.65 57.64 -11.49
CA GLU D 42 14.64 58.68 -11.31
C GLU D 42 13.74 58.70 -12.56
N MET D 43 13.15 57.54 -12.82
CA MET D 43 12.44 57.29 -14.07
C MET D 43 11.08 56.71 -13.77
N GLY D 44 10.80 56.44 -12.50
CA GLY D 44 9.56 55.79 -12.14
C GLY D 44 9.47 54.34 -12.64
N GLU D 45 8.27 53.78 -12.54
CA GLU D 45 8.02 52.37 -12.81
C GLU D 45 7.48 52.07 -14.21
N PHE D 46 7.61 50.82 -14.61
CA PHE D 46 7.05 50.37 -15.86
C PHE D 46 5.55 50.22 -15.63
N ASP D 47 4.76 50.65 -16.60
CA ASP D 47 3.31 50.40 -16.61
C ASP D 47 3.11 49.55 -17.85
N PHE D 48 2.45 48.41 -17.69
CA PHE D 48 2.36 47.46 -18.79
C PHE D 48 0.97 47.27 -19.29
N ALA D 49 0.77 47.65 -20.56
CA ALA D 49 -0.52 47.49 -21.23
C ALA D 49 -0.43 46.50 -22.39
N TYR D 50 -0.39 45.21 -22.07
CA TYR D 50 -0.19 44.17 -23.08
C TYR D 50 -1.45 43.34 -23.20
N GLY D 51 -2.37 43.78 -24.03
CA GLY D 51 -3.67 43.14 -24.08
C GLY D 51 -3.88 42.31 -25.32
N SER D 52 -3.42 42.84 -26.44
CA SER D 52 -3.65 42.18 -27.71
C SER D 52 -2.61 41.08 -27.96
N PHE D 53 -2.91 39.87 -27.48
CA PHE D 53 -1.95 38.78 -27.60
C PHE D 53 -2.53 37.45 -28.07
N GLU D 54 -3.83 37.40 -28.32
CA GLU D 54 -4.47 36.13 -28.71
C GLU D 54 -4.09 35.65 -30.15
N LYS D 55 -3.44 36.53 -30.92
CA LYS D 55 -3.02 36.24 -32.28
C LYS D 55 -1.56 36.59 -32.46
N CYS D 56 -0.69 35.61 -32.24
CA CYS D 56 0.75 35.79 -32.33
C CYS D 56 1.35 34.89 -33.37
N ASP D 57 2.38 35.36 -34.05
CA ASP D 57 3.11 34.51 -35.00
C ASP D 57 4.40 34.06 -34.34
N VAL D 58 4.69 32.77 -34.34
CA VAL D 58 6.00 32.30 -33.85
C VAL D 58 6.96 31.93 -35.01
N LEU D 59 8.14 32.53 -34.99
CA LEU D 59 9.11 32.43 -36.09
C LEU D 59 10.38 31.77 -35.58
N ASN D 60 10.97 30.89 -36.38
CA ASN D 60 12.30 30.35 -36.11
C ASN D 60 13.34 31.29 -36.70
N THR D 61 14.08 32.00 -35.85
CA THR D 61 14.96 33.08 -36.33
C THR D 61 16.08 32.57 -37.23
N GLY D 62 16.33 31.28 -37.14
CA GLY D 62 17.45 30.70 -37.87
C GLY D 62 18.78 30.93 -37.16
N HIS D 63 18.76 31.55 -35.97
CA HIS D 63 20.00 31.81 -35.19
C HIS D 63 19.89 31.27 -33.77
N GLY D 64 18.99 30.31 -33.58
CA GLY D 64 18.88 29.61 -32.29
C GLY D 64 17.51 29.76 -31.67
N THR D 65 17.11 30.99 -31.43
CA THR D 65 15.85 31.23 -30.74
C THR D 65 14.62 31.22 -31.65
N MET D 66 13.46 30.84 -31.09
CA MET D 66 12.17 31.19 -31.72
C MET D 66 11.89 32.67 -31.42
N GLN D 67 10.94 33.25 -32.12
CA GLN D 67 10.68 34.68 -31.95
C GLN D 67 9.21 34.85 -32.03
N VAL D 68 8.58 35.32 -30.94
CA VAL D 68 7.12 35.51 -30.91
C VAL D 68 6.82 36.91 -31.30
N ASN D 69 6.24 37.07 -32.50
CA ASN D 69 5.85 38.36 -33.07
C ASN D 69 4.41 38.72 -32.75
N PHE D 70 4.23 39.96 -32.27
CA PHE D 70 2.95 40.45 -31.78
C PHE D 70 2.37 41.52 -32.67
N PRO D 71 1.03 41.56 -32.80
CA PRO D 71 0.41 42.70 -33.49
C PRO D 71 0.61 43.98 -32.73
N ALA D 72 0.28 45.10 -33.37
CA ALA D 72 0.30 46.42 -32.72
C ALA D 72 -0.68 46.56 -31.54
N GLY D 73 -0.41 47.52 -30.65
CA GLY D 73 -1.30 47.80 -29.53
C GLY D 73 -0.78 47.47 -28.15
N ASN D 74 0.14 46.54 -28.05
CA ASN D 74 0.71 46.20 -26.75
C ASN D 74 1.74 47.27 -26.37
N LEU D 75 1.44 48.06 -25.35
CA LEU D 75 2.32 49.15 -24.99
C LEU D 75 2.91 48.95 -23.61
N ALA D 76 4.12 49.47 -23.44
CA ALA D 76 4.77 49.58 -22.15
C ALA D 76 5.13 51.06 -21.99
N PHE D 77 5.06 51.56 -20.77
CA PHE D 77 5.28 52.97 -20.50
C PHE D 77 6.30 53.12 -19.40
N ILE D 78 7.30 53.95 -19.65
CA ILE D 78 8.34 54.16 -18.64
C ILE D 78 8.80 55.59 -18.76
N GLY D 79 8.80 56.28 -17.63
CA GLY D 79 8.92 57.73 -17.70
C GLY D 79 7.88 58.22 -18.71
N ASN D 80 8.38 58.99 -19.69
CA ASN D 80 7.57 59.51 -20.78
C ASN D 80 8.00 58.88 -22.09
N MET D 81 8.21 57.58 -22.03
CA MET D 81 8.45 56.77 -23.21
C MET D 81 7.26 55.82 -23.40
N GLU D 82 6.73 55.81 -24.61
CA GLU D 82 5.73 54.83 -25.01
C GLU D 82 6.44 53.80 -25.94
N LEU D 83 6.54 52.56 -25.44
CA LEU D 83 7.27 51.49 -26.12
C LEU D 83 6.31 50.42 -26.63
N GLU D 84 6.30 50.23 -27.97
CA GLU D 84 5.43 49.24 -28.60
C GLU D 84 6.10 47.86 -28.80
N LEU D 85 5.57 46.84 -28.11
CA LEU D 85 6.13 45.52 -28.14
C LEU D 85 6.07 44.93 -29.56
N LEU D 86 7.22 44.63 -30.15
CA LEU D 86 7.25 43.99 -31.48
C LEU D 86 7.33 42.47 -31.36
N GLN D 87 8.20 41.97 -30.45
CA GLN D 87 8.45 40.53 -30.32
C GLN D 87 9.22 40.17 -29.05
N PHE D 88 9.07 38.93 -28.56
CA PHE D 88 10.10 38.41 -27.68
C PHE D 88 10.89 37.22 -28.29
N HIS D 89 12.07 36.95 -27.72
CA HIS D 89 12.88 35.78 -28.04
C HIS D 89 13.74 35.52 -26.80
N PHE D 90 14.70 34.61 -26.92
CA PHE D 90 15.45 34.13 -25.76
C PHE D 90 16.91 33.86 -26.07
N HIS D 91 17.71 33.90 -25.00
CA HIS D 91 19.10 33.51 -25.09
C HIS D 91 19.40 32.54 -23.96
N ALA D 92 20.26 31.55 -24.24
CA ALA D 92 20.79 30.67 -23.19
C ALA D 92 22.27 30.56 -23.36
N PRO D 93 23.05 30.88 -22.32
CA PRO D 93 22.64 31.43 -21.03
C PRO D 93 22.27 32.90 -21.16
N SER D 94 21.97 33.56 -20.05
CA SER D 94 21.59 34.95 -20.11
C SER D 94 22.72 35.72 -20.78
N GLU D 95 22.38 36.79 -21.47
CA GLU D 95 23.38 37.63 -22.09
C GLU D 95 23.95 38.59 -21.03
N HIS D 96 23.08 39.37 -20.40
CA HIS D 96 23.48 40.19 -19.27
C HIS D 96 23.92 39.35 -18.08
N ALA D 97 24.65 39.97 -17.17
CA ALA D 97 25.17 39.28 -16.01
C ALA D 97 25.05 40.22 -14.81
N MET D 98 24.81 39.63 -13.63
CA MET D 98 24.81 40.33 -12.35
C MET D 98 26.07 39.94 -11.60
N ASP D 99 26.92 40.93 -11.32
CA ASP D 99 28.24 40.69 -10.68
C ASP D 99 29.09 39.57 -11.38
N GLY D 100 29.10 39.60 -12.70
CA GLY D 100 29.92 38.71 -13.50
C GLY D 100 29.31 37.33 -13.72
N ARG D 101 28.20 37.11 -13.03
CA ARG D 101 27.48 35.82 -13.07
C ARG D 101 26.26 35.88 -14.00
N ARG D 102 26.05 34.81 -14.75
CA ARG D 102 24.94 34.71 -15.68
C ARG D 102 23.90 33.71 -15.18
N TYR D 103 22.70 33.80 -15.75
CA TYR D 103 21.56 32.96 -15.36
C TYR D 103 21.31 31.96 -16.48
N ALA D 104 20.45 30.97 -16.23
CA ALA D 104 20.23 29.96 -17.25
C ALA D 104 19.65 30.55 -18.53
N MET D 105 18.76 31.53 -18.44
CA MET D 105 18.28 32.18 -19.68
C MET D 105 17.96 33.65 -19.51
N GLU D 106 17.82 34.34 -20.64
CA GLU D 106 17.37 35.71 -20.64
C GLU D 106 16.28 35.82 -21.70
N ALA D 107 15.13 36.40 -21.31
CA ALA D 107 14.07 36.75 -22.26
C ALA D 107 14.26 38.17 -22.63
N HIS D 108 14.07 38.46 -23.90
CA HIS D 108 14.20 39.78 -24.41
C HIS D 108 12.86 40.17 -25.02
N LEU D 109 12.25 41.26 -24.53
CA LEU D 109 11.06 41.84 -25.15
C LEU D 109 11.51 43.07 -25.93
N VAL D 110 11.49 42.94 -27.24
CA VAL D 110 11.93 44.00 -28.14
C VAL D 110 10.82 45.02 -28.43
N HIS D 111 11.04 46.27 -28.03
CA HIS D 111 10.08 47.36 -28.28
C HIS D 111 10.57 48.43 -29.29
N LYS D 112 9.59 49.10 -29.92
CA LYS D 112 9.83 50.31 -30.70
C LYS D 112 9.38 51.55 -29.93
N ASN D 113 10.25 52.53 -29.76
CA ASN D 113 9.90 53.80 -29.09
C ASN D 113 9.08 54.66 -30.01
N LYS D 114 7.88 55.01 -29.58
CA LYS D 114 6.87 55.54 -30.49
C LYS D 114 7.16 56.91 -31.09
N SER D 115 7.94 57.74 -30.41
CA SER D 115 8.21 59.10 -30.89
C SER D 115 9.58 59.25 -31.59
N THR D 116 10.55 58.40 -31.23
CA THR D 116 11.91 58.50 -31.77
C THR D 116 12.18 57.38 -32.74
N GLY D 117 11.34 56.35 -32.71
CA GLY D 117 11.52 55.22 -33.60
C GLY D 117 12.75 54.40 -33.27
N ASN D 118 13.43 54.71 -32.16
CA ASN D 118 14.54 53.88 -31.67
C ASN D 118 14.04 52.61 -31.00
N LEU D 119 14.91 51.62 -30.86
CA LEU D 119 14.51 50.40 -30.18
C LEU D 119 14.80 50.48 -28.70
N ALA D 120 13.96 49.81 -27.94
CA ALA D 120 14.23 49.56 -26.53
C ALA D 120 14.07 48.07 -26.31
N VAL D 121 14.73 47.52 -25.29
CA VAL D 121 14.63 46.10 -25.07
C VAL D 121 14.58 45.86 -23.60
N LEU D 122 13.63 45.02 -23.21
CA LEU D 122 13.43 44.71 -21.79
C LEU D 122 13.95 43.31 -21.62
N GLY D 123 14.94 43.20 -20.75
CA GLY D 123 15.57 41.94 -20.47
C GLY D 123 15.07 41.42 -19.15
N ILE D 124 14.75 40.13 -19.15
CA ILE D 124 14.37 39.43 -17.93
C ILE D 124 15.20 38.16 -17.83
N MET D 125 15.67 37.85 -16.62
CA MET D 125 16.49 36.67 -16.37
C MET D 125 15.61 35.51 -15.93
N LEU D 126 15.93 34.33 -16.44
CA LEU D 126 15.26 33.09 -16.07
C LEU D 126 16.26 32.18 -15.31
N GLU D 127 15.87 31.83 -14.09
CA GLU D 127 16.56 30.91 -13.20
C GLU D 127 15.97 29.53 -13.34
N PRO D 128 16.75 28.51 -13.08
CA PRO D 128 16.12 27.19 -12.95
C PRO D 128 15.40 27.11 -11.60
N GLY D 129 14.79 25.96 -11.29
CA GLY D 129 14.16 25.69 -10.01
C GLY D 129 12.66 25.98 -9.93
N GLY D 130 12.07 26.39 -11.05
CA GLY D 130 10.65 26.69 -11.07
C GLY D 130 9.81 25.43 -11.07
N LEU D 131 8.64 25.49 -10.43
CA LEU D 131 7.76 24.34 -10.34
C LEU D 131 6.55 24.50 -11.22
N ILE D 132 6.42 25.67 -11.83
CA ILE D 132 5.27 25.96 -12.65
C ILE D 132 5.77 26.38 -14.00
N LYS D 133 5.43 25.61 -15.01
CA LYS D 133 5.81 25.97 -16.37
C LYS D 133 5.41 27.42 -16.68
N ASN D 134 6.31 28.16 -17.31
CA ASN D 134 5.98 29.48 -17.79
C ASN D 134 5.20 29.31 -19.08
N PRO D 135 3.98 29.86 -19.14
CA PRO D 135 3.13 29.54 -20.30
C PRO D 135 3.54 30.22 -21.60
N ALA D 136 4.23 31.35 -21.52
CA ALA D 136 4.60 32.06 -22.75
C ALA D 136 5.79 31.37 -23.39
N LEU D 137 6.76 31.02 -22.57
CA LEU D 137 7.89 30.23 -23.02
C LEU D 137 7.36 28.90 -23.54
N SER D 138 6.40 28.35 -22.82
CA SER D 138 5.87 27.04 -23.20
C SER D 138 5.22 27.06 -24.58
N THR D 139 4.36 28.04 -24.82
CA THR D 139 3.75 28.15 -26.13
C THR D 139 4.76 28.46 -27.22
N ALA D 140 5.72 29.34 -26.91
CA ALA D 140 6.80 29.59 -27.86
C ALA D 140 7.55 28.29 -28.21
N LEU D 141 7.84 27.45 -27.21
CA LEU D 141 8.52 26.19 -27.52
C LEU D 141 7.66 25.30 -28.38
N GLU D 142 6.40 25.11 -27.99
CA GLU D 142 5.51 24.21 -28.74
C GLU D 142 5.29 24.66 -30.19
N VAL D 143 5.16 25.94 -30.42
CA VAL D 143 4.70 26.39 -31.75
C VAL D 143 5.84 26.60 -32.74
N ALA D 144 7.03 26.84 -32.21
CA ALA D 144 8.22 27.13 -33.03
C ALA D 144 8.43 26.09 -34.11
N PRO D 145 8.30 26.50 -35.39
CA PRO D 145 8.63 25.66 -36.54
C PRO D 145 10.08 25.17 -36.53
N GLU D 146 10.31 23.95 -37.02
CA GLU D 146 11.67 23.38 -37.05
C GLU D 146 12.54 24.02 -38.12
N VAL D 147 11.95 24.31 -39.28
CA VAL D 147 12.66 24.94 -40.39
C VAL D 147 13.00 26.41 -40.12
N PRO D 148 14.30 26.76 -40.19
CA PRO D 148 14.68 28.17 -40.09
C PRO D 148 13.90 29.08 -41.03
N LEU D 149 13.84 30.34 -40.61
CA LEU D 149 13.11 31.38 -41.33
C LEU D 149 11.61 31.14 -41.53
N ALA D 150 11.13 29.98 -41.11
CA ALA D 150 9.68 29.71 -41.16
C ALA D 150 8.86 30.28 -39.95
N LYS D 151 7.60 30.65 -40.19
CA LYS D 151 6.71 31.02 -39.05
C LYS D 151 5.33 30.40 -39.11
N LYS D 152 4.79 30.07 -37.93
CA LYS D 152 3.42 29.55 -37.80
C LYS D 152 2.60 30.43 -36.85
N PRO D 153 1.32 30.64 -37.16
CA PRO D 153 0.52 31.37 -36.16
C PRO D 153 0.26 30.48 -34.95
N SER D 154 0.19 31.10 -33.78
CA SER D 154 -0.06 30.37 -32.57
C SER D 154 -1.54 30.18 -32.39
N PRO D 155 -1.99 28.93 -32.21
CA PRO D 155 -3.41 28.67 -31.92
C PRO D 155 -3.91 29.32 -30.61
N LYS D 156 -3.16 29.16 -29.52
CA LYS D 156 -3.47 29.84 -28.27
C LYS D 156 -2.90 31.26 -28.26
N GLY D 157 -3.37 32.05 -27.31
CA GLY D 157 -2.85 33.38 -27.09
C GLY D 157 -1.61 33.29 -26.21
N ILE D 158 -0.80 34.34 -26.26
CA ILE D 158 0.50 34.38 -25.59
C ILE D 158 0.65 35.72 -24.93
N ASN D 159 0.34 35.75 -23.65
CA ASN D 159 0.46 36.96 -22.84
C ASN D 159 1.92 37.30 -22.42
N PRO D 160 2.57 38.27 -23.10
CA PRO D 160 3.97 38.62 -22.81
C PRO D 160 4.19 39.07 -21.38
N VAL D 161 3.13 39.50 -20.72
CA VAL D 161 3.27 39.90 -19.34
C VAL D 161 3.77 38.75 -18.47
N MET D 162 3.48 37.52 -18.88
CA MET D 162 4.05 36.32 -18.22
C MET D 162 5.60 36.31 -18.10
N LEU D 163 6.31 36.91 -19.05
CA LEU D 163 7.76 36.91 -19.00
C LEU D 163 8.32 38.00 -18.10
N LEU D 164 7.47 38.78 -17.47
CA LEU D 164 7.96 39.83 -16.59
C LEU D 164 8.01 39.30 -15.17
N PRO D 165 8.82 39.93 -14.33
CA PRO D 165 8.88 39.52 -12.93
C PRO D 165 7.71 40.06 -12.12
N LYS D 166 7.27 39.30 -11.12
CA LYS D 166 6.24 39.82 -10.23
C LYS D 166 6.77 40.99 -9.37
N LYS D 167 5.85 41.80 -8.87
CA LYS D 167 6.20 43.05 -8.23
C LYS D 167 6.46 42.75 -6.77
N SER D 168 7.27 43.58 -6.11
CA SER D 168 7.58 43.36 -4.69
C SER D 168 6.32 43.63 -3.90
N LYS D 169 6.36 43.33 -2.60
CA LYS D 169 5.24 43.70 -1.74
C LYS D 169 5.13 45.22 -1.76
N ALA D 170 6.28 45.87 -1.96
CA ALA D 170 6.34 47.32 -2.21
C ALA D 170 5.59 47.76 -3.47
N GLY D 171 5.40 46.83 -4.42
CA GLY D 171 4.67 47.08 -5.66
C GLY D 171 5.57 47.42 -6.84
N THR D 172 6.88 47.25 -6.69
CA THR D 172 7.81 47.69 -7.71
C THR D 172 8.39 46.55 -8.58
N ARG D 173 9.08 46.95 -9.64
CA ARG D 173 9.91 46.07 -10.46
C ARG D 173 11.24 46.77 -10.67
N PRO D 174 12.14 46.63 -9.69
CA PRO D 174 13.51 47.17 -9.80
C PRO D 174 14.15 46.83 -11.16
N PHE D 175 14.78 47.80 -11.80
CA PHE D 175 15.46 47.54 -13.09
C PHE D 175 16.67 48.47 -13.27
N VAL D 176 17.55 48.14 -14.21
CA VAL D 176 18.63 49.07 -14.58
C VAL D 176 18.33 49.54 -15.96
N HIS D 177 18.83 50.73 -16.29
CA HIS D 177 18.67 51.25 -17.64
C HIS D 177 20.05 51.66 -18.06
N TYR D 178 20.40 51.36 -19.30
CA TYR D 178 21.64 51.88 -19.85
C TYR D 178 21.44 51.90 -21.35
N PRO D 179 22.22 52.73 -22.05
CA PRO D 179 22.29 52.75 -23.53
C PRO D 179 23.21 51.63 -24.06
N GLY D 180 22.71 50.83 -25.00
CA GLY D 180 23.46 49.71 -25.52
C GLY D 180 23.21 49.52 -27.00
N SER D 181 23.08 48.26 -27.38
CA SER D 181 22.97 47.91 -28.79
C SER D 181 22.22 46.60 -28.93
N LEU D 182 21.87 46.24 -30.15
CA LEU D 182 21.47 44.86 -30.42
C LEU D 182 22.66 43.90 -30.11
N THR D 183 22.33 42.69 -29.69
CA THR D 183 23.33 41.75 -29.26
C THR D 183 23.58 40.73 -30.36
N THR D 184 22.94 40.94 -31.50
CA THR D 184 23.23 40.15 -32.69
C THR D 184 23.47 41.09 -33.87
N PRO D 185 24.34 40.67 -34.83
CA PRO D 185 24.71 41.60 -35.90
C PRO D 185 23.48 42.14 -36.64
N PRO D 186 23.54 43.41 -37.08
CA PRO D 186 24.73 44.27 -37.13
C PRO D 186 25.09 44.98 -35.82
N CYS D 187 24.48 44.59 -34.71
CA CYS D 187 24.81 45.15 -33.39
C CYS D 187 24.60 46.68 -33.33
N SER D 188 23.66 47.18 -34.12
CA SER D 188 23.38 48.60 -34.16
C SER D 188 23.21 49.20 -32.76
N GLU D 189 23.78 50.38 -32.55
CA GLU D 189 23.65 51.04 -31.25
C GLU D 189 22.39 51.94 -31.19
N GLY D 190 22.33 52.77 -30.17
CA GLY D 190 21.17 53.62 -29.97
C GLY D 190 20.00 52.88 -29.36
N VAL D 191 20.28 51.73 -28.75
CA VAL D 191 19.24 50.88 -28.17
C VAL D 191 19.14 51.14 -26.66
N ASP D 192 17.94 51.42 -26.16
CA ASP D 192 17.74 51.54 -24.72
C ASP D 192 17.52 50.16 -24.14
N TRP D 193 18.28 49.86 -23.11
CA TRP D 193 18.13 48.58 -22.47
C TRP D 193 17.55 48.81 -21.12
N PHE D 194 16.56 48.00 -20.78
CA PHE D 194 16.01 47.98 -19.42
C PHE D 194 16.10 46.54 -18.96
N VAL D 195 16.86 46.28 -17.89
CA VAL D 195 17.10 44.91 -17.43
C VAL D 195 16.54 44.78 -16.02
N PHE D 196 15.65 43.83 -15.84
CA PHE D 196 15.00 43.73 -14.54
C PHE D 196 15.88 42.99 -13.56
N MET D 197 15.93 43.50 -12.34
CA MET D 197 16.76 42.89 -11.32
C MET D 197 16.22 41.55 -10.87
N GLN D 198 14.91 41.40 -10.88
CA GLN D 198 14.31 40.22 -10.26
C GLN D 198 14.12 39.12 -11.29
N PRO D 199 14.75 37.95 -11.08
CA PRO D 199 14.52 36.94 -12.10
C PRO D 199 13.19 36.26 -11.92
N ILE D 200 12.79 35.46 -12.91
CA ILE D 200 11.66 34.58 -12.74
C ILE D 200 12.18 33.17 -12.75
N LYS D 201 11.62 32.32 -11.91
CA LYS D 201 12.00 30.93 -11.93
C LYS D 201 11.18 30.29 -13.00
N VAL D 202 11.69 29.19 -13.53
CA VAL D 202 11.10 28.44 -14.63
C VAL D 202 11.58 27.00 -14.38
N PRO D 203 10.76 25.99 -14.72
CA PRO D 203 11.21 24.60 -14.56
C PRO D 203 12.41 24.21 -15.44
N ASP D 204 13.33 23.43 -14.86
CA ASP D 204 14.57 23.10 -15.56
C ASP D 204 14.32 22.48 -16.93
N SER D 205 13.24 21.71 -17.03
CA SER D 205 12.86 21.10 -18.29
C SER D 205 12.67 22.16 -19.40
N GLN D 206 12.05 23.30 -19.09
CA GLN D 206 11.84 24.30 -20.12
C GLN D 206 13.19 24.86 -20.61
N ILE D 207 14.11 25.05 -19.67
CA ILE D 207 15.42 25.55 -20.02
C ILE D 207 16.11 24.58 -20.96
N LEU D 208 16.16 23.31 -20.57
CA LEU D 208 16.75 22.32 -21.47
C LEU D 208 15.99 22.20 -22.81
N ASP D 209 14.67 22.39 -22.83
CA ASP D 209 13.95 22.29 -24.09
C ASP D 209 14.41 23.41 -25.01
N PHE D 210 14.66 24.55 -24.40
CA PHE D 210 15.11 25.67 -25.19
C PHE D 210 16.50 25.40 -25.74
N MET D 211 17.40 24.96 -24.88
CA MET D 211 18.73 24.62 -25.34
C MET D 211 18.69 23.53 -26.40
N ARG D 212 17.69 22.66 -26.31
CA ARG D 212 17.52 21.62 -27.33
C ARG D 212 17.10 22.27 -28.64
N PHE D 213 16.14 23.21 -28.58
CA PHE D 213 15.69 23.94 -29.77
C PHE D 213 16.86 24.69 -30.40
N VAL D 214 17.72 25.27 -29.58
CA VAL D 214 18.87 25.98 -30.08
C VAL D 214 19.84 24.97 -30.77
N GLY D 215 19.81 23.75 -30.27
CA GLY D 215 20.57 22.68 -30.87
C GLY D 215 19.85 22.04 -32.04
N ASP D 216 18.87 22.74 -32.58
CA ASP D 216 18.15 22.25 -33.76
C ASP D 216 17.59 20.84 -33.56
N ASN D 217 17.29 20.50 -32.32
CA ASN D 217 16.71 19.20 -31.93
C ASN D 217 17.65 18.01 -32.07
N LYS D 218 18.97 18.25 -32.11
CA LYS D 218 19.98 17.18 -32.25
C LYS D 218 21.06 17.25 -31.18
N THR D 219 21.09 18.32 -30.40
CA THR D 219 22.15 18.53 -29.41
C THR D 219 21.70 19.67 -28.50
N TYR D 220 22.52 20.09 -27.55
CA TYR D 220 22.17 21.21 -26.69
C TYR D 220 23.16 22.30 -27.00
N ALA D 221 22.67 23.49 -27.34
CA ALA D 221 23.56 24.57 -27.75
C ALA D 221 23.30 25.83 -26.93
N THR D 222 24.08 26.86 -27.20
CA THR D 222 23.90 28.17 -26.61
C THR D 222 23.88 29.21 -27.72
N ASN D 223 23.17 30.32 -27.48
CA ASN D 223 23.02 31.43 -28.44
C ASN D 223 23.20 32.80 -27.80
N THR D 224 24.34 33.01 -27.16
CA THR D 224 24.62 34.22 -26.40
C THR D 224 25.93 34.84 -26.78
N ARG D 225 25.95 36.17 -26.73
CA ARG D 225 27.15 36.94 -26.99
C ARG D 225 27.89 37.26 -25.69
N PRO D 226 29.21 37.10 -25.68
CA PRO D 226 29.96 37.42 -24.45
C PRO D 226 29.81 38.87 -24.01
N LEU D 227 29.96 39.12 -22.71
CA LEU D 227 29.85 40.44 -22.11
C LEU D 227 30.72 41.46 -22.82
N GLN D 228 30.24 42.71 -22.88
CA GLN D 228 30.96 43.81 -23.53
C GLN D 228 31.52 44.80 -22.52
N LEU D 229 32.47 45.61 -22.99
CA LEU D 229 33.07 46.63 -22.15
C LEU D 229 32.06 47.73 -21.88
N LEU D 230 31.87 48.05 -20.60
CA LEU D 230 30.99 49.14 -20.17
C LEU D 230 31.41 50.40 -20.86
N ASN D 231 32.73 50.54 -20.99
CA ASN D 231 33.38 51.78 -21.37
C ASN D 231 33.10 52.92 -20.41
N SER D 232 32.47 53.98 -20.88
CA SER D 232 32.33 55.17 -20.05
C SER D 232 30.91 55.32 -19.54
N ARG D 233 30.00 54.51 -20.07
CA ARG D 233 28.57 54.78 -19.94
C ARG D 233 28.02 54.58 -18.54
N LEU D 234 26.86 55.18 -18.31
CA LEU D 234 26.18 55.14 -17.02
C LEU D 234 25.20 53.99 -16.96
N VAL D 235 25.03 53.43 -15.78
CA VAL D 235 24.07 52.37 -15.56
C VAL D 235 23.18 52.91 -14.46
N GLU D 236 21.95 53.27 -14.82
CA GLU D 236 21.00 53.88 -13.87
C GLU D 236 20.10 52.83 -13.23
N TYR D 237 20.01 52.89 -11.90
CA TYR D 237 19.19 51.97 -11.11
C TYR D 237 17.83 52.57 -10.64
N GLU D 238 16.75 51.88 -10.97
CA GLU D 238 15.44 52.25 -10.51
C GLU D 238 15.02 51.13 -9.60
N LEU D 239 14.44 51.53 -8.48
CA LEU D 239 13.83 50.59 -7.55
C LEU D 239 12.31 50.63 -7.70
N ALA E 2 -22.16 -11.25 -41.37
CA ALA E 2 -23.16 -10.96 -40.35
C ALA E 2 -23.19 -12.09 -39.31
N ALA E 3 -23.12 -13.35 -39.78
CA ALA E 3 -23.28 -14.55 -38.93
C ALA E 3 -22.52 -14.42 -37.63
N TRP E 4 -23.09 -14.90 -36.54
CA TRP E 4 -22.42 -14.79 -35.25
C TRP E 4 -22.92 -15.83 -34.29
N ASN E 5 -22.20 -16.00 -33.18
CA ASN E 5 -22.60 -16.92 -32.16
C ASN E 5 -21.86 -16.63 -30.90
N TYR E 6 -22.15 -17.42 -29.87
CA TYR E 6 -21.36 -17.39 -28.65
C TYR E 6 -20.18 -18.36 -28.84
N GLY E 7 -20.42 -19.41 -29.61
CA GLY E 7 -19.36 -20.34 -29.93
C GLY E 7 -18.82 -21.04 -28.70
N GLU E 8 -17.79 -21.84 -28.92
CA GLU E 8 -17.24 -22.64 -27.85
C GLU E 8 -16.16 -21.93 -27.00
N VAL E 9 -15.89 -22.49 -25.84
CA VAL E 9 -14.82 -22.05 -24.98
C VAL E 9 -13.49 -21.94 -25.73
N ALA E 10 -12.73 -20.89 -25.40
CA ALA E 10 -11.65 -20.44 -26.27
C ALA E 10 -10.29 -21.03 -25.92
N GLY E 11 -10.12 -21.48 -24.69
CA GLY E 11 -8.84 -22.04 -24.27
C GLY E 11 -8.30 -23.24 -25.06
N PRO E 12 -9.04 -24.36 -25.04
CA PRO E 12 -8.57 -25.65 -25.59
C PRO E 12 -7.90 -25.56 -26.96
N PRO E 13 -8.54 -24.95 -27.96
CA PRO E 13 -7.78 -24.89 -29.23
C PRO E 13 -6.40 -24.20 -29.19
N THR E 14 -6.04 -23.54 -28.12
CA THR E 14 -4.75 -22.86 -28.06
C THR E 14 -3.83 -23.62 -27.12
N TRP E 15 -4.23 -24.83 -26.75
CA TRP E 15 -3.41 -25.65 -25.88
C TRP E 15 -2.26 -26.18 -26.74
N LYS E 16 -1.04 -26.19 -26.18
CA LYS E 16 0.17 -26.53 -26.94
C LYS E 16 0.56 -28.00 -26.87
N GLY E 17 1.44 -28.41 -27.78
CA GLY E 17 2.03 -29.74 -27.72
C GLY E 17 1.14 -30.82 -28.30
N VAL E 18 1.16 -31.97 -27.65
CA VAL E 18 0.35 -33.08 -28.12
C VAL E 18 -1.15 -32.71 -28.15
N CYS E 19 -1.54 -31.69 -27.39
CA CYS E 19 -2.92 -31.24 -27.40
C CYS E 19 -3.29 -30.89 -28.83
N ALA E 20 -2.35 -30.29 -29.54
CA ALA E 20 -2.63 -29.81 -30.89
C ALA E 20 -2.18 -30.83 -31.97
N THR E 21 -1.07 -31.56 -31.74
CA THR E 21 -0.55 -32.46 -32.78
C THR E 21 -1.02 -33.90 -32.65
N GLY E 22 -1.22 -34.39 -31.42
CA GLY E 22 -1.62 -35.77 -31.19
C GLY E 22 -2.81 -36.21 -32.03
N LYS E 23 -2.80 -37.47 -32.41
CA LYS E 23 -3.81 -38.04 -33.27
C LYS E 23 -4.57 -39.17 -32.51
N ARG E 24 -4.34 -39.29 -31.20
CA ARG E 24 -5.03 -40.28 -30.35
C ARG E 24 -5.63 -39.56 -29.12
N GLN E 25 -6.41 -38.53 -29.41
CA GLN E 25 -6.85 -37.59 -28.41
C GLN E 25 -8.27 -37.87 -27.91
N SER E 26 -8.52 -37.61 -26.63
CA SER E 26 -9.85 -37.72 -26.06
C SER E 26 -10.35 -36.32 -25.72
N PRO E 27 -11.66 -36.14 -25.60
CA PRO E 27 -12.76 -37.10 -25.76
C PRO E 27 -13.21 -37.27 -27.21
N ILE E 28 -14.12 -38.22 -27.41
CA ILE E 28 -14.61 -38.56 -28.75
C ILE E 28 -16.08 -38.91 -28.66
N ASN E 29 -16.80 -38.78 -29.77
CA ASN E 29 -18.16 -39.29 -29.81
C ASN E 29 -18.08 -40.79 -29.75
N ILE E 30 -19.12 -41.40 -29.20
CA ILE E 30 -19.23 -42.84 -29.12
C ILE E 30 -20.52 -43.23 -29.80
N PRO E 31 -20.44 -43.77 -31.02
CA PRO E 31 -21.64 -44.34 -31.63
C PRO E 31 -22.26 -45.46 -30.79
N LEU E 32 -23.58 -45.52 -30.76
CA LEU E 32 -24.27 -46.57 -30.03
C LEU E 32 -25.47 -47.10 -30.84
N ASN E 33 -26.53 -46.31 -30.97
CA ASN E 33 -27.69 -46.64 -31.83
C ASN E 33 -27.35 -46.34 -33.28
N THR E 34 -26.25 -46.92 -33.75
CA THR E 34 -25.90 -46.87 -35.17
C THR E 34 -25.91 -48.28 -35.77
N SER E 35 -26.32 -48.32 -37.04
CA SER E 35 -26.45 -49.56 -37.77
C SER E 35 -25.07 -50.19 -37.93
N ALA E 36 -24.06 -49.35 -38.16
CA ALA E 36 -22.69 -49.82 -38.42
C ALA E 36 -22.29 -50.91 -37.41
N PRO E 37 -21.55 -51.96 -37.86
CA PRO E 37 -21.18 -53.12 -37.02
C PRO E 37 -20.17 -52.79 -35.91
N LYS E 38 -20.31 -53.41 -34.74
CA LYS E 38 -19.49 -53.06 -33.57
C LYS E 38 -18.42 -54.10 -33.33
N VAL E 39 -17.19 -53.65 -33.09
CA VAL E 39 -16.10 -54.53 -32.72
C VAL E 39 -16.22 -54.91 -31.25
N ASP E 40 -16.54 -56.17 -30.99
CA ASP E 40 -16.64 -56.72 -29.63
C ASP E 40 -15.26 -56.62 -28.98
N ALA E 41 -15.24 -56.32 -27.68
CA ALA E 41 -14.00 -56.08 -26.93
C ALA E 41 -13.43 -57.32 -26.25
N GLU E 42 -14.24 -58.38 -26.15
CA GLU E 42 -13.78 -59.69 -25.67
C GLU E 42 -12.87 -59.51 -24.48
N MET E 43 -13.31 -58.72 -23.51
CA MET E 43 -12.43 -58.24 -22.45
C MET E 43 -12.99 -58.51 -21.06
N GLY E 44 -14.23 -59.03 -21.01
CA GLY E 44 -14.86 -59.37 -19.75
C GLY E 44 -15.60 -58.21 -19.10
N GLU E 45 -16.03 -58.40 -17.85
CA GLU E 45 -16.72 -57.36 -17.08
C GLU E 45 -15.77 -56.73 -16.09
N PHE E 46 -16.09 -55.53 -15.63
CA PHE E 46 -15.33 -54.88 -14.57
C PHE E 46 -15.69 -55.45 -13.20
N ASP E 47 -14.67 -55.73 -12.40
CA ASP E 47 -14.85 -56.04 -11.00
C ASP E 47 -14.12 -54.96 -10.19
N PHE E 48 -14.70 -54.56 -9.06
CA PHE E 48 -14.20 -53.38 -8.34
C PHE E 48 -13.80 -53.76 -6.94
N ALA E 49 -12.73 -53.13 -6.47
CA ALA E 49 -12.18 -53.42 -5.16
C ALA E 49 -11.69 -52.13 -4.54
N TYR E 50 -12.59 -51.15 -4.46
CA TYR E 50 -12.34 -49.84 -3.85
C TYR E 50 -12.73 -49.87 -2.36
N GLY E 51 -11.79 -50.34 -1.56
CA GLY E 51 -12.02 -50.56 -0.15
C GLY E 51 -10.90 -50.01 0.71
N SER E 52 -10.41 -48.83 0.33
CA SER E 52 -9.55 -48.04 1.20
C SER E 52 -9.76 -46.61 0.83
N PHE E 53 -10.78 -46.00 1.42
CA PHE E 53 -11.26 -44.72 0.93
C PHE E 53 -11.76 -43.79 2.05
N GLU E 54 -11.27 -44.02 3.26
CA GLU E 54 -11.67 -43.25 4.45
C GLU E 54 -10.67 -42.14 4.76
N LYS E 55 -9.54 -42.14 4.04
CA LYS E 55 -8.54 -41.10 4.23
C LYS E 55 -8.14 -40.50 2.90
N CYS E 56 -9.00 -39.58 2.42
CA CYS E 56 -8.82 -38.87 1.16
C CYS E 56 -8.45 -37.41 1.33
N ASP E 57 -7.79 -36.86 0.32
CA ASP E 57 -7.56 -35.43 0.19
C ASP E 57 -8.41 -34.88 -0.96
N VAL E 58 -8.90 -33.65 -0.80
CA VAL E 58 -9.63 -32.97 -1.87
C VAL E 58 -8.90 -31.68 -2.25
N LEU E 59 -8.59 -31.60 -3.53
CA LEU E 59 -7.71 -30.59 -4.07
C LEU E 59 -8.55 -29.73 -4.94
N ASN E 60 -8.29 -28.43 -4.90
CA ASN E 60 -8.95 -27.52 -5.80
C ASN E 60 -7.98 -27.25 -6.90
N THR E 61 -8.21 -27.93 -8.00
CA THR E 61 -7.25 -28.03 -9.07
C THR E 61 -6.94 -26.67 -9.72
N GLY E 62 -7.84 -25.71 -9.66
CA GLY E 62 -7.57 -24.41 -10.25
C GLY E 62 -7.94 -24.43 -11.73
N HIS E 63 -8.71 -25.45 -12.11
CA HIS E 63 -9.15 -25.61 -13.47
C HIS E 63 -10.55 -26.14 -13.48
N GLY E 64 -11.36 -25.64 -12.56
CA GLY E 64 -12.75 -26.03 -12.53
C GLY E 64 -13.01 -27.08 -11.49
N THR E 65 -12.61 -28.31 -11.75
CA THR E 65 -13.12 -29.40 -10.93
C THR E 65 -12.35 -29.53 -9.61
N MET E 66 -12.98 -30.15 -8.61
CA MET E 66 -12.22 -30.54 -7.45
C MET E 66 -11.61 -31.88 -7.82
N GLN E 67 -10.66 -32.35 -7.04
CA GLN E 67 -10.00 -33.64 -7.30
C GLN E 67 -9.82 -34.39 -6.00
N VAL E 68 -10.45 -35.57 -5.91
CA VAL E 68 -10.31 -36.39 -4.73
C VAL E 68 -9.15 -37.38 -4.97
N ASN E 69 -8.06 -37.16 -4.24
CA ASN E 69 -6.90 -38.04 -4.29
C ASN E 69 -7.09 -39.21 -3.33
N PHE E 70 -6.67 -40.39 -3.78
CA PHE E 70 -6.81 -41.60 -2.98
C PHE E 70 -5.44 -42.13 -2.64
N PRO E 71 -5.34 -42.80 -1.48
CA PRO E 71 -4.12 -43.56 -1.17
C PRO E 71 -4.21 -44.92 -1.86
N ALA E 72 -3.13 -45.69 -1.88
CA ALA E 72 -3.15 -46.97 -2.57
C ALA E 72 -4.15 -47.90 -1.91
N GLY E 73 -4.50 -48.99 -2.59
CA GLY E 73 -5.39 -50.00 -2.01
C GLY E 73 -6.63 -50.22 -2.83
N ASN E 74 -6.92 -49.27 -3.70
CA ASN E 74 -8.14 -49.31 -4.47
C ASN E 74 -7.87 -49.84 -5.86
N LEU E 75 -8.55 -50.94 -6.18
CA LEU E 75 -8.26 -51.67 -7.40
C LEU E 75 -9.52 -51.87 -8.22
N ALA E 76 -9.33 -51.83 -9.53
CA ALA E 76 -10.35 -52.18 -10.50
C ALA E 76 -9.72 -53.24 -11.41
N PHE E 77 -10.46 -54.32 -11.64
CA PHE E 77 -9.97 -55.41 -12.51
C PHE E 77 -10.84 -55.50 -13.76
N ILE E 78 -10.16 -55.43 -14.90
CA ILE E 78 -10.83 -55.57 -16.18
C ILE E 78 -9.84 -56.25 -17.10
N GLY E 79 -10.33 -57.19 -17.90
CA GLY E 79 -9.46 -58.07 -18.67
C GLY E 79 -8.35 -58.65 -17.81
N ASN E 80 -7.13 -58.56 -18.31
CA ASN E 80 -6.00 -59.00 -17.51
C ASN E 80 -5.38 -57.83 -16.77
N MET E 81 -6.00 -56.65 -16.90
CA MET E 81 -5.45 -55.44 -16.31
C MET E 81 -5.78 -55.36 -14.83
N GLU E 82 -4.88 -54.72 -14.08
CA GLU E 82 -5.10 -54.38 -12.68
C GLU E 82 -4.89 -52.87 -12.53
N LEU E 83 -5.98 -52.11 -12.42
CA LEU E 83 -5.93 -50.66 -12.39
C LEU E 83 -6.01 -50.12 -10.95
N GLU E 84 -5.05 -49.30 -10.56
CA GLU E 84 -5.05 -48.70 -9.25
C GLU E 84 -5.58 -47.29 -9.31
N LEU E 85 -6.57 -46.97 -8.48
CA LEU E 85 -7.21 -45.67 -8.49
C LEU E 85 -6.30 -44.61 -7.92
N LEU E 86 -6.18 -43.47 -8.60
CA LEU E 86 -5.36 -42.37 -8.09
C LEU E 86 -6.22 -41.22 -7.64
N GLN E 87 -7.23 -40.93 -8.44
CA GLN E 87 -8.06 -39.75 -8.19
C GLN E 87 -9.32 -39.75 -9.03
N PHE E 88 -10.35 -39.02 -8.58
CA PHE E 88 -11.45 -38.70 -9.49
C PHE E 88 -11.77 -37.22 -9.49
N HIS E 89 -12.43 -36.80 -10.57
CA HIS E 89 -12.85 -35.44 -10.75
C HIS E 89 -14.01 -35.43 -11.71
N PHE E 90 -14.44 -34.24 -12.10
CA PHE E 90 -15.60 -34.11 -12.97
C PHE E 90 -15.45 -33.03 -14.05
N HIS E 91 -16.38 -33.11 -15.00
CA HIS E 91 -16.53 -32.11 -16.03
C HIS E 91 -18.03 -31.87 -16.24
N ALA E 92 -18.38 -30.62 -16.45
CA ALA E 92 -19.73 -30.26 -16.91
C ALA E 92 -19.57 -29.39 -18.12
N PRO E 93 -20.29 -29.68 -19.21
CA PRO E 93 -21.05 -30.91 -19.45
C PRO E 93 -20.10 -32.10 -19.56
N SER E 94 -20.58 -33.23 -20.03
CA SER E 94 -19.71 -34.40 -20.19
C SER E 94 -18.74 -34.16 -21.34
N GLU E 95 -17.59 -34.82 -21.28
CA GLU E 95 -16.59 -34.69 -22.32
C GLU E 95 -16.92 -35.63 -23.49
N HIS E 96 -17.14 -36.91 -23.18
CA HIS E 96 -17.55 -37.84 -24.20
C HIS E 96 -19.02 -37.57 -24.58
N ALA E 97 -19.30 -37.73 -25.86
CA ALA E 97 -20.63 -37.65 -26.38
C ALA E 97 -21.08 -39.07 -26.67
N MET E 98 -22.38 -39.34 -26.58
CA MET E 98 -22.93 -40.57 -27.09
C MET E 98 -23.99 -40.31 -28.15
N ASP E 99 -23.76 -40.83 -29.35
CA ASP E 99 -24.52 -40.47 -30.55
C ASP E 99 -24.82 -38.96 -30.58
N GLY E 100 -23.75 -38.18 -30.43
CA GLY E 100 -23.79 -36.74 -30.55
C GLY E 100 -24.31 -36.02 -29.32
N ARG E 101 -24.61 -36.76 -28.26
CA ARG E 101 -25.24 -36.17 -27.08
C ARG E 101 -24.33 -36.23 -25.88
N ARG E 102 -24.10 -35.06 -25.30
CA ARG E 102 -23.39 -34.93 -24.04
C ARG E 102 -24.37 -34.89 -22.90
N TYR E 103 -23.93 -35.37 -21.76
CA TYR E 103 -24.69 -35.31 -20.55
C TYR E 103 -24.22 -34.16 -19.66
N ALA E 104 -24.82 -34.08 -18.48
CA ALA E 104 -24.68 -32.92 -17.63
C ALA E 104 -23.32 -32.93 -16.99
N MET E 105 -22.82 -34.09 -16.63
CA MET E 105 -21.45 -34.20 -16.10
C MET E 105 -20.80 -35.50 -16.49
N GLU E 106 -19.48 -35.57 -16.46
CA GLU E 106 -18.77 -36.84 -16.63
C GLU E 106 -17.87 -37.00 -15.44
N ALA E 107 -17.92 -38.15 -14.77
CA ALA E 107 -16.94 -38.47 -13.73
C ALA E 107 -15.79 -39.27 -14.36
N HIS E 108 -14.58 -38.88 -13.96
CA HIS E 108 -13.33 -39.49 -14.42
C HIS E 108 -12.63 -40.10 -13.24
N LEU E 109 -12.56 -41.42 -13.23
CA LEU E 109 -11.78 -42.11 -12.21
C LEU E 109 -10.48 -42.51 -12.88
N VAL E 110 -9.44 -41.76 -12.55
CA VAL E 110 -8.12 -41.94 -13.14
C VAL E 110 -7.37 -43.05 -12.42
N HIS E 111 -6.78 -43.95 -13.19
CA HIS E 111 -5.99 -45.08 -12.67
C HIS E 111 -4.63 -45.24 -13.30
N LYS E 112 -3.81 -45.99 -12.59
CA LYS E 112 -2.51 -46.44 -13.07
C LYS E 112 -2.59 -47.95 -13.32
N ASN E 113 -2.17 -48.40 -14.51
CA ASN E 113 -2.04 -49.83 -14.78
C ASN E 113 -0.86 -50.38 -14.00
N LYS E 114 -1.12 -51.42 -13.22
CA LYS E 114 -0.14 -51.93 -12.27
C LYS E 114 1.07 -52.59 -12.98
N SER E 115 0.84 -53.24 -14.11
CA SER E 115 1.95 -53.81 -14.85
C SER E 115 2.73 -52.72 -15.61
N THR E 116 2.07 -52.05 -16.56
CA THR E 116 2.73 -51.12 -17.47
C THR E 116 3.03 -49.74 -16.89
N GLY E 117 2.14 -49.28 -16.02
CA GLY E 117 2.23 -47.94 -15.47
C GLY E 117 1.49 -46.89 -16.30
N ASN E 118 0.92 -47.29 -17.44
CA ASN E 118 0.07 -46.44 -18.25
C ASN E 118 -1.08 -45.87 -17.42
N LEU E 119 -1.72 -44.83 -17.92
CA LEU E 119 -2.96 -44.40 -17.28
C LEU E 119 -4.17 -45.03 -17.94
N ALA E 120 -5.10 -45.46 -17.08
CA ALA E 120 -6.44 -45.83 -17.51
C ALA E 120 -7.47 -44.87 -16.85
N VAL E 121 -8.40 -44.32 -17.63
CA VAL E 121 -9.47 -43.47 -17.07
C VAL E 121 -10.83 -44.09 -17.35
N LEU E 122 -11.58 -44.24 -16.26
CA LEU E 122 -12.95 -44.70 -16.33
C LEU E 122 -13.88 -43.47 -16.34
N GLY E 123 -14.74 -43.43 -17.34
CA GLY E 123 -15.65 -42.30 -17.55
C GLY E 123 -17.08 -42.73 -17.33
N ILE E 124 -17.77 -41.99 -16.46
CA ILE E 124 -19.18 -42.21 -16.22
C ILE E 124 -20.05 -40.94 -16.36
N MET E 125 -21.16 -41.08 -17.08
CA MET E 125 -22.02 -39.97 -17.39
C MET E 125 -23.02 -39.75 -16.27
N LEU E 126 -23.20 -38.49 -15.88
CA LEU E 126 -24.18 -38.12 -14.88
C LEU E 126 -25.37 -37.42 -15.54
N GLU E 127 -26.56 -38.03 -15.40
CA GLU E 127 -27.83 -37.41 -15.81
C GLU E 127 -28.40 -36.54 -14.68
N PRO E 128 -29.13 -35.49 -15.04
CA PRO E 128 -29.96 -34.79 -14.05
C PRO E 128 -31.22 -35.61 -13.76
N GLY E 129 -31.89 -35.29 -12.67
CA GLY E 129 -33.18 -35.88 -12.37
C GLY E 129 -33.20 -36.79 -11.15
N GLY E 130 -32.03 -37.14 -10.63
CA GLY E 130 -31.92 -38.00 -9.46
C GLY E 130 -32.68 -37.45 -8.28
N LEU E 131 -32.94 -38.30 -7.29
CA LEU E 131 -33.66 -37.90 -6.08
C LEU E 131 -32.76 -38.11 -4.87
N ILE E 132 -31.90 -39.11 -4.94
CA ILE E 132 -30.91 -39.33 -3.90
C ILE E 132 -29.66 -38.52 -4.25
N LYS E 133 -29.16 -37.70 -3.32
CA LYS E 133 -27.89 -37.03 -3.56
C LYS E 133 -26.80 -38.09 -3.66
N ASN E 134 -25.86 -37.90 -4.58
CA ASN E 134 -24.74 -38.82 -4.66
C ASN E 134 -23.70 -38.47 -3.60
N PRO E 135 -23.45 -39.38 -2.64
CA PRO E 135 -22.59 -39.06 -1.50
C PRO E 135 -21.14 -38.71 -1.87
N ALA E 136 -20.59 -39.37 -2.90
CA ALA E 136 -19.21 -39.12 -3.33
C ALA E 136 -19.07 -37.70 -3.88
N LEU E 137 -19.99 -37.35 -4.77
CA LEU E 137 -20.07 -36.01 -5.34
C LEU E 137 -20.37 -34.99 -4.25
N SER E 138 -21.32 -35.33 -3.38
CA SER E 138 -21.67 -34.46 -2.27
C SER E 138 -20.42 -34.11 -1.43
N THR E 139 -19.71 -35.14 -0.98
CA THR E 139 -18.54 -34.93 -0.14
C THR E 139 -17.46 -34.12 -0.89
N ALA E 140 -17.19 -34.51 -2.15
CA ALA E 140 -16.33 -33.71 -3.01
C ALA E 140 -16.69 -32.22 -2.96
N LEU E 141 -17.97 -31.90 -3.15
CA LEU E 141 -18.39 -30.50 -3.16
C LEU E 141 -18.23 -29.78 -1.80
N GLU E 142 -18.69 -30.41 -0.71
CA GLU E 142 -18.54 -29.85 0.64
C GLU E 142 -17.09 -29.65 1.03
N VAL E 143 -16.24 -30.65 0.79
CA VAL E 143 -14.90 -30.59 1.33
C VAL E 143 -13.99 -29.68 0.49
N ALA E 144 -14.23 -29.63 -0.82
CA ALA E 144 -13.29 -28.98 -1.73
C ALA E 144 -13.06 -27.53 -1.32
N PRO E 145 -11.80 -27.14 -1.05
CA PRO E 145 -11.38 -25.75 -0.84
C PRO E 145 -11.88 -24.85 -1.94
N GLU E 146 -12.02 -23.55 -1.65
CA GLU E 146 -12.50 -22.60 -2.65
C GLU E 146 -11.33 -21.81 -3.19
N VAL E 147 -10.16 -22.04 -2.62
CA VAL E 147 -8.95 -21.38 -3.06
C VAL E 147 -8.15 -22.29 -3.99
N PRO E 148 -7.95 -21.88 -5.26
CA PRO E 148 -7.19 -22.67 -6.22
C PRO E 148 -5.87 -23.28 -5.71
N LEU E 149 -5.66 -24.53 -6.07
CA LEU E 149 -4.44 -25.28 -5.76
C LEU E 149 -4.27 -25.57 -4.28
N ALA E 150 -5.28 -25.17 -3.49
CA ALA E 150 -5.31 -25.57 -2.09
C ALA E 150 -5.84 -26.99 -1.94
N LYS E 151 -5.42 -27.68 -0.87
CA LYS E 151 -5.75 -29.10 -0.68
C LYS E 151 -6.12 -29.36 0.77
N LYS E 152 -7.18 -30.14 1.00
CA LYS E 152 -7.70 -30.35 2.35
C LYS E 152 -8.20 -31.79 2.56
N PRO E 153 -7.85 -32.42 3.70
CA PRO E 153 -8.29 -33.82 3.89
C PRO E 153 -9.76 -33.93 4.33
N SER E 154 -10.50 -34.87 3.75
CA SER E 154 -11.93 -34.98 4.04
C SER E 154 -12.17 -35.64 5.38
N PRO E 155 -13.02 -35.05 6.21
CA PRO E 155 -13.41 -35.74 7.44
C PRO E 155 -14.11 -37.07 7.17
N LYS E 156 -14.94 -37.14 6.12
CA LYS E 156 -15.66 -38.39 5.82
C LYS E 156 -14.86 -39.23 4.85
N GLY E 157 -15.18 -40.51 4.78
CA GLY E 157 -14.64 -41.37 3.76
C GLY E 157 -15.49 -41.26 2.50
N ILE E 158 -14.86 -40.98 1.37
CA ILE E 158 -15.57 -40.85 0.10
C ILE E 158 -15.47 -42.16 -0.66
N ASN E 159 -16.59 -42.85 -0.85
CA ASN E 159 -16.59 -44.13 -1.52
C ASN E 159 -16.74 -44.04 -3.06
N PRO E 160 -15.64 -44.26 -3.82
CA PRO E 160 -15.68 -43.99 -5.27
C PRO E 160 -16.57 -44.92 -6.07
N VAL E 161 -16.84 -46.11 -5.55
CA VAL E 161 -17.70 -47.06 -6.28
C VAL E 161 -19.11 -46.50 -6.47
N MET E 162 -19.46 -45.53 -5.64
CA MET E 162 -20.74 -44.81 -5.70
C MET E 162 -20.89 -44.02 -7.01
N LEU E 163 -19.77 -43.83 -7.72
CA LEU E 163 -19.78 -43.10 -8.97
C LEU E 163 -19.94 -44.05 -10.14
N LEU E 164 -20.01 -45.34 -9.87
CA LEU E 164 -20.17 -46.33 -10.92
C LEU E 164 -21.65 -46.58 -11.14
N PRO E 165 -22.06 -46.86 -12.39
CA PRO E 165 -23.47 -47.24 -12.59
C PRO E 165 -23.74 -48.62 -11.99
N LYS E 166 -25.01 -48.91 -11.69
CA LYS E 166 -25.37 -50.20 -11.09
C LYS E 166 -25.31 -51.26 -12.14
N LYS E 167 -25.14 -52.51 -11.69
CA LYS E 167 -25.22 -53.64 -12.62
C LYS E 167 -26.60 -53.67 -13.31
N SER E 168 -26.62 -54.18 -14.55
CA SER E 168 -27.86 -54.37 -15.30
C SER E 168 -28.57 -55.63 -14.85
N LYS E 169 -29.71 -55.92 -15.46
CA LYS E 169 -30.49 -57.12 -15.11
C LYS E 169 -29.61 -58.36 -15.07
N ALA E 170 -28.67 -58.42 -16.01
CA ALA E 170 -27.78 -59.56 -16.17
C ALA E 170 -26.45 -59.35 -15.49
N GLY E 171 -26.38 -58.40 -14.58
CA GLY E 171 -25.20 -58.24 -13.75
C GLY E 171 -23.95 -57.74 -14.46
N THR E 172 -24.13 -56.80 -15.38
CA THR E 172 -23.02 -56.23 -16.15
C THR E 172 -23.09 -54.70 -16.16
N ARG E 173 -21.94 -54.06 -16.29
CA ARG E 173 -21.87 -52.64 -16.53
C ARG E 173 -21.29 -52.46 -17.93
N PRO E 174 -22.15 -52.46 -18.95
CA PRO E 174 -21.64 -52.36 -20.32
C PRO E 174 -20.86 -51.07 -20.60
N PHE E 175 -19.78 -51.17 -21.36
CA PHE E 175 -18.91 -50.02 -21.62
C PHE E 175 -18.25 -50.09 -22.98
N VAL E 176 -17.52 -49.02 -23.32
CA VAL E 176 -16.68 -49.02 -24.51
C VAL E 176 -15.24 -48.80 -24.10
N HIS E 177 -14.33 -49.29 -24.93
CA HIS E 177 -12.90 -49.16 -24.66
C HIS E 177 -12.19 -48.62 -25.88
N TYR E 178 -11.32 -47.65 -25.67
CA TYR E 178 -10.53 -47.15 -26.79
C TYR E 178 -9.28 -46.50 -26.25
N PRO E 179 -8.30 -46.27 -27.13
CA PRO E 179 -7.06 -45.66 -26.69
C PRO E 179 -7.11 -44.18 -26.94
N GLY E 180 -6.77 -43.35 -25.95
CA GLY E 180 -6.82 -41.92 -26.15
C GLY E 180 -5.81 -41.24 -25.26
N SER E 181 -6.19 -40.04 -24.84
CA SER E 181 -5.28 -39.17 -24.13
C SER E 181 -5.89 -38.58 -22.87
N LEU E 182 -5.06 -37.90 -22.09
CA LEU E 182 -5.56 -36.98 -21.09
C LEU E 182 -6.32 -35.84 -21.80
N THR E 183 -7.44 -35.41 -21.22
CA THR E 183 -8.26 -34.34 -21.81
C THR E 183 -7.84 -32.93 -21.38
N THR E 184 -6.77 -32.82 -20.58
CA THR E 184 -6.20 -31.53 -20.23
C THR E 184 -4.71 -31.57 -20.56
N PRO E 185 -4.11 -30.38 -20.76
CA PRO E 185 -2.67 -30.29 -21.00
C PRO E 185 -1.92 -31.07 -19.92
N PRO E 186 -0.91 -31.83 -20.34
CA PRO E 186 -0.30 -31.92 -21.67
C PRO E 186 -1.00 -32.86 -22.69
N CYS E 187 -2.15 -33.40 -22.32
CA CYS E 187 -2.94 -34.27 -23.22
C CYS E 187 -2.14 -35.46 -23.64
N SER E 188 -1.28 -35.93 -22.76
CA SER E 188 -0.42 -37.07 -23.06
C SER E 188 -1.20 -38.29 -23.55
N GLU E 189 -0.69 -38.98 -24.57
CA GLU E 189 -1.39 -40.12 -25.13
C GLU E 189 -1.01 -41.44 -24.45
N GLY E 190 -1.54 -42.54 -24.97
CA GLY E 190 -1.23 -43.83 -24.39
C GLY E 190 -2.10 -44.15 -23.19
N VAL E 191 -3.27 -43.50 -23.13
CA VAL E 191 -4.20 -43.68 -22.04
C VAL E 191 -5.25 -44.68 -22.47
N ASP E 192 -5.54 -45.62 -21.59
CA ASP E 192 -6.66 -46.51 -21.79
C ASP E 192 -8.00 -45.90 -21.34
N TRP E 193 -8.91 -45.70 -22.29
CA TRP E 193 -10.23 -45.14 -21.96
C TRP E 193 -11.27 -46.23 -21.90
N PHE E 194 -11.98 -46.23 -20.76
CA PHE E 194 -13.18 -47.03 -20.58
C PHE E 194 -14.35 -46.07 -20.27
N VAL E 195 -15.39 -46.11 -21.09
CA VAL E 195 -16.50 -45.23 -20.86
C VAL E 195 -17.73 -46.07 -20.68
N PHE E 196 -18.40 -45.91 -19.53
CA PHE E 196 -19.62 -46.69 -19.24
C PHE E 196 -20.82 -46.17 -19.99
N MET E 197 -21.65 -47.10 -20.45
CA MET E 197 -22.75 -46.73 -21.35
C MET E 197 -24.00 -46.31 -20.59
N GLN E 198 -24.07 -46.68 -19.32
CA GLN E 198 -25.24 -46.49 -18.47
C GLN E 198 -25.01 -45.35 -17.48
N PRO E 199 -25.81 -44.27 -17.61
CA PRO E 199 -25.67 -43.13 -16.69
C PRO E 199 -26.05 -43.41 -15.24
N ILE E 200 -25.62 -42.52 -14.35
CA ILE E 200 -26.17 -42.46 -13.01
C ILE E 200 -26.97 -41.19 -12.99
N LYS E 201 -28.13 -41.26 -12.34
CA LYS E 201 -29.00 -40.08 -12.18
C LYS E 201 -28.53 -39.30 -10.96
N VAL E 202 -28.60 -37.98 -11.03
CA VAL E 202 -28.15 -37.15 -9.92
C VAL E 202 -29.09 -35.97 -9.76
N PRO E 203 -29.24 -35.43 -8.54
CA PRO E 203 -30.16 -34.30 -8.40
C PRO E 203 -29.58 -33.05 -9.04
N ASP E 204 -30.47 -32.20 -9.54
CA ASP E 204 -30.08 -31.04 -10.33
C ASP E 204 -29.31 -30.04 -9.50
N SER E 205 -29.58 -30.06 -8.20
CA SER E 205 -28.84 -29.20 -7.30
C SER E 205 -27.35 -29.54 -7.37
N GLN E 206 -26.99 -30.82 -7.41
CA GLN E 206 -25.57 -31.19 -7.44
C GLN E 206 -24.87 -30.73 -8.73
N ILE E 207 -25.59 -30.75 -9.84
CA ILE E 207 -25.00 -30.39 -11.11
C ILE E 207 -24.74 -28.92 -11.12
N LEU E 208 -25.72 -28.17 -10.64
CA LEU E 208 -25.57 -26.73 -10.58
C LEU E 208 -24.52 -26.32 -9.56
N ASP E 209 -24.50 -26.99 -8.41
CA ASP E 209 -23.42 -26.79 -7.45
C ASP E 209 -22.06 -26.98 -8.15
N PHE E 210 -21.91 -28.06 -8.90
CA PHE E 210 -20.64 -28.25 -9.58
C PHE E 210 -20.37 -27.11 -10.58
N MET E 211 -21.35 -26.76 -11.40
CA MET E 211 -21.11 -25.72 -12.39
C MET E 211 -20.79 -24.40 -11.70
N ARG E 212 -21.37 -24.22 -10.52
CA ARG E 212 -21.10 -23.02 -9.75
C ARG E 212 -19.65 -23.06 -9.26
N PHE E 213 -19.19 -24.22 -8.79
CA PHE E 213 -17.79 -24.40 -8.38
C PHE E 213 -16.80 -24.25 -9.53
N VAL E 214 -17.21 -24.63 -10.74
CA VAL E 214 -16.38 -24.40 -11.91
C VAL E 214 -16.27 -22.90 -12.20
N GLY E 215 -17.16 -22.10 -11.61
CA GLY E 215 -17.16 -20.67 -11.83
C GLY E 215 -16.57 -19.95 -10.63
N ASP E 216 -15.89 -20.71 -9.76
CA ASP E 216 -15.28 -20.16 -8.54
C ASP E 216 -16.33 -19.49 -7.60
N ASN E 217 -17.56 -19.99 -7.61
CA ASN E 217 -18.65 -19.46 -6.79
C ASN E 217 -18.92 -17.99 -7.08
N LYS E 218 -18.62 -17.57 -8.31
CA LYS E 218 -18.90 -16.22 -8.80
C LYS E 218 -19.79 -16.29 -10.05
N THR E 219 -19.77 -17.42 -10.77
CA THR E 219 -20.62 -17.57 -11.94
C THR E 219 -20.98 -19.03 -12.15
N TYR E 220 -21.49 -19.36 -13.33
CA TYR E 220 -21.67 -20.76 -13.73
C TYR E 220 -20.85 -21.00 -15.00
N ALA E 221 -20.11 -22.10 -15.01
CA ALA E 221 -19.15 -22.32 -16.07
C ALA E 221 -19.11 -23.75 -16.45
N THR E 222 -18.35 -24.03 -17.51
CA THR E 222 -18.12 -25.38 -17.99
C THR E 222 -16.62 -25.65 -18.00
N ASN E 223 -16.23 -26.91 -17.83
CA ASN E 223 -14.82 -27.28 -17.88
C ASN E 223 -14.60 -28.50 -18.77
N THR E 224 -14.80 -28.34 -20.08
CA THR E 224 -14.82 -29.45 -21.00
C THR E 224 -14.05 -29.20 -22.28
N ARG E 225 -13.39 -30.25 -22.74
CA ARG E 225 -12.64 -30.19 -23.98
C ARG E 225 -13.59 -30.51 -25.13
N PRO E 226 -13.45 -29.82 -26.26
CA PRO E 226 -14.22 -30.22 -27.47
C PRO E 226 -13.85 -31.60 -27.99
N LEU E 227 -14.80 -32.22 -28.68
CA LEU E 227 -14.64 -33.56 -29.21
C LEU E 227 -13.46 -33.58 -30.17
N GLN E 228 -12.82 -34.73 -30.25
CA GLN E 228 -11.57 -34.89 -30.98
C GLN E 228 -11.71 -35.92 -32.09
N LEU E 229 -10.86 -35.81 -33.11
CA LEU E 229 -10.93 -36.69 -34.26
C LEU E 229 -10.59 -38.16 -33.88
N LEU E 230 -11.48 -39.07 -34.24
CA LEU E 230 -11.26 -40.48 -33.98
C LEU E 230 -10.02 -40.95 -34.73
N ASN E 231 -9.89 -40.47 -35.98
CA ASN E 231 -8.87 -40.97 -36.91
C ASN E 231 -9.04 -42.48 -37.09
N SER E 232 -7.94 -43.22 -37.16
CA SER E 232 -8.03 -44.63 -37.52
C SER E 232 -8.27 -45.51 -36.29
N ARG E 233 -8.72 -44.87 -35.21
CA ARG E 233 -8.86 -45.53 -33.94
C ARG E 233 -10.01 -46.50 -33.88
N LEU E 234 -9.78 -47.56 -33.11
CA LEU E 234 -10.78 -48.57 -32.86
C LEU E 234 -11.47 -48.34 -31.52
N VAL E 235 -12.79 -48.21 -31.58
CA VAL E 235 -13.60 -48.20 -30.40
C VAL E 235 -14.17 -49.61 -30.25
N GLU E 236 -13.82 -50.27 -29.15
CA GLU E 236 -14.31 -51.60 -28.87
C GLU E 236 -15.41 -51.54 -27.83
N TYR E 237 -16.44 -52.36 -28.01
CA TYR E 237 -17.62 -52.35 -27.16
C TYR E 237 -17.71 -53.62 -26.35
N GLU E 238 -17.89 -53.50 -25.05
CA GLU E 238 -18.20 -54.65 -24.21
C GLU E 238 -19.62 -54.55 -23.70
N LEU E 239 -20.58 -54.48 -24.60
CA LEU E 239 -21.99 -54.40 -24.22
C LEU E 239 -22.50 -55.79 -23.75
N ALA F 2 27.12 39.27 -44.05
CA ALA F 2 26.02 38.35 -44.49
C ALA F 2 25.64 37.39 -43.34
N ALA F 3 25.84 36.08 -43.55
CA ALA F 3 25.45 35.07 -42.57
C ALA F 3 26.29 35.20 -41.32
N TRP F 4 25.75 34.74 -40.19
CA TRP F 4 26.51 34.75 -38.96
C TRP F 4 25.95 33.68 -38.06
N ASN F 5 26.73 33.34 -37.05
CA ASN F 5 26.33 32.33 -36.07
C ASN F 5 26.95 32.61 -34.72
N TYR F 6 26.59 31.80 -33.76
CA TYR F 6 27.29 31.80 -32.49
C TYR F 6 28.39 30.76 -32.65
N GLY F 7 28.04 29.67 -33.33
CA GLY F 7 29.02 28.68 -33.71
C GLY F 7 29.38 27.72 -32.59
N GLU F 8 30.58 27.16 -32.69
CA GLU F 8 30.99 26.11 -31.79
C GLU F 8 32.24 26.57 -31.07
N VAL F 9 32.54 25.98 -29.92
CA VAL F 9 33.74 26.36 -29.18
C VAL F 9 35.01 26.31 -30.08
N ALA F 10 35.85 27.35 -29.97
CA ALA F 10 36.94 27.62 -30.90
C ALA F 10 38.20 26.83 -30.61
N GLY F 11 38.21 26.13 -29.47
CA GLY F 11 39.40 25.45 -29.00
C GLY F 11 39.69 24.11 -29.66
N PRO F 12 38.65 23.28 -29.84
CA PRO F 12 38.91 21.99 -30.48
C PRO F 12 39.55 22.04 -31.89
N PRO F 13 39.08 22.90 -32.81
CA PRO F 13 39.69 22.83 -34.14
C PRO F 13 41.09 23.44 -34.20
N THR F 14 41.61 23.92 -33.06
CA THR F 14 42.97 24.43 -33.01
C THR F 14 43.89 23.42 -32.29
N TRP F 15 43.30 22.31 -31.86
CA TRP F 15 44.04 21.29 -31.15
C TRP F 15 45.09 20.69 -32.08
N LYS F 16 46.34 20.63 -31.61
CA LYS F 16 47.46 20.22 -32.43
C LYS F 16 47.82 18.76 -32.19
N GLY F 17 48.55 18.20 -33.15
CA GLY F 17 49.08 16.87 -33.01
C GLY F 17 48.22 15.80 -33.64
N VAL F 18 48.14 14.66 -32.95
CA VAL F 18 47.33 13.57 -33.41
C VAL F 18 45.89 14.05 -33.40
N CYS F 19 45.57 14.95 -32.47
CA CYS F 19 44.24 15.58 -32.46
C CYS F 19 43.85 16.04 -33.87
N ALA F 20 44.84 16.45 -34.68
CA ALA F 20 44.57 17.05 -35.98
C ALA F 20 44.88 16.13 -37.18
N THR F 21 45.76 15.18 -36.95
CA THR F 21 46.27 14.38 -38.05
C THR F 21 45.90 12.88 -37.95
N GLY F 22 45.54 12.41 -36.75
CA GLY F 22 45.23 11.01 -36.54
C GLY F 22 44.07 10.62 -37.42
N LYS F 23 43.90 9.32 -37.70
CA LYS F 23 42.76 8.92 -38.54
C LYS F 23 41.85 7.92 -37.82
N ARG F 24 42.09 7.74 -36.52
CA ARG F 24 41.22 6.94 -35.64
C ARG F 24 40.82 7.81 -34.42
N GLN F 25 40.08 8.89 -34.68
CA GLN F 25 39.77 9.89 -33.64
C GLN F 25 38.38 9.73 -33.01
N SER F 26 38.27 10.05 -31.73
CA SER F 26 36.98 10.02 -31.06
C SER F 26 36.57 11.47 -30.74
N PRO F 27 35.25 11.73 -30.65
CA PRO F 27 34.15 10.77 -30.77
C PRO F 27 33.67 10.63 -32.22
N ILE F 28 32.62 9.84 -32.40
CA ILE F 28 32.12 9.56 -33.73
C ILE F 28 30.63 9.38 -33.67
N ASN F 29 30.00 9.54 -34.83
CA ASN F 29 28.61 9.14 -34.97
C ASN F 29 28.50 7.60 -35.00
N ILE F 30 27.48 7.11 -34.33
CA ILE F 30 27.21 5.70 -34.22
C ILE F 30 25.86 5.42 -34.88
N PRO F 31 25.88 4.84 -36.08
CA PRO F 31 24.64 4.48 -36.78
C PRO F 31 23.87 3.41 -36.03
N LEU F 32 22.54 3.48 -36.04
CA LEU F 32 21.72 2.41 -35.50
C LEU F 32 20.77 1.90 -36.57
N ASN F 33 19.92 2.82 -37.02
CA ASN F 33 18.87 2.57 -38.03
C ASN F 33 19.43 2.56 -39.44
N THR F 34 20.74 2.48 -39.56
CA THR F 34 21.34 2.35 -40.87
C THR F 34 20.80 1.07 -41.52
N SER F 35 20.56 1.14 -42.83
CA SER F 35 20.15 -0.01 -43.63
C SER F 35 21.38 -0.90 -43.90
N ALA F 36 22.56 -0.30 -43.87
CA ALA F 36 23.79 -1.05 -44.09
C ALA F 36 24.00 -2.04 -42.93
N PRO F 37 24.57 -3.23 -43.24
CA PRO F 37 24.77 -4.32 -42.26
C PRO F 37 25.90 -4.03 -41.26
N LYS F 38 25.79 -4.62 -40.08
CA LYS F 38 26.64 -4.28 -38.96
C LYS F 38 27.52 -5.47 -38.63
N VAL F 39 28.81 -5.21 -38.42
CA VAL F 39 29.77 -6.25 -38.01
C VAL F 39 29.59 -6.49 -36.53
N ASP F 40 29.63 -7.75 -36.16
CA ASP F 40 29.35 -8.15 -34.79
C ASP F 40 30.56 -8.07 -33.92
N ALA F 41 30.38 -7.63 -32.68
CA ALA F 41 31.50 -7.58 -31.75
C ALA F 41 31.92 -9.00 -31.32
N GLU F 42 30.94 -9.86 -31.07
CA GLU F 42 31.21 -11.20 -30.53
C GLU F 42 32.09 -11.12 -29.29
N MET F 43 31.74 -10.23 -28.35
CA MET F 43 32.53 -10.06 -27.13
C MET F 43 31.75 -10.44 -25.87
N GLY F 44 30.54 -10.93 -26.05
CA GLY F 44 29.70 -11.26 -24.92
C GLY F 44 29.24 -10.01 -24.21
N GLU F 45 29.23 -10.04 -22.89
CA GLU F 45 28.67 -8.94 -22.13
C GLU F 45 29.62 -8.50 -21.03
N PHE F 46 29.42 -7.28 -20.56
CA PHE F 46 30.25 -6.72 -19.52
C PHE F 46 29.88 -7.33 -18.18
N ASP F 47 30.89 -7.52 -17.35
CA ASP F 47 30.65 -7.86 -15.96
C ASP F 47 31.50 -6.94 -15.11
N PHE F 48 30.83 -6.27 -14.18
CA PHE F 48 31.47 -5.24 -13.38
C PHE F 48 31.83 -5.74 -11.99
N ALA F 49 33.03 -5.39 -11.57
CA ALA F 49 33.49 -5.65 -10.22
C ALA F 49 34.07 -4.34 -9.70
N TYR F 50 33.19 -3.35 -9.58
CA TYR F 50 33.57 -2.07 -9.04
C TYR F 50 33.37 -2.10 -7.54
N GLY F 51 34.48 -2.33 -6.81
CA GLY F 51 34.43 -2.78 -5.42
C GLY F 51 35.07 -1.87 -4.39
N SER F 52 36.30 -1.44 -4.64
CA SER F 52 37.00 -0.56 -3.70
C SER F 52 36.80 0.92 -4.07
N PHE F 53 35.60 1.42 -3.81
CA PHE F 53 35.20 2.76 -4.21
C PHE F 53 34.85 3.67 -3.03
N GLU F 54 35.28 3.29 -1.83
CA GLU F 54 34.85 3.99 -0.62
C GLU F 54 35.78 5.15 -0.26
N LYS F 55 36.92 5.24 -0.94
CA LYS F 55 37.82 6.36 -0.78
C LYS F 55 38.16 6.92 -2.17
N CYS F 56 37.48 7.98 -2.57
CA CYS F 56 37.72 8.59 -3.88
C CYS F 56 38.29 9.98 -3.73
N ASP F 57 38.76 10.53 -4.83
CA ASP F 57 39.32 11.87 -4.84
C ASP F 57 38.72 12.65 -6.00
N VAL F 58 37.83 13.61 -5.68
CA VAL F 58 37.18 14.39 -6.73
C VAL F 58 38.05 15.59 -7.06
N LEU F 59 38.23 15.87 -8.35
CA LEU F 59 39.11 16.97 -8.75
C LEU F 59 38.62 17.79 -9.94
N ASN F 60 38.99 19.07 -9.89
CA ASN F 60 38.63 20.03 -10.88
C ASN F 60 39.73 20.08 -11.91
N THR F 61 39.46 19.55 -13.10
CA THR F 61 40.49 19.45 -14.11
C THR F 61 40.89 20.82 -14.65
N GLY F 62 40.13 21.85 -14.31
CA GLY F 62 40.31 23.15 -14.94
C GLY F 62 39.97 23.10 -16.42
N HIS F 63 39.24 22.06 -16.84
CA HIS F 63 38.89 21.85 -18.24
C HIS F 63 37.40 21.57 -18.44
N GLY F 64 36.65 22.10 -17.50
CA GLY F 64 35.21 22.00 -17.59
C GLY F 64 34.73 20.98 -16.62
N THR F 65 35.15 19.74 -16.79
CA THR F 65 34.52 18.70 -16.00
C THR F 65 35.23 18.48 -14.68
N MET F 66 34.52 17.88 -13.73
CA MET F 66 35.23 17.35 -12.59
C MET F 66 35.62 15.95 -13.01
N GLN F 67 36.56 15.38 -12.28
CA GLN F 67 37.03 14.02 -12.50
C GLN F 67 37.07 13.29 -11.14
N VAL F 68 36.37 12.16 -11.05
CA VAL F 68 36.45 11.30 -9.87
C VAL F 68 37.52 10.22 -10.07
N ASN F 69 38.60 10.22 -9.26
CA ASN F 69 39.68 9.24 -9.38
C ASN F 69 39.54 8.15 -8.39
N PHE F 70 39.64 6.91 -8.87
CA PHE F 70 39.51 5.75 -8.03
C PHE F 70 40.85 5.12 -7.68
N PRO F 71 40.86 4.31 -6.59
CA PRO F 71 42.04 3.51 -6.29
C PRO F 71 42.01 2.26 -7.14
N ALA F 72 43.16 1.59 -7.22
CA ALA F 72 43.23 0.31 -7.90
C ALA F 72 42.24 -0.64 -7.24
N GLY F 73 41.71 -1.59 -8.02
CA GLY F 73 40.91 -2.66 -7.46
C GLY F 73 39.53 -2.75 -8.03
N ASN F 74 39.15 -1.74 -8.82
CA ASN F 74 37.83 -1.70 -9.45
C ASN F 74 37.91 -2.23 -10.87
N LEU F 75 37.22 -3.32 -11.16
CA LEU F 75 37.47 -4.05 -12.40
C LEU F 75 36.21 -4.20 -13.20
N ALA F 76 36.39 -4.26 -14.52
CA ALA F 76 35.32 -4.60 -15.42
C ALA F 76 35.88 -5.65 -16.36
N PHE F 77 35.04 -6.59 -16.80
CA PHE F 77 35.48 -7.69 -17.68
C PHE F 77 34.58 -7.77 -18.89
N ILE F 78 35.19 -7.63 -20.07
CA ILE F 78 34.49 -7.78 -21.34
C ILE F 78 35.36 -8.61 -22.26
N GLY F 79 34.72 -9.44 -23.11
CA GLY F 79 35.47 -10.39 -23.92
C GLY F 79 36.27 -11.21 -22.92
N ASN F 80 37.59 -11.12 -23.02
CA ASN F 80 38.40 -11.69 -21.98
C ASN F 80 39.45 -10.67 -21.63
N MET F 81 39.08 -9.41 -21.81
CA MET F 81 39.96 -8.33 -21.39
C MET F 81 39.57 -7.88 -20.00
N GLU F 82 40.56 -7.44 -19.24
CA GLU F 82 40.35 -7.01 -17.87
C GLU F 82 40.70 -5.54 -17.80
N LEU F 83 39.66 -4.73 -17.55
CA LEU F 83 39.76 -3.27 -17.45
C LEU F 83 39.80 -2.83 -16.01
N GLU F 84 40.80 -2.06 -15.68
CA GLU F 84 40.93 -1.50 -14.36
C GLU F 84 40.50 -0.04 -14.34
N LEU F 85 39.41 0.28 -13.63
CA LEU F 85 38.86 1.64 -13.56
C LEU F 85 39.86 2.63 -13.00
N LEU F 86 40.13 3.70 -13.75
CA LEU F 86 41.07 4.75 -13.32
C LEU F 86 40.34 5.97 -12.78
N GLN F 87 39.28 6.38 -13.47
CA GLN F 87 38.59 7.62 -13.19
C GLN F 87 37.39 7.79 -14.10
N PHE F 88 36.47 8.67 -13.69
CA PHE F 88 35.36 9.07 -14.57
C PHE F 88 35.13 10.56 -14.57
N HIS F 89 34.60 11.05 -15.68
CA HIS F 89 34.26 12.46 -15.84
C HIS F 89 33.09 12.50 -16.81
N PHE F 90 32.61 13.70 -17.16
CA PHE F 90 31.49 13.82 -18.10
C PHE F 90 31.67 14.93 -19.11
N HIS F 91 30.82 14.94 -20.12
CA HIS F 91 30.79 16.05 -21.07
C HIS F 91 29.33 16.47 -21.30
N ALA F 92 29.08 17.76 -21.54
CA ALA F 92 27.75 18.21 -21.97
C ALA F 92 27.91 19.16 -23.14
N PRO F 93 27.16 18.93 -24.24
CA PRO F 93 26.30 17.78 -24.49
C PRO F 93 27.18 16.56 -24.69
N SER F 94 26.61 15.43 -25.12
CA SER F 94 27.39 14.21 -25.27
C SER F 94 28.38 14.38 -26.40
N GLU F 95 29.46 13.62 -26.31
CA GLU F 95 30.47 13.63 -27.34
C GLU F 95 30.04 12.74 -28.50
N HIS F 96 29.78 11.47 -28.26
CA HIS F 96 29.27 10.58 -29.32
C HIS F 96 27.84 10.92 -29.72
N ALA F 97 27.44 10.45 -30.90
CA ALA F 97 26.09 10.68 -31.41
C ALA F 97 25.46 9.40 -31.91
N MET F 98 24.16 9.29 -31.78
CA MET F 98 23.43 8.17 -32.35
C MET F 98 22.62 8.74 -33.47
N ASP F 99 22.98 8.33 -34.68
CA ASP F 99 22.33 8.81 -35.90
C ASP F 99 22.23 10.32 -35.88
N GLY F 100 23.36 10.99 -35.67
CA GLY F 100 23.44 12.45 -35.63
C GLY F 100 22.83 13.14 -34.40
N ARG F 101 22.27 12.38 -33.45
CA ARG F 101 21.68 12.99 -32.29
C ARG F 101 22.52 12.87 -31.00
N ARG F 102 22.77 14.00 -30.35
CA ARG F 102 23.53 14.02 -29.11
C ARG F 102 22.61 14.04 -27.90
N TYR F 103 23.20 13.83 -26.72
CA TYR F 103 22.42 13.77 -25.48
C TYR F 103 22.93 14.84 -24.52
N ALA F 104 22.26 14.96 -23.39
CA ALA F 104 22.48 16.12 -22.54
C ALA F 104 23.85 15.99 -21.95
N MET F 105 24.20 14.76 -21.60
CA MET F 105 25.53 14.47 -21.09
C MET F 105 26.07 13.12 -21.59
N GLU F 106 27.38 12.94 -21.46
CA GLU F 106 27.98 11.61 -21.67
C GLU F 106 28.89 11.37 -20.50
N ALA F 107 28.68 10.27 -19.78
CA ALA F 107 29.65 9.86 -18.77
C ALA F 107 30.71 8.99 -19.41
N HIS F 108 31.96 9.26 -19.05
CA HIS F 108 33.13 8.49 -19.47
C HIS F 108 33.83 7.86 -18.29
N LEU F 109 33.85 6.52 -18.26
CA LEU F 109 34.63 5.76 -17.28
C LEU F 109 35.91 5.27 -17.94
N VAL F 110 37.01 5.91 -17.58
CA VAL F 110 38.30 5.65 -18.19
C VAL F 110 39.00 4.50 -17.48
N HIS F 111 39.35 3.45 -18.24
CA HIS F 111 39.99 2.25 -17.68
C HIS F 111 41.36 2.04 -18.25
N LYS F 112 42.27 1.57 -17.41
CA LYS F 112 43.49 0.93 -17.89
C LYS F 112 43.14 -0.48 -18.39
N ASN F 113 43.45 -0.75 -19.66
CA ASN F 113 43.24 -2.09 -20.20
C ASN F 113 44.52 -2.92 -19.96
N LYS F 114 44.40 -3.89 -19.05
CA LYS F 114 45.55 -4.69 -18.65
C LYS F 114 45.96 -5.65 -19.75
N SER F 115 45.00 -6.02 -20.59
CA SER F 115 45.22 -6.99 -21.65
C SER F 115 45.80 -6.41 -22.93
N THR F 116 46.01 -5.10 -23.01
CA THR F 116 46.49 -4.50 -24.25
C THR F 116 47.54 -3.43 -24.01
N GLY F 117 47.55 -2.89 -22.80
CA GLY F 117 48.45 -1.82 -22.43
C GLY F 117 47.90 -0.44 -22.78
N ASN F 118 46.67 -0.38 -23.26
CA ASN F 118 46.13 0.89 -23.71
C ASN F 118 45.05 1.33 -22.75
N LEU F 119 44.39 2.43 -23.06
CA LEU F 119 43.19 2.81 -22.31
C LEU F 119 41.97 2.20 -22.95
N ALA F 120 40.92 2.04 -22.16
CA ALA F 120 39.62 1.62 -22.65
C ALA F 120 38.56 2.49 -21.96
N VAL F 121 37.76 3.19 -22.74
CA VAL F 121 36.79 4.11 -22.17
C VAL F 121 35.39 3.61 -22.45
N LEU F 122 34.60 3.61 -21.37
CA LEU F 122 33.19 3.27 -21.46
C LEU F 122 32.37 4.57 -21.42
N GLY F 123 31.53 4.73 -22.44
CA GLY F 123 30.72 5.90 -22.60
C GLY F 123 29.28 5.55 -22.33
N ILE F 124 28.64 6.35 -21.47
CA ILE F 124 27.21 6.19 -21.23
C ILE F 124 26.44 7.50 -21.47
N MET F 125 25.29 7.37 -22.12
CA MET F 125 24.49 8.53 -22.43
C MET F 125 23.63 8.92 -21.24
N LEU F 126 23.62 10.23 -20.95
CA LEU F 126 22.71 10.78 -19.95
C LEU F 126 21.55 11.61 -20.56
N GLU F 127 20.33 11.26 -20.15
CA GLU F 127 19.08 11.88 -20.60
C GLU F 127 18.35 12.63 -19.49
N PRO F 128 17.67 13.73 -19.82
CA PRO F 128 16.84 14.39 -18.80
C PRO F 128 15.53 13.65 -18.60
N GLY F 129 14.78 14.02 -17.56
CA GLY F 129 13.55 13.33 -17.18
C GLY F 129 13.74 12.38 -16.00
N GLY F 130 14.93 12.34 -15.43
CA GLY F 130 15.21 11.38 -14.40
C GLY F 130 14.54 11.70 -13.09
N LEU F 131 13.84 10.71 -12.53
CA LEU F 131 13.11 10.92 -11.29
C LEU F 131 13.97 10.92 -10.03
N ILE F 132 15.22 10.45 -10.12
CA ILE F 132 16.08 10.39 -8.94
C ILE F 132 17.49 10.90 -9.21
N LYS F 133 17.94 11.82 -8.38
CA LYS F 133 19.32 12.25 -8.41
C LYS F 133 20.25 11.01 -8.55
N ASN F 134 20.97 10.90 -9.67
CA ASN F 134 22.01 9.90 -9.79
C ASN F 134 23.07 10.14 -8.72
N PRO F 135 23.20 9.22 -7.75
CA PRO F 135 24.15 9.32 -6.62
C PRO F 135 25.56 9.78 -6.96
N ALA F 136 26.19 9.12 -7.94
CA ALA F 136 27.59 9.34 -8.24
C ALA F 136 27.75 10.70 -8.89
N LEU F 137 26.80 11.06 -9.75
CA LEU F 137 26.83 12.39 -10.34
C LEU F 137 26.67 13.47 -9.26
N SER F 138 25.75 13.22 -8.32
CA SER F 138 25.47 14.20 -7.26
C SER F 138 26.67 14.31 -6.35
N THR F 139 27.28 13.19 -6.00
CA THR F 139 28.44 13.25 -5.13
C THR F 139 29.57 13.98 -5.86
N ALA F 140 29.72 13.68 -7.14
CA ALA F 140 30.72 14.34 -7.95
C ALA F 140 30.48 15.86 -7.98
N LEU F 141 29.22 16.29 -8.15
CA LEU F 141 28.82 17.71 -8.12
C LEU F 141 28.97 18.39 -6.74
N GLU F 142 28.63 17.67 -5.67
CA GLU F 142 28.76 18.18 -4.32
C GLU F 142 30.21 18.43 -3.99
N VAL F 143 31.00 17.38 -4.11
CA VAL F 143 32.39 17.39 -3.61
C VAL F 143 33.31 18.25 -4.49
N ALA F 144 32.95 18.41 -5.78
CA ALA F 144 33.87 18.96 -6.78
C ALA F 144 34.41 20.34 -6.40
N PRO F 145 35.70 20.43 -6.06
CA PRO F 145 36.34 21.71 -5.81
C PRO F 145 36.04 22.74 -6.88
N GLU F 146 35.96 24.00 -6.48
CA GLU F 146 35.55 25.03 -7.39
C GLU F 146 36.75 25.84 -7.87
N VAL F 147 37.88 25.72 -7.21
CA VAL F 147 39.13 26.33 -7.69
C VAL F 147 39.85 25.38 -8.64
N PRO F 148 40.26 25.88 -9.82
CA PRO F 148 40.85 25.02 -10.87
C PRO F 148 42.04 24.20 -10.42
N LEU F 149 42.11 22.96 -10.88
CA LEU F 149 43.20 22.03 -10.57
C LEU F 149 43.33 21.73 -9.09
N ALA F 150 42.21 21.72 -8.35
CA ALA F 150 42.24 21.36 -6.93
C ALA F 150 41.56 20.01 -6.65
N LYS F 151 42.13 19.22 -5.74
CA LYS F 151 41.60 17.88 -5.44
C LYS F 151 40.85 17.92 -4.11
N LYS F 152 39.99 16.93 -3.86
CA LYS F 152 39.32 16.82 -2.58
C LYS F 152 38.79 15.39 -2.35
N PRO F 153 39.12 14.79 -1.18
CA PRO F 153 38.60 13.43 -0.93
C PRO F 153 37.11 13.40 -0.72
N SER F 154 36.45 12.37 -1.25
CA SER F 154 35.04 12.20 -1.02
C SER F 154 34.77 11.46 0.28
N PRO F 155 34.20 12.16 1.28
CA PRO F 155 33.80 11.48 2.53
C PRO F 155 32.58 10.57 2.31
N LYS F 156 32.06 10.57 1.09
CA LYS F 156 31.07 9.60 0.71
C LYS F 156 31.74 8.60 -0.22
N GLY F 157 31.19 7.39 -0.32
CA GLY F 157 31.64 6.48 -1.35
C GLY F 157 30.89 6.80 -2.63
N ILE F 158 31.57 6.71 -3.76
CA ILE F 158 30.94 6.97 -5.07
C ILE F 158 30.95 5.70 -5.89
N ASN F 159 29.79 5.07 -6.09
CA ASN F 159 29.78 3.78 -6.79
C ASN F 159 29.57 3.90 -8.30
N PRO F 160 30.63 3.67 -9.09
CA PRO F 160 30.52 3.90 -10.54
C PRO F 160 29.50 3.03 -11.28
N VAL F 161 29.06 1.92 -10.70
CA VAL F 161 28.09 1.10 -11.41
C VAL F 161 26.79 1.86 -11.60
N MET F 162 26.62 2.90 -10.80
CA MET F 162 25.45 3.75 -10.86
C MET F 162 25.39 4.58 -12.15
N LEU F 163 26.53 4.73 -12.82
CA LEU F 163 26.61 5.40 -14.13
C LEU F 163 26.31 4.50 -15.36
N LEU F 164 25.92 3.25 -15.13
CA LEU F 164 25.70 2.31 -16.23
C LEU F 164 24.23 2.04 -16.40
N PRO F 165 23.79 1.83 -17.65
CA PRO F 165 22.39 1.47 -17.87
C PRO F 165 22.04 0.15 -17.26
N LYS F 166 20.75 -0.08 -17.04
CA LYS F 166 20.32 -1.31 -16.39
C LYS F 166 20.25 -2.35 -17.47
N LYS F 167 20.49 -3.59 -17.07
CA LYS F 167 20.46 -4.70 -18.01
C LYS F 167 19.11 -4.68 -18.68
N SER F 168 19.08 -5.09 -19.94
CA SER F 168 17.82 -5.21 -20.67
C SER F 168 17.05 -6.46 -20.24
N LYS F 169 15.89 -6.65 -20.85
CA LYS F 169 15.01 -7.76 -20.54
C LYS F 169 15.61 -9.10 -21.00
N ALA F 170 16.84 -9.04 -21.50
CA ALA F 170 17.56 -10.24 -21.89
C ALA F 170 18.95 -10.25 -21.28
N GLY F 171 19.14 -9.56 -20.16
CA GLY F 171 20.39 -9.60 -19.41
C GLY F 171 21.58 -8.90 -20.07
N THR F 172 21.29 -8.20 -21.17
CA THR F 172 22.31 -7.50 -21.94
C THR F 172 22.33 -6.02 -21.60
N ARG F 173 23.49 -5.40 -21.70
CA ARG F 173 23.60 -3.95 -21.86
C ARG F 173 24.25 -3.78 -23.24
N PRO F 174 23.44 -3.61 -24.29
CA PRO F 174 23.95 -3.42 -25.66
C PRO F 174 24.99 -2.31 -25.77
N PHE F 175 25.95 -2.45 -26.68
CA PHE F 175 26.97 -1.42 -26.85
C PHE F 175 27.61 -1.52 -28.21
N VAL F 176 28.48 -0.56 -28.49
CA VAL F 176 29.33 -0.65 -29.67
C VAL F 176 30.74 -0.55 -29.20
N HIS F 177 31.62 -1.25 -29.92
CA HIS F 177 33.06 -1.19 -29.71
C HIS F 177 33.70 -0.67 -30.96
N TYR F 178 34.67 0.20 -30.78
CA TYR F 178 35.43 0.67 -31.91
C TYR F 178 36.74 1.26 -31.44
N PRO F 179 37.75 1.20 -32.30
CA PRO F 179 39.03 1.74 -31.86
C PRO F 179 39.11 3.23 -32.15
N GLY F 180 39.58 4.01 -31.19
CA GLY F 180 39.73 5.44 -31.41
C GLY F 180 40.65 6.07 -30.39
N SER F 181 40.43 7.34 -30.10
CA SER F 181 41.39 8.13 -29.35
C SER F 181 40.81 8.71 -28.05
N LEU F 182 41.66 9.28 -27.21
CA LEU F 182 41.22 10.26 -26.23
C LEU F 182 40.57 11.44 -26.96
N THR F 183 39.50 12.01 -26.41
CA THR F 183 38.82 13.15 -27.05
C THR F 183 39.39 14.49 -26.63
N THR F 184 40.33 14.49 -25.68
CA THR F 184 41.07 15.71 -25.30
C THR F 184 42.59 15.58 -25.57
N PRO F 185 43.25 16.69 -25.95
CA PRO F 185 44.70 16.67 -26.24
C PRO F 185 45.51 15.90 -25.19
N PRO F 186 46.44 15.03 -25.60
CA PRO F 186 47.01 14.85 -26.94
C PRO F 186 46.17 14.01 -27.91
N CYS F 187 45.00 13.52 -27.52
CA CYS F 187 44.15 12.76 -28.44
C CYS F 187 44.81 11.46 -28.90
N SER F 188 45.59 10.88 -27.99
CA SER F 188 46.33 9.67 -28.27
C SER F 188 45.45 8.54 -28.82
N GLU F 189 45.86 7.93 -29.92
CA GLU F 189 45.07 6.84 -30.45
C GLU F 189 45.38 5.56 -29.66
N GLY F 190 44.82 4.44 -30.07
CA GLY F 190 45.01 3.22 -29.33
C GLY F 190 44.02 2.98 -28.22
N VAL F 191 43.02 3.84 -28.10
CA VAL F 191 41.98 3.65 -27.10
C VAL F 191 40.82 2.79 -27.61
N ASP F 192 40.50 1.70 -26.90
CA ASP F 192 39.26 0.96 -27.15
C ASP F 192 38.03 1.70 -26.53
N TRP F 193 37.08 2.12 -27.39
CA TRP F 193 35.83 2.74 -26.97
C TRP F 193 34.72 1.71 -26.95
N PHE F 194 34.04 1.65 -25.80
CA PHE F 194 32.80 0.91 -25.68
C PHE F 194 31.73 1.92 -25.31
N VAL F 195 30.68 2.02 -26.12
CA VAL F 195 29.64 3.04 -25.92
C VAL F 195 28.29 2.36 -25.81
N PHE F 196 27.66 2.55 -24.65
CA PHE F 196 26.43 1.81 -24.37
C PHE F 196 25.29 2.45 -25.10
N MET F 197 24.42 1.60 -25.63
CA MET F 197 23.31 2.07 -26.45
C MET F 197 22.19 2.71 -25.64
N GLN F 198 21.96 2.19 -24.43
CA GLN F 198 20.84 2.58 -23.59
C GLN F 198 21.24 3.70 -22.60
N PRO F 199 20.53 4.83 -22.62
CA PRO F 199 20.95 5.94 -21.76
C PRO F 199 20.36 5.81 -20.39
N ILE F 200 21.04 6.37 -19.39
CA ILE F 200 20.45 6.47 -18.07
C ILE F 200 19.72 7.82 -17.95
N LYS F 201 18.60 7.81 -17.23
CA LYS F 201 17.81 9.02 -16.99
C LYS F 201 18.24 9.68 -15.69
N VAL F 202 18.38 10.99 -15.77
CA VAL F 202 18.91 11.81 -14.70
C VAL F 202 17.98 13.04 -14.66
N PRO F 203 17.70 13.60 -13.46
CA PRO F 203 16.89 14.82 -13.36
C PRO F 203 17.56 16.05 -13.97
N ASP F 204 16.75 16.86 -14.65
CA ASP F 204 17.19 18.05 -15.37
C ASP F 204 18.13 18.94 -14.53
N SER F 205 17.91 18.93 -13.21
CA SER F 205 18.72 19.73 -12.30
C SER F 205 20.19 19.30 -12.33
N GLN F 206 20.47 18.00 -12.48
CA GLN F 206 21.88 17.60 -12.48
C GLN F 206 22.59 18.01 -13.77
N ILE F 207 21.87 17.94 -14.87
CA ILE F 207 22.42 18.37 -16.14
C ILE F 207 22.72 19.87 -16.04
N LEU F 208 21.76 20.66 -15.53
CA LEU F 208 22.07 22.06 -15.35
C LEU F 208 23.22 22.31 -14.38
N ASP F 209 23.19 21.67 -13.21
CA ASP F 209 24.31 21.77 -12.24
C ASP F 209 25.69 21.46 -12.90
N PHE F 210 25.74 20.44 -13.76
CA PHE F 210 26.97 20.11 -14.47
C PHE F 210 27.36 21.23 -15.41
N MET F 211 26.40 21.69 -16.22
CA MET F 211 26.72 22.76 -17.15
C MET F 211 27.19 23.99 -16.42
N ARG F 212 26.65 24.17 -15.22
CA ARG F 212 27.03 25.31 -14.40
C ARG F 212 28.46 25.17 -13.90
N PHE F 213 28.81 23.95 -13.47
CA PHE F 213 30.20 23.65 -13.12
C PHE F 213 31.15 23.89 -14.31
N VAL F 214 30.79 23.38 -15.48
CA VAL F 214 31.59 23.63 -16.68
C VAL F 214 31.75 25.12 -16.95
N GLY F 215 30.73 25.91 -16.60
CA GLY F 215 30.77 27.35 -16.76
C GLY F 215 31.37 28.08 -15.58
N ASP F 216 32.22 27.40 -14.81
CA ASP F 216 32.96 28.02 -13.69
C ASP F 216 32.08 28.66 -12.62
N ASN F 217 30.85 28.21 -12.45
CA ASN F 217 29.89 28.87 -11.54
C ASN F 217 29.53 30.29 -11.90
N LYS F 218 29.70 30.65 -13.17
CA LYS F 218 29.44 32.00 -13.58
C LYS F 218 28.57 32.05 -14.85
N THR F 219 28.17 30.90 -15.38
CA THR F 219 27.48 30.84 -16.66
C THR F 219 27.17 29.38 -16.89
N TYR F 220 26.56 29.06 -18.03
CA TYR F 220 26.33 27.66 -18.38
C TYR F 220 27.10 27.43 -19.67
N ALA F 221 27.82 26.33 -19.73
CA ALA F 221 28.71 26.13 -20.84
C ALA F 221 28.83 24.64 -21.18
N THR F 222 29.55 24.34 -22.27
CA THR F 222 29.64 22.98 -22.82
C THR F 222 31.11 22.57 -22.83
N ASN F 223 31.41 21.28 -22.82
CA ASN F 223 32.79 20.79 -22.92
C ASN F 223 32.86 19.55 -23.82
N THR F 224 32.56 19.76 -25.10
CA THR F 224 32.40 18.66 -26.04
C THR F 224 33.30 18.85 -27.24
N ARG F 225 33.63 17.75 -27.91
CA ARG F 225 34.41 17.81 -29.13
C ARG F 225 33.57 17.39 -30.35
N PRO F 226 33.87 18.01 -31.47
CA PRO F 226 33.11 17.68 -32.67
C PRO F 226 33.33 16.24 -33.11
N LEU F 227 32.37 15.71 -33.84
CA LEU F 227 32.46 14.36 -34.37
C LEU F 227 33.62 14.25 -35.38
N GLN F 228 34.34 13.14 -35.34
CA GLN F 228 35.48 12.88 -36.23
C GLN F 228 35.14 11.82 -37.29
N LEU F 229 35.82 11.88 -38.45
CA LEU F 229 35.62 10.89 -39.54
C LEU F 229 35.92 9.49 -39.06
N LEU F 230 35.07 8.54 -39.45
CA LEU F 230 35.29 7.14 -39.14
C LEU F 230 36.52 6.68 -39.91
N ASN F 231 36.59 7.11 -41.16
CA ASN F 231 37.65 6.74 -42.07
C ASN F 231 37.71 5.22 -42.32
N SER F 232 38.87 4.59 -42.12
CA SER F 232 39.04 3.18 -42.49
C SER F 232 38.43 2.25 -41.45
N ARG F 233 38.09 2.79 -40.29
CA ARG F 233 37.53 2.00 -39.21
C ARG F 233 36.13 1.51 -39.53
N LEU F 234 35.75 0.46 -38.80
CA LEU F 234 34.36 0.04 -38.69
C LEU F 234 33.98 -0.03 -37.22
N VAL F 235 32.67 -0.01 -36.98
CA VAL F 235 32.12 -0.02 -35.66
C VAL F 235 31.57 -1.40 -35.43
N GLU F 236 31.98 -2.02 -34.33
CA GLU F 236 31.47 -3.35 -33.99
C GLU F 236 30.21 -3.10 -33.16
N TYR F 237 29.25 -4.03 -33.23
CA TYR F 237 28.03 -3.90 -32.46
C TYR F 237 27.78 -5.11 -31.57
N GLU F 238 27.68 -4.92 -30.26
CA GLU F 238 27.25 -5.99 -29.38
C GLU F 238 25.80 -5.78 -28.98
N LEU F 239 24.90 -5.72 -29.96
CA LEU F 239 23.48 -5.61 -29.66
C LEU F 239 22.92 -7.01 -29.43
N ALA G 2 6.00 10.26 16.37
CA ALA G 2 7.30 9.52 16.49
C ALA G 2 7.10 8.04 16.97
N ALA G 3 8.12 7.41 17.56
CA ALA G 3 8.03 5.98 17.96
C ALA G 3 8.83 5.69 19.25
N TRP G 4 8.16 5.19 20.28
CA TRP G 4 8.81 5.11 21.59
C TRP G 4 8.26 3.99 22.47
N ASN G 5 9.08 3.57 23.42
CA ASN G 5 8.73 2.50 24.34
C ASN G 5 9.45 2.71 25.65
N TYR G 6 9.12 1.88 26.63
CA TYR G 6 9.89 1.88 27.88
C TYR G 6 11.06 0.96 27.66
N GLY G 7 10.78 -0.10 26.91
CA GLY G 7 11.80 -1.03 26.51
C GLY G 7 12.19 -1.96 27.64
N GLU G 8 13.33 -2.62 27.52
CA GLU G 8 13.72 -3.57 28.50
C GLU G 8 14.87 -3.05 29.26
N VAL G 9 15.34 -3.80 30.23
CA VAL G 9 16.47 -3.32 31.02
C VAL G 9 17.68 -3.22 30.09
N ALA G 10 18.49 -2.19 30.31
CA ALA G 10 19.52 -1.76 29.36
C ALA G 10 20.78 -2.60 29.38
N GLY G 11 21.06 -3.24 30.52
CA GLY G 11 22.31 -3.93 30.75
C GLY G 11 22.61 -5.19 29.94
N PRO G 12 21.69 -6.16 29.98
CA PRO G 12 21.98 -7.48 29.38
C PRO G 12 22.45 -7.48 27.91
N PRO G 13 21.89 -6.63 27.03
CA PRO G 13 22.41 -6.68 25.65
C PRO G 13 23.82 -6.10 25.48
N THR G 14 24.45 -5.69 26.58
CA THR G 14 25.80 -5.13 26.54
C THR G 14 26.79 -5.97 27.34
N TRP G 15 26.34 -7.10 27.89
CA TRP G 15 27.22 -8.04 28.60
C TRP G 15 28.20 -8.60 27.57
N LYS G 16 29.46 -8.79 27.99
CA LYS G 16 30.55 -9.16 27.07
C LYS G 16 30.95 -10.64 27.15
N GLY G 17 31.98 -11.00 26.40
CA GLY G 17 32.48 -12.35 26.42
C GLY G 17 31.43 -13.33 25.96
N VAL G 18 31.39 -14.47 26.65
CA VAL G 18 30.55 -15.59 26.25
C VAL G 18 29.07 -15.15 26.24
N CYS G 19 28.76 -14.07 26.94
CA CYS G 19 27.39 -13.62 26.98
C CYS G 19 26.94 -13.28 25.60
N ALA G 20 27.84 -12.69 24.82
CA ALA G 20 27.54 -12.27 23.44
C ALA G 20 27.88 -13.31 22.39
N THR G 21 28.92 -14.11 22.62
CA THR G 21 29.44 -14.98 21.57
C THR G 21 28.94 -16.42 21.65
N GLY G 22 28.63 -16.90 22.86
CA GLY G 22 28.36 -18.31 23.07
C GLY G 22 27.17 -18.74 22.27
N LYS G 23 27.03 -20.05 21.98
CA LYS G 23 25.80 -20.52 21.33
C LYS G 23 25.02 -21.55 22.18
N ARG G 24 25.36 -21.66 23.46
CA ARG G 24 24.63 -22.54 24.39
C ARG G 24 24.29 -21.71 25.62
N GLN G 25 23.65 -20.57 25.39
CA GLN G 25 23.32 -19.60 26.44
C GLN G 25 21.92 -19.82 27.05
N SER G 26 21.74 -19.42 28.31
CA SER G 26 20.44 -19.51 28.96
C SER G 26 19.96 -18.11 29.31
N PRO G 27 18.64 -17.92 29.46
CA PRO G 27 17.58 -18.92 29.31
C PRO G 27 17.09 -19.06 27.87
N ILE G 28 16.09 -19.93 27.73
CA ILE G 28 15.52 -20.23 26.44
C ILE G 28 14.03 -20.39 26.57
N ASN G 29 13.33 -20.28 25.44
CA ASN G 29 11.95 -20.70 25.40
C ASN G 29 11.90 -22.21 25.35
N ILE G 30 10.96 -22.77 26.11
CA ILE G 30 10.77 -24.19 26.27
C ILE G 30 9.40 -24.55 25.71
N PRO G 31 9.36 -25.07 24.49
CA PRO G 31 8.06 -25.40 23.91
C PRO G 31 7.36 -26.50 24.70
N LEU G 32 6.04 -26.40 24.84
CA LEU G 32 5.25 -27.47 25.42
C LEU G 32 4.25 -27.94 24.38
N ASN G 33 3.36 -27.02 24.04
CA ASN G 33 2.25 -27.27 23.13
C ASN G 33 2.75 -27.18 21.69
N THR G 34 3.91 -27.77 21.44
CA THR G 34 4.47 -27.85 20.11
C THR G 34 4.08 -29.21 19.51
N SER G 35 3.78 -29.22 18.22
CA SER G 35 3.51 -30.47 17.48
C SER G 35 4.83 -31.19 17.25
N ALA G 36 5.90 -30.40 17.11
CA ALA G 36 7.26 -30.89 16.98
C ALA G 36 7.52 -32.03 18.00
N PRO G 37 8.04 -33.21 17.54
CA PRO G 37 8.35 -34.32 18.46
C PRO G 37 9.56 -34.05 19.35
N LYS G 38 9.57 -34.71 20.50
CA LYS G 38 10.38 -34.31 21.65
C LYS G 38 11.29 -35.43 22.11
N VAL G 39 12.58 -35.16 22.18
CA VAL G 39 13.58 -36.15 22.62
C VAL G 39 13.36 -36.48 24.08
N ASP G 40 13.20 -37.74 24.45
CA ASP G 40 13.02 -38.06 25.87
C ASP G 40 14.37 -38.05 26.58
N ALA G 41 14.38 -37.58 27.81
CA ALA G 41 15.62 -37.44 28.55
C ALA G 41 16.12 -38.76 29.10
N GLU G 42 15.18 -39.68 29.38
CA GLU G 42 15.48 -41.04 29.86
C GLU G 42 16.46 -41.01 31.03
N MET G 43 16.23 -40.09 31.95
CA MET G 43 17.10 -39.84 33.10
C MET G 43 16.43 -40.26 34.39
N GLY G 44 15.17 -40.63 34.30
CA GLY G 44 14.36 -40.90 35.48
C GLY G 44 14.04 -39.65 36.27
N GLU G 45 13.72 -39.85 37.54
CA GLU G 45 13.24 -38.79 38.40
C GLU G 45 14.23 -38.32 39.46
N PHE G 46 14.13 -37.05 39.81
CA PHE G 46 15.00 -36.47 40.81
C PHE G 46 14.67 -37.03 42.17
N ASP G 47 15.73 -37.24 42.97
CA ASP G 47 15.60 -37.58 44.38
C ASP G 47 16.40 -36.57 45.17
N PHE G 48 15.87 -36.15 46.33
CA PHE G 48 16.51 -35.10 47.11
C PHE G 48 16.96 -35.53 48.50
N ALA G 49 18.18 -35.11 48.85
CA ALA G 49 18.76 -35.36 50.17
C ALA G 49 19.29 -34.06 50.75
N TYR G 50 18.41 -33.05 50.82
CA TYR G 50 18.77 -31.75 51.36
C TYR G 50 18.54 -31.78 52.86
N GLY G 51 19.58 -32.16 53.60
CA GLY G 51 19.46 -32.33 55.05
C GLY G 51 20.22 -31.28 55.81
N SER G 52 21.47 -31.07 55.37
CA SER G 52 22.37 -30.11 56.00
C SER G 52 21.99 -28.62 55.72
N PHE G 53 20.75 -28.27 56.02
CA PHE G 53 20.20 -26.98 55.61
C PHE G 53 19.94 -26.01 56.77
N GLU G 54 20.26 -26.41 57.99
CA GLU G 54 20.31 -25.45 59.06
C GLU G 54 21.59 -24.68 58.81
N LYS G 55 21.81 -23.58 59.54
CA LYS G 55 23.05 -22.83 59.39
C LYS G 55 23.29 -22.36 57.94
N CYS G 56 22.56 -21.32 57.54
CA CYS G 56 22.66 -20.77 56.19
C CYS G 56 23.13 -19.34 56.24
N ASP G 57 23.87 -18.94 55.22
CA ASP G 57 24.17 -17.52 55.03
C ASP G 57 23.21 -16.89 54.01
N VAL G 58 22.74 -15.66 54.27
CA VAL G 58 21.94 -14.93 53.27
C VAL G 58 22.73 -13.71 52.81
N LEU G 59 22.97 -13.62 51.50
CA LEU G 59 23.93 -12.67 50.91
C LEU G 59 23.26 -11.75 49.89
N ASN G 60 23.57 -10.46 49.99
CA ASN G 60 23.00 -9.49 49.07
C ASN G 60 23.96 -9.24 47.94
N THR G 61 23.66 -9.78 46.78
CA THR G 61 24.66 -9.87 45.70
C THR G 61 24.95 -8.54 45.04
N GLY G 62 24.15 -7.53 45.33
CA GLY G 62 24.27 -6.26 44.65
C GLY G 62 23.92 -6.41 43.18
N HIS G 63 23.05 -7.37 42.89
CA HIS G 63 22.57 -7.60 41.54
C HIS G 63 21.11 -7.95 41.58
N GLY G 64 20.44 -7.33 42.54
CA GLY G 64 19.00 -7.49 42.65
C GLY G 64 18.63 -8.60 43.61
N THR G 65 18.93 -9.85 43.26
CA THR G 65 18.44 -10.96 44.07
C THR G 65 19.26 -11.10 45.34
N MET G 66 18.68 -11.72 46.37
CA MET G 66 19.52 -12.25 47.45
C MET G 66 19.91 -13.66 47.07
N GLN G 67 20.95 -14.17 47.74
CA GLN G 67 21.55 -15.49 47.48
C GLN G 67 21.68 -16.27 48.78
N VAL G 68 21.03 -17.42 48.88
CA VAL G 68 21.16 -18.26 50.07
C VAL G 68 22.27 -19.30 49.85
N ASN G 69 23.35 -19.22 50.64
CA ASN G 69 24.49 -20.14 50.54
C ASN G 69 24.33 -21.29 51.51
N PHE G 70 24.50 -22.50 50.99
CA PHE G 70 24.38 -23.68 51.81
C PHE G 70 25.75 -24.24 52.12
N PRO G 71 25.86 -24.92 53.27
CA PRO G 71 27.10 -25.66 53.56
C PRO G 71 27.12 -26.95 52.74
N ALA G 72 28.28 -27.58 52.66
CA ALA G 72 28.40 -28.85 51.94
C ALA G 72 27.48 -29.93 52.53
N GLY G 73 26.98 -30.84 51.70
CA GLY G 73 26.23 -31.96 52.25
C GLY G 73 24.80 -32.11 51.76
N ASN G 74 24.32 -31.10 51.05
CA ASN G 74 22.99 -31.18 50.51
C ASN G 74 23.10 -31.69 49.09
N LEU G 75 22.52 -32.86 48.90
CA LEU G 75 22.70 -33.59 47.66
C LEU G 75 21.37 -33.85 47.02
N ALA G 76 21.37 -33.77 45.68
CA ALA G 76 20.26 -34.26 44.85
C ALA G 76 20.82 -35.26 43.86
N PHE G 77 20.02 -36.25 43.47
CA PHE G 77 20.41 -37.25 42.45
C PHE G 77 19.43 -37.32 41.28
N ILE G 78 19.99 -37.38 40.08
CA ILE G 78 19.20 -37.53 38.87
C ILE G 78 20.10 -38.25 37.88
N GLY G 79 19.52 -39.19 37.14
CA GLY G 79 20.31 -40.10 36.35
C GLY G 79 21.27 -40.80 37.27
N ASN G 80 22.49 -41.01 36.81
CA ASN G 80 23.52 -41.51 37.70
C ASN G 80 24.19 -40.34 38.39
N MET G 81 23.85 -39.11 38.01
CA MET G 81 24.58 -37.93 38.47
C MET G 81 24.27 -37.51 39.92
N GLU G 82 25.31 -37.07 40.62
CA GLU G 82 25.19 -36.52 41.96
C GLU G 82 25.38 -35.00 41.92
N LEU G 83 24.46 -34.27 42.55
CA LEU G 83 24.47 -32.81 42.52
C LEU G 83 24.54 -32.23 43.92
N GLU G 84 25.61 -31.49 44.21
CA GLU G 84 25.78 -30.87 45.52
C GLU G 84 25.28 -29.40 45.51
N LEU G 85 24.28 -29.11 46.33
CA LEU G 85 23.72 -27.76 46.37
C LEU G 85 24.69 -26.72 46.94
N LEU G 86 24.85 -25.62 46.21
CA LEU G 86 25.79 -24.55 46.60
C LEU G 86 24.99 -23.40 47.18
N GLN G 87 24.10 -22.89 46.34
CA GLN G 87 23.27 -21.77 46.70
C GLN G 87 21.96 -21.78 45.93
N PHE G 88 20.97 -21.05 46.44
CA PHE G 88 19.82 -20.68 45.62
C PHE G 88 19.53 -19.17 45.65
N HIS G 89 18.91 -18.72 44.58
CA HIS G 89 18.48 -17.33 44.45
C HIS G 89 17.26 -17.31 43.56
N PHE G 90 16.82 -16.10 43.21
CA PHE G 90 15.59 -15.92 42.41
C PHE G 90 15.72 -14.85 41.29
N HIS G 91 14.82 -14.97 40.31
CA HIS G 91 14.60 -13.95 39.29
C HIS G 91 13.11 -13.56 39.13
N ALA G 92 12.85 -12.29 38.86
CA ALA G 92 11.48 -11.81 38.60
C ALA G 92 11.55 -10.89 37.40
N PRO G 93 10.70 -11.14 36.38
CA PRO G 93 9.85 -12.32 36.21
C PRO G 93 10.81 -13.51 35.88
N SER G 94 10.26 -14.65 35.50
CA SER G 94 11.05 -15.85 35.31
C SER G 94 12.00 -15.62 34.16
N GLU G 95 13.09 -16.37 34.17
CA GLU G 95 14.07 -16.29 33.10
C GLU G 95 13.64 -17.18 31.95
N HIS G 96 13.38 -18.46 32.20
CA HIS G 96 12.88 -19.32 31.14
C HIS G 96 11.44 -19.01 30.81
N ALA G 97 10.96 -19.50 29.70
CA ALA G 97 9.60 -19.21 29.28
C ALA G 97 8.99 -20.50 28.80
N MET G 98 7.67 -20.60 28.86
CA MET G 98 7.00 -21.79 28.38
C MET G 98 5.97 -21.36 27.35
N ASP G 99 6.22 -21.76 26.10
CA ASP G 99 5.56 -21.18 24.93
C ASP G 99 5.40 -19.68 25.07
N GLY G 100 6.53 -18.98 25.08
CA GLY G 100 6.55 -17.54 25.05
C GLY G 100 6.13 -16.87 26.33
N ARG G 101 5.69 -17.61 27.29
CA ARG G 101 5.14 -17.02 28.44
C ARG G 101 5.92 -17.20 29.72
N ARG G 102 6.35 -16.10 30.28
CA ARG G 102 7.10 -16.10 31.53
C ARG G 102 6.21 -16.09 32.78
N TYR G 103 6.81 -16.40 33.91
CA TYR G 103 6.10 -16.51 35.18
C TYR G 103 6.56 -15.41 36.12
N ALA G 104 5.91 -15.28 37.27
CA ALA G 104 6.20 -14.18 38.20
C ALA G 104 7.62 -14.27 38.76
N MET G 105 7.98 -15.47 39.19
CA MET G 105 9.38 -15.65 39.58
C MET G 105 9.97 -16.97 39.09
N GLU G 106 11.29 -17.08 39.11
CA GLU G 106 11.94 -18.36 38.81
C GLU G 106 12.93 -18.57 39.90
N ALA G 107 12.87 -19.72 40.53
CA ALA G 107 13.86 -20.08 41.53
C ALA G 107 14.99 -20.83 40.84
N HIS G 108 16.21 -20.48 41.24
CA HIS G 108 17.42 -21.16 40.76
C HIS G 108 18.22 -21.80 41.89
N LEU G 109 18.24 -23.14 41.90
CA LEU G 109 19.08 -23.92 42.84
C LEU G 109 20.31 -24.35 42.11
N VAL G 110 21.43 -23.76 42.48
CA VAL G 110 22.67 -23.96 41.76
C VAL G 110 23.50 -25.03 42.47
N HIS G 111 23.94 -26.04 41.70
CA HIS G 111 24.67 -27.16 42.25
C HIS G 111 26.02 -27.35 41.59
N LYS G 112 26.96 -27.91 42.34
CA LYS G 112 28.14 -28.47 41.72
C LYS G 112 27.74 -29.86 41.21
N ASN G 113 28.05 -30.13 39.94
CA ASN G 113 27.78 -31.45 39.36
C ASN G 113 29.02 -32.35 39.56
N LYS G 114 28.93 -33.18 40.59
CA LYS G 114 30.05 -34.01 41.04
C LYS G 114 30.47 -35.04 39.99
N SER G 115 29.63 -35.23 38.97
CA SER G 115 29.84 -36.27 37.99
C SER G 115 30.47 -35.75 36.71
N THR G 116 30.24 -34.48 36.42
CA THR G 116 30.72 -33.89 35.18
C THR G 116 31.76 -32.82 35.44
N GLY G 117 31.77 -32.30 36.65
CA GLY G 117 32.65 -31.18 36.96
C GLY G 117 32.01 -29.85 36.60
N ASN G 118 30.85 -29.89 35.92
CA ASN G 118 30.08 -28.67 35.54
C ASN G 118 29.29 -28.06 36.72
N LEU G 119 28.42 -27.10 36.42
CA LEU G 119 27.41 -26.72 37.38
C LEU G 119 26.13 -27.33 36.90
N ALA G 120 25.20 -27.60 37.81
CA ALA G 120 23.82 -27.91 37.38
C ALA G 120 22.85 -26.93 38.00
N VAL G 121 21.99 -26.29 37.21
CA VAL G 121 20.95 -25.39 37.78
C VAL G 121 19.55 -25.99 37.68
N LEU G 122 18.92 -26.17 38.85
CA LEU G 122 17.52 -26.56 38.90
C LEU G 122 16.69 -25.26 38.93
N GLY G 123 15.63 -25.26 38.14
CA GLY G 123 14.86 -24.05 37.91
C GLY G 123 13.39 -24.32 38.15
N ILE G 124 12.80 -23.52 39.04
CA ILE G 124 11.37 -23.73 39.36
C ILE G 124 10.54 -22.47 39.15
N MET G 125 9.39 -22.62 38.48
CA MET G 125 8.53 -21.45 38.31
C MET G 125 7.67 -21.13 39.57
N LEU G 126 7.68 -19.85 39.94
CA LEU G 126 6.78 -19.33 40.96
C LEU G 126 5.66 -18.54 40.34
N GLU G 127 4.45 -18.95 40.68
CA GLU G 127 3.19 -18.30 40.26
C GLU G 127 2.48 -17.60 41.43
N PRO G 128 1.71 -16.53 41.15
CA PRO G 128 0.85 -15.94 42.19
C PRO G 128 -0.38 -16.80 42.44
N GLY G 129 -0.97 -16.72 43.63
CA GLY G 129 -2.16 -17.48 43.96
C GLY G 129 -2.02 -18.28 45.25
N GLY G 130 -0.85 -18.17 45.86
CA GLY G 130 -0.55 -19.00 47.00
C GLY G 130 -1.27 -18.60 48.27
N LEU G 131 -1.79 -19.60 48.97
CA LEU G 131 -2.38 -19.39 50.27
C LEU G 131 -1.37 -19.42 51.45
N ILE G 132 -0.25 -20.14 51.28
CA ILE G 132 0.79 -20.20 52.30
C ILE G 132 2.06 -19.50 51.82
N LYS G 133 2.64 -18.62 52.64
CA LYS G 133 3.94 -18.08 52.31
C LYS G 133 4.84 -19.29 52.05
N ASN G 134 5.78 -19.15 51.11
CA ASN G 134 6.81 -20.17 50.93
C ASN G 134 7.96 -19.94 51.91
N PRO G 135 8.19 -20.92 52.80
CA PRO G 135 9.05 -20.67 53.97
C PRO G 135 10.49 -20.32 53.62
N ALA G 136 10.98 -20.93 52.54
CA ALA G 136 12.37 -20.74 52.17
C ALA G 136 12.52 -19.33 51.62
N LEU G 137 11.66 -19.03 50.63
CA LEU G 137 11.51 -17.67 50.09
C LEU G 137 11.35 -16.62 51.19
N SER G 138 10.34 -16.83 52.04
CA SER G 138 10.11 -15.99 53.24
C SER G 138 11.38 -15.70 54.03
N THR G 139 12.07 -16.74 54.51
CA THR G 139 13.28 -16.54 55.32
C THR G 139 14.35 -15.80 54.52
N ALA G 140 14.42 -16.09 53.23
CA ALA G 140 15.40 -15.45 52.38
C ALA G 140 15.10 -13.97 52.33
N LEU G 141 13.81 -13.66 52.28
CA LEU G 141 13.34 -12.27 52.30
C LEU G 141 13.60 -11.56 53.64
N GLU G 142 13.16 -12.18 54.74
CA GLU G 142 13.38 -11.63 56.11
C GLU G 142 14.84 -11.38 56.42
N VAL G 143 15.70 -12.39 56.21
CA VAL G 143 17.08 -12.30 56.69
C VAL G 143 17.99 -11.45 55.79
N ALA G 144 17.67 -11.41 54.49
CA ALA G 144 18.56 -10.77 53.51
C ALA G 144 18.93 -9.36 53.92
N PRO G 145 20.23 -9.10 54.09
CA PRO G 145 20.74 -7.75 54.33
C PRO G 145 20.33 -6.74 53.26
N GLU G 146 19.74 -5.62 53.68
CA GLU G 146 19.39 -4.56 52.74
C GLU G 146 20.64 -3.84 52.26
N VAL G 147 21.70 -3.90 53.06
CA VAL G 147 23.00 -3.33 52.66
C VAL G 147 23.63 -4.21 51.56
N PRO G 148 23.96 -3.63 50.39
CA PRO G 148 24.45 -4.49 49.30
C PRO G 148 25.80 -5.09 49.60
N LEU G 149 26.07 -6.29 49.10
CA LEU G 149 27.32 -7.05 49.30
C LEU G 149 27.42 -7.71 50.67
N ALA G 150 26.58 -7.23 51.61
CA ALA G 150 26.56 -7.74 52.96
C ALA G 150 25.85 -9.09 53.05
N LYS G 151 26.47 -10.01 53.79
CA LYS G 151 25.90 -11.32 54.05
C LYS G 151 25.76 -11.53 55.54
N LYS G 152 24.68 -12.17 55.95
CA LYS G 152 24.53 -12.52 57.36
C LYS G 152 23.77 -13.85 57.57
N PRO G 153 24.16 -14.60 58.62
CA PRO G 153 23.72 -15.99 58.80
C PRO G 153 22.26 -16.07 59.19
N SER G 154 21.50 -16.92 58.53
CA SER G 154 20.09 -17.08 58.90
C SER G 154 20.00 -17.66 60.27
N PRO G 155 19.12 -17.10 61.13
CA PRO G 155 18.94 -17.72 62.45
C PRO G 155 17.99 -18.88 62.35
N LYS G 156 17.11 -18.87 61.36
CA LYS G 156 16.21 -19.97 61.14
C LYS G 156 16.84 -20.92 60.14
N GLY G 157 16.37 -22.16 60.10
CA GLY G 157 16.81 -23.11 59.09
C GLY G 157 16.04 -22.89 57.80
N ILE G 158 16.72 -23.10 56.68
CA ILE G 158 16.13 -22.88 55.36
C ILE G 158 16.12 -24.15 54.55
N ASN G 159 14.95 -24.74 54.35
CA ASN G 159 14.85 -25.99 53.64
C ASN G 159 14.63 -25.80 52.14
N PRO G 160 15.66 -26.06 51.32
CA PRO G 160 15.52 -25.77 49.89
C PRO G 160 14.58 -26.72 49.17
N VAL G 161 14.26 -27.88 49.74
CA VAL G 161 13.25 -28.75 49.13
C VAL G 161 11.90 -28.01 48.92
N MET G 162 11.67 -27.01 49.74
CA MET G 162 10.44 -26.22 49.72
C MET G 162 10.32 -25.40 48.44
N LEU G 163 11.44 -25.21 47.73
CA LEU G 163 11.38 -24.55 46.41
C LEU G 163 11.09 -25.51 45.24
N LEU G 164 10.95 -26.80 45.53
CA LEU G 164 10.65 -27.81 44.51
C LEU G 164 9.16 -28.00 44.37
N PRO G 165 8.67 -28.18 43.14
CA PRO G 165 7.26 -28.47 42.93
C PRO G 165 6.85 -29.81 43.58
N LYS G 166 5.56 -30.01 43.82
CA LYS G 166 5.06 -31.23 44.45
C LYS G 166 5.06 -32.33 43.38
N LYS G 167 5.18 -33.58 43.83
CA LYS G 167 5.08 -34.74 42.94
C LYS G 167 3.70 -34.82 42.27
N SER G 168 3.66 -35.35 41.05
CA SER G 168 2.41 -35.50 40.32
C SER G 168 1.57 -36.62 40.93
N LYS G 169 0.51 -37.01 40.22
CA LYS G 169 -0.27 -38.19 40.60
C LYS G 169 0.32 -39.45 39.98
N ALA G 170 1.62 -39.44 39.80
CA ALA G 170 2.33 -40.56 39.22
C ALA G 170 3.73 -40.63 39.79
N GLY G 171 3.99 -39.91 40.87
CA GLY G 171 5.28 -39.97 41.54
C GLY G 171 6.27 -38.94 41.02
N THR G 172 5.96 -38.34 39.86
CA THR G 172 6.97 -37.56 39.11
C THR G 172 6.96 -36.03 39.31
N ARG G 173 8.08 -35.42 38.94
CA ARG G 173 8.18 -33.98 38.81
C ARG G 173 8.72 -33.76 37.42
N PRO G 174 7.84 -33.54 36.44
CA PRO G 174 8.27 -33.41 35.05
C PRO G 174 9.24 -32.24 34.85
N PHE G 175 10.17 -32.39 33.94
CA PHE G 175 11.15 -31.35 33.71
C PHE G 175 11.71 -31.40 32.32
N VAL G 176 12.43 -30.35 31.95
CA VAL G 176 13.18 -30.40 30.72
C VAL G 176 14.61 -30.18 31.09
N HIS G 177 15.47 -30.80 30.29
CA HIS G 177 16.91 -30.73 30.51
C HIS G 177 17.56 -30.17 29.25
N TYR G 178 18.54 -29.31 29.43
CA TYR G 178 19.27 -28.84 28.26
C TYR G 178 20.58 -28.24 28.69
N PRO G 179 21.58 -28.27 27.81
CA PRO G 179 22.87 -27.65 28.15
C PRO G 179 22.81 -26.15 27.90
N GLY G 180 23.21 -25.32 28.86
CA GLY G 180 23.23 -23.91 28.65
C GLY G 180 24.29 -23.24 29.48
N SER G 181 24.01 -22.03 29.91
CA SER G 181 24.99 -21.23 30.62
C SER G 181 24.43 -20.60 31.89
N LEU G 182 25.29 -19.87 32.59
CA LEU G 182 24.85 -19.00 33.63
C LEU G 182 24.09 -17.86 32.96
N THR G 183 23.03 -17.35 33.59
CA THR G 183 22.24 -16.29 32.97
C THR G 183 22.77 -14.92 33.31
N THR G 184 23.89 -14.85 34.03
CA THR G 184 24.55 -13.59 34.35
C THR G 184 26.04 -13.64 33.94
N PRO G 185 26.70 -12.48 33.89
CA PRO G 185 28.10 -12.56 33.48
C PRO G 185 28.91 -13.32 34.52
N PRO G 186 29.97 -14.01 34.07
CA PRO G 186 30.47 -14.09 32.69
C PRO G 186 29.71 -15.09 31.77
N CYS G 187 28.52 -15.54 32.17
CA CYS G 187 27.68 -16.45 31.34
C CYS G 187 28.38 -17.72 30.91
N SER G 188 29.27 -18.23 31.75
CA SER G 188 30.07 -19.40 31.40
C SER G 188 29.16 -20.53 30.99
N GLU G 189 29.54 -21.25 29.95
CA GLU G 189 28.75 -22.36 29.45
C GLU G 189 29.11 -23.69 30.13
N GLY G 190 28.59 -24.78 29.61
CA GLY G 190 28.69 -26.05 30.29
C GLY G 190 27.93 -26.10 31.59
N VAL G 191 26.69 -25.61 31.58
CA VAL G 191 25.82 -25.72 32.75
C VAL G 191 24.71 -26.64 32.32
N ASP G 192 24.38 -27.62 33.15
CA ASP G 192 23.23 -28.46 32.87
C ASP G 192 22.04 -27.74 33.43
N TRP G 193 21.01 -27.50 32.60
CA TRP G 193 19.75 -26.87 33.09
C TRP G 193 18.63 -27.88 33.18
N PHE G 194 17.99 -27.90 34.35
CA PHE G 194 16.78 -28.70 34.57
C PHE G 194 15.65 -27.75 35.00
N VAL G 195 14.69 -27.51 34.11
CA VAL G 195 13.58 -26.62 34.45
C VAL G 195 12.32 -27.46 34.67
N PHE G 196 11.76 -27.38 35.87
CA PHE G 196 10.57 -28.14 36.18
C PHE G 196 9.39 -27.48 35.51
N MET G 197 8.38 -28.28 35.21
CA MET G 197 7.23 -27.83 34.44
C MET G 197 6.06 -27.45 35.33
N GLN G 198 6.09 -27.90 36.59
CA GLN G 198 5.05 -27.64 37.55
C GLN G 198 5.40 -26.41 38.37
N PRO G 199 4.64 -25.32 38.23
CA PRO G 199 4.99 -24.15 39.03
C PRO G 199 4.57 -24.36 40.45
N ILE G 200 5.20 -23.69 41.40
CA ILE G 200 4.64 -23.59 42.75
C ILE G 200 3.90 -22.26 42.92
N LYS G 201 2.71 -22.33 43.53
CA LYS G 201 1.90 -21.14 43.79
C LYS G 201 2.46 -20.41 45.00
N VAL G 202 2.36 -19.09 44.99
CA VAL G 202 2.96 -18.28 46.03
C VAL G 202 2.05 -17.08 46.31
N PRO G 203 1.96 -16.67 47.58
CA PRO G 203 1.13 -15.49 47.82
C PRO G 203 1.75 -14.31 47.09
N ASP G 204 0.91 -13.45 46.52
CA ASP G 204 1.38 -12.31 45.76
C ASP G 204 2.25 -11.39 46.62
N SER G 205 2.06 -11.47 47.93
CA SER G 205 2.80 -10.59 48.82
C SER G 205 4.27 -10.85 48.59
N GLN G 206 4.63 -12.12 48.42
CA GLN G 206 6.04 -12.55 48.34
C GLN G 206 6.68 -12.17 47.04
N ILE G 207 5.96 -12.34 45.94
CA ILE G 207 6.41 -11.83 44.64
C ILE G 207 6.66 -10.29 44.70
N LEU G 208 5.71 -9.51 45.26
CA LEU G 208 5.97 -8.06 45.43
C LEU G 208 7.11 -7.77 46.40
N ASP G 209 7.17 -8.51 47.50
CA ASP G 209 8.30 -8.39 48.43
C ASP G 209 9.64 -8.61 47.70
N PHE G 210 9.71 -9.63 46.84
CA PHE G 210 10.96 -9.86 46.12
C PHE G 210 11.27 -8.76 45.12
N MET G 211 10.32 -8.40 44.25
CA MET G 211 10.55 -7.30 43.30
C MET G 211 10.97 -6.02 44.04
N ARG G 212 10.44 -5.87 45.26
CA ARG G 212 10.85 -4.79 46.15
C ARG G 212 12.31 -4.90 46.56
N PHE G 213 12.70 -6.08 47.03
CA PHE G 213 14.13 -6.32 47.32
C PHE G 213 15.00 -5.99 46.11
N VAL G 214 14.63 -6.48 44.94
CA VAL G 214 15.36 -6.17 43.71
C VAL G 214 15.49 -4.68 43.47
N GLY G 215 14.48 -3.92 43.88
CA GLY G 215 14.55 -2.47 43.72
C GLY G 215 15.19 -1.75 44.90
N ASP G 216 16.27 -2.30 45.48
CA ASP G 216 16.95 -1.63 46.60
C ASP G 216 15.94 -1.14 47.68
N ASN G 217 14.80 -1.81 47.83
CA ASN G 217 13.90 -1.44 48.91
C ASN G 217 13.36 -0.01 48.76
N LYS G 218 13.38 0.52 47.54
CA LYS G 218 12.87 1.86 47.28
C LYS G 218 11.95 1.90 46.02
N THR G 219 11.87 0.80 45.30
CA THR G 219 11.02 0.73 44.11
C THR G 219 10.70 -0.75 43.86
N TYR G 220 10.12 -1.04 42.70
CA TYR G 220 9.87 -2.40 42.30
C TYR G 220 10.58 -2.58 40.96
N ALA G 221 11.32 -3.68 40.84
CA ALA G 221 12.19 -3.94 39.69
C ALA G 221 12.35 -5.43 39.32
N THR G 222 12.97 -5.64 38.17
CA THR G 222 13.11 -6.95 37.58
C THR G 222 14.59 -7.26 37.49
N ASN G 223 14.95 -8.55 37.40
CA ASN G 223 16.34 -8.98 37.25
C ASN G 223 16.43 -10.22 36.39
N THR G 224 16.06 -10.11 35.12
CA THR G 224 15.95 -11.22 34.22
C THR G 224 16.68 -10.93 32.93
N ARG G 225 17.24 -11.96 32.33
CA ARG G 225 17.88 -11.83 31.04
C ARG G 225 16.91 -12.18 29.91
N PRO G 226 17.08 -11.55 28.76
CA PRO G 226 16.21 -11.96 27.65
C PRO G 226 16.47 -13.40 27.22
N LEU G 227 15.52 -13.97 26.48
CA LEU G 227 15.63 -15.33 25.94
C LEU G 227 16.73 -15.41 24.90
N GLN G 228 17.37 -16.58 24.79
CA GLN G 228 18.50 -16.77 23.90
C GLN G 228 18.17 -17.86 22.88
N LEU G 229 18.87 -17.83 21.74
CA LEU G 229 18.65 -18.78 20.68
C LEU G 229 19.01 -20.18 21.15
N LEU G 230 18.14 -21.14 20.84
CA LEU G 230 18.44 -22.55 21.02
C LEU G 230 19.69 -22.99 20.21
N ASN G 231 19.76 -22.51 18.97
CA ASN G 231 20.81 -22.84 18.03
C ASN G 231 20.90 -24.35 17.72
N SER G 232 22.05 -25.00 17.96
CA SER G 232 22.20 -26.43 17.65
C SER G 232 21.58 -27.38 18.67
N ARG G 233 21.26 -26.88 19.85
CA ARG G 233 20.76 -27.75 20.90
C ARG G 233 19.36 -28.26 20.60
N LEU G 234 18.98 -29.28 21.33
CA LEU G 234 17.62 -29.73 21.41
C LEU G 234 17.35 -29.70 22.91
N VAL G 235 16.07 -29.66 23.26
CA VAL G 235 15.62 -29.75 24.65
C VAL G 235 15.12 -31.16 24.90
N GLU G 236 15.59 -31.73 26.01
CA GLU G 236 15.18 -33.06 26.46
C GLU G 236 14.06 -32.96 27.50
N TYR G 237 12.96 -33.67 27.24
CA TYR G 237 11.83 -33.70 28.14
C TYR G 237 11.80 -34.97 28.96
N GLU G 238 11.54 -34.85 30.25
CA GLU G 238 11.23 -35.99 31.10
C GLU G 238 9.83 -35.72 31.64
N LEU G 239 8.85 -35.71 30.75
CA LEU G 239 7.46 -35.53 31.14
C LEU G 239 6.86 -36.82 31.69
N MET H 1 -20.97 -20.76 -1.56
CA MET H 1 -20.37 -19.58 -0.94
C MET H 1 -21.18 -18.29 -1.09
N ALA H 2 -21.37 -17.60 0.05
CA ALA H 2 -22.18 -16.35 0.17
C ALA H 2 -21.45 -15.09 -0.34
N ALA H 3 -22.20 -14.16 -0.93
CA ALA H 3 -21.56 -12.93 -1.40
C ALA H 3 -21.03 -12.15 -0.21
N TRP H 4 -20.07 -11.29 -0.50
CA TRP H 4 -19.39 -10.57 0.54
C TRP H 4 -18.63 -9.42 -0.05
N ASN H 5 -18.40 -8.41 0.78
CA ASN H 5 -17.57 -7.27 0.39
C ASN H 5 -17.16 -6.45 1.60
N TYR H 6 -16.40 -5.39 1.36
CA TYR H 6 -15.91 -4.53 2.42
C TYR H 6 -16.92 -3.45 2.79
N GLY H 7 -17.67 -3.01 1.79
CA GLY H 7 -18.83 -2.16 2.01
C GLY H 7 -18.45 -0.74 2.36
N GLU H 8 -19.47 0.05 2.72
CA GLU H 8 -19.26 1.43 3.10
C GLU H 8 -19.11 1.57 4.60
N VAL H 9 -18.50 2.67 5.02
CA VAL H 9 -18.33 2.95 6.42
C VAL H 9 -19.69 2.95 7.16
N ALA H 10 -19.72 2.35 8.35
CA ALA H 10 -21.00 1.96 8.96
C ALA H 10 -21.78 3.02 9.76
N GLY H 11 -21.21 4.21 9.96
CA GLY H 11 -21.78 5.25 10.82
C GLY H 11 -22.92 6.09 10.24
N PRO H 12 -22.67 6.73 9.09
CA PRO H 12 -23.70 7.59 8.47
C PRO H 12 -25.08 6.96 8.29
N PRO H 13 -25.18 5.68 7.90
CA PRO H 13 -26.53 5.11 7.73
C PRO H 13 -27.33 5.04 9.01
N THR H 14 -26.67 4.96 10.15
CA THR H 14 -27.36 4.92 11.43
C THR H 14 -27.53 6.31 12.02
N TRP H 15 -27.16 7.34 11.26
CA TRP H 15 -27.25 8.69 11.80
C TRP H 15 -28.72 9.01 11.92
N LYS H 16 -29.12 9.54 13.07
CA LYS H 16 -30.52 9.85 13.33
C LYS H 16 -30.81 11.35 13.40
N GLY H 17 -32.08 11.66 13.24
CA GLY H 17 -32.57 13.02 13.29
C GLY H 17 -32.98 13.50 11.92
N VAL H 18 -32.71 14.77 11.67
CA VAL H 18 -32.95 15.36 10.35
C VAL H 18 -32.11 14.60 9.31
N CYS H 19 -30.98 14.02 9.76
CA CYS H 19 -30.12 13.21 8.88
C CYS H 19 -30.90 12.12 8.17
N ALA H 20 -31.81 11.47 8.91
CA ALA H 20 -32.64 10.42 8.33
C ALA H 20 -33.84 10.98 7.56
N THR H 21 -34.53 11.95 8.17
CA THR H 21 -35.81 12.43 7.64
C THR H 21 -35.72 13.62 6.66
N GLY H 22 -34.74 14.48 6.88
CA GLY H 22 -34.52 15.65 6.04
C GLY H 22 -34.59 15.39 4.54
N LYS H 23 -35.17 16.34 3.80
CA LYS H 23 -35.29 16.17 2.36
C LYS H 23 -34.42 17.17 1.65
N ARG H 24 -33.53 17.79 2.39
CA ARG H 24 -32.67 18.83 1.82
C ARG H 24 -31.21 18.57 2.29
N GLN H 25 -30.76 17.34 2.03
CA GLN H 25 -29.55 16.86 2.68
C GLN H 25 -28.31 16.94 1.80
N SER H 26 -27.20 17.25 2.44
CA SER H 26 -25.93 17.24 1.75
C SER H 26 -25.08 16.05 2.23
N PRO H 27 -24.13 15.59 1.38
CA PRO H 27 -23.82 16.12 0.05
C PRO H 27 -24.74 15.50 -1.00
N ILE H 28 -24.59 15.94 -2.25
CA ILE H 28 -25.34 15.44 -3.39
C ILE H 28 -24.43 15.22 -4.63
N ASN H 29 -24.97 14.59 -5.66
CA ASN H 29 -24.33 14.57 -6.97
C ASN H 29 -24.65 15.84 -7.73
N ILE H 30 -23.60 16.45 -8.22
CA ILE H 30 -23.69 17.60 -9.08
C ILE H 30 -23.58 17.11 -10.52
N PRO H 31 -24.70 17.15 -11.25
CA PRO H 31 -24.56 16.74 -12.65
C PRO H 31 -23.81 17.78 -13.46
N LEU H 32 -23.00 17.32 -14.41
CA LEU H 32 -22.48 18.15 -15.49
C LEU H 32 -22.55 17.22 -16.68
N ASN H 33 -22.25 17.68 -17.88
CA ASN H 33 -22.20 16.76 -19.02
C ASN H 33 -23.47 15.90 -19.13
N THR H 34 -24.55 16.39 -18.53
CA THR H 34 -25.87 15.87 -18.78
C THR H 34 -26.50 16.88 -19.72
N SER H 35 -27.34 16.36 -20.61
CA SER H 35 -28.11 17.21 -21.50
C SER H 35 -29.21 17.90 -20.71
N ALA H 36 -29.47 17.42 -19.49
CA ALA H 36 -30.54 17.98 -18.66
C ALA H 36 -30.33 19.48 -18.51
N PRO H 37 -31.38 20.29 -18.79
CA PRO H 37 -31.25 21.76 -18.78
C PRO H 37 -30.94 22.30 -17.39
N LYS H 38 -29.95 23.19 -17.32
CA LYS H 38 -29.40 23.68 -16.07
C LYS H 38 -29.83 25.14 -15.79
N VAL H 39 -30.56 25.34 -14.68
CA VAL H 39 -30.95 26.68 -14.23
C VAL H 39 -29.70 27.50 -13.96
N ASP H 40 -29.55 28.66 -14.62
CA ASP H 40 -28.49 29.62 -14.30
C ASP H 40 -28.72 30.21 -12.92
N ALA H 41 -27.62 30.43 -12.19
CA ALA H 41 -27.74 31.02 -10.86
C ALA H 41 -28.05 32.53 -10.88
N GLU H 42 -27.75 33.20 -12.01
CA GLU H 42 -27.87 34.67 -12.16
C GLU H 42 -27.26 35.38 -10.97
N MET H 43 -26.06 34.98 -10.60
CA MET H 43 -25.57 35.23 -9.26
C MET H 43 -24.19 35.91 -9.22
N GLY H 44 -23.51 35.97 -10.36
CA GLY H 44 -22.22 36.62 -10.41
C GLY H 44 -21.04 35.85 -9.81
N GLU H 45 -19.92 36.54 -9.68
CA GLU H 45 -18.71 35.92 -9.16
C GLU H 45 -18.46 36.27 -7.72
N PHE H 46 -17.81 35.36 -7.03
CA PHE H 46 -17.38 35.61 -5.66
C PHE H 46 -16.28 36.63 -5.63
N ASP H 47 -16.08 37.18 -4.44
CA ASP H 47 -14.92 38.04 -4.18
C ASP H 47 -14.47 37.81 -2.75
N PHE H 48 -13.15 37.63 -2.60
CA PHE H 48 -12.63 37.18 -1.33
C PHE H 48 -11.83 38.26 -0.65
N ALA H 49 -12.23 38.52 0.59
CA ALA H 49 -11.53 39.47 1.44
C ALA H 49 -11.32 38.83 2.83
N TYR H 50 -10.55 37.75 2.78
CA TYR H 50 -10.09 37.03 3.94
C TYR H 50 -8.75 37.60 4.41
N GLY H 51 -8.83 38.62 5.27
CA GLY H 51 -7.68 39.45 5.63
C GLY H 51 -7.06 39.21 7.01
N SER H 52 -7.91 39.06 8.02
CA SER H 52 -7.44 38.76 9.36
C SER H 52 -7.34 37.26 9.56
N PHE H 53 -6.24 36.68 9.06
CA PHE H 53 -6.00 35.23 9.11
C PHE H 53 -4.67 34.82 9.76
N GLU H 54 -4.09 35.73 10.54
CA GLU H 54 -2.79 35.50 11.15
C GLU H 54 -2.87 34.85 12.55
N LYS H 55 -4.04 34.91 13.18
CA LYS H 55 -4.21 34.40 14.53
C LYS H 55 -5.44 33.49 14.58
N CYS H 56 -5.28 32.26 14.10
CA CYS H 56 -6.35 31.28 14.18
C CYS H 56 -5.93 30.06 14.98
N ASP H 57 -6.92 29.27 15.37
CA ASP H 57 -6.74 28.09 16.18
C ASP H 57 -6.99 26.88 15.30
N VAL H 58 -6.23 25.82 15.52
CA VAL H 58 -6.50 24.52 14.90
C VAL H 58 -7.05 23.57 15.96
N LEU H 59 -8.04 22.78 15.56
CA LEU H 59 -8.76 21.93 16.50
C LEU H 59 -8.77 20.52 15.98
N ASN H 60 -8.70 19.58 16.90
CA ASN H 60 -8.88 18.20 16.54
C ASN H 60 -10.33 17.88 16.81
N THR H 61 -11.11 17.84 15.74
CA THR H 61 -12.53 17.60 15.83
C THR H 61 -12.87 16.38 16.63
N GLY H 62 -12.04 15.35 16.51
CA GLY H 62 -12.37 14.06 17.08
C GLY H 62 -13.36 13.38 16.14
N HIS H 63 -13.50 13.89 14.92
CA HIS H 63 -14.33 13.21 13.93
C HIS H 63 -13.61 12.92 12.62
N GLY H 64 -12.28 12.99 12.64
CA GLY H 64 -11.48 12.72 11.47
C GLY H 64 -10.69 13.97 11.13
N THR H 65 -11.37 14.99 10.64
CA THR H 65 -10.65 16.16 10.15
C THR H 65 -10.10 17.01 11.29
N MET H 66 -9.13 17.86 10.99
CA MET H 66 -8.83 18.95 11.89
C MET H 66 -9.76 20.10 11.44
N GLN H 67 -9.76 21.17 12.21
CA GLN H 67 -10.63 22.31 11.93
C GLN H 67 -9.91 23.60 12.27
N VAL H 68 -9.71 24.47 11.28
CA VAL H 68 -9.13 25.78 11.55
C VAL H 68 -10.25 26.81 11.81
N ASN H 69 -10.24 27.42 12.99
CA ASN H 69 -11.24 28.39 13.38
C ASN H 69 -10.70 29.81 13.27
N PHE H 70 -11.51 30.72 12.75
CA PHE H 70 -11.05 32.06 12.49
C PHE H 70 -11.70 33.13 13.36
N PRO H 71 -11.06 34.30 13.42
CA PRO H 71 -11.68 35.54 13.91
C PRO H 71 -12.58 36.24 12.87
N ALA H 72 -13.30 37.25 13.32
CA ALA H 72 -14.17 37.98 12.44
C ALA H 72 -13.34 38.82 11.50
N GLY H 73 -13.91 39.18 10.36
CA GLY H 73 -13.23 40.05 9.41
C GLY H 73 -12.75 39.36 8.16
N ASN H 74 -12.98 38.05 8.10
CA ASN H 74 -12.72 37.31 6.88
C ASN H 74 -14.03 37.17 6.13
N LEU H 75 -14.11 37.90 5.02
CA LEU H 75 -15.39 38.02 4.33
C LEU H 75 -15.32 37.55 2.89
N ALA H 76 -16.40 36.93 2.45
CA ALA H 76 -16.58 36.62 1.02
C ALA H 76 -17.87 37.29 0.56
N PHE H 77 -17.85 37.82 -0.64
CA PHE H 77 -19.01 38.47 -1.17
C PHE H 77 -19.46 37.77 -2.41
N ILE H 78 -20.76 37.51 -2.45
CA ILE H 78 -21.44 36.99 -3.61
C ILE H 78 -22.84 37.65 -3.62
N GLY H 79 -23.28 38.08 -4.80
CA GLY H 79 -24.59 38.69 -4.95
C GLY H 79 -24.83 39.86 -4.01
N ASN H 80 -23.75 40.59 -3.74
CA ASN H 80 -23.73 41.70 -2.80
C ASN H 80 -24.15 41.33 -1.37
N MET H 81 -24.17 40.04 -1.06
CA MET H 81 -24.28 39.57 0.33
C MET H 81 -22.90 39.36 0.96
N GLU H 82 -22.80 39.66 2.25
CA GLU H 82 -21.59 39.41 3.00
C GLU H 82 -21.66 38.03 3.70
N LEU H 83 -20.64 37.21 3.42
CA LEU H 83 -20.43 35.94 4.09
C LEU H 83 -19.20 36.02 5.02
N GLU H 84 -19.40 35.75 6.31
CA GLU H 84 -18.28 35.83 7.23
C GLU H 84 -17.81 34.43 7.53
N LEU H 85 -16.50 34.23 7.41
CA LEU H 85 -15.87 32.93 7.55
C LEU H 85 -15.68 32.54 9.00
N LEU H 86 -16.06 31.31 9.35
CA LEU H 86 -15.93 30.83 10.72
C LEU H 86 -14.80 29.82 10.89
N GLN H 87 -14.79 28.85 10.00
CA GLN H 87 -13.90 27.72 10.11
C GLN H 87 -13.82 26.97 8.80
N PHE H 88 -12.70 26.24 8.61
CA PHE H 88 -12.60 25.29 7.52
C PHE H 88 -12.09 23.89 7.97
N HIS H 89 -12.46 22.88 7.19
CA HIS H 89 -12.08 21.53 7.52
C HIS H 89 -12.09 20.74 6.22
N PHE H 90 -11.81 19.44 6.28
CA PHE H 90 -11.70 18.65 5.06
C PHE H 90 -12.41 17.31 5.17
N HIS H 91 -12.69 16.69 4.03
CA HIS H 91 -13.12 15.29 4.01
C HIS H 91 -12.33 14.52 2.97
N ALA H 92 -12.04 13.25 3.24
CA ALA H 92 -11.47 12.38 2.22
C ALA H 92 -12.25 11.08 2.22
N PRO H 93 -12.61 10.57 1.03
CA PRO H 93 -12.57 11.28 -0.25
C PRO H 93 -13.58 12.41 -0.17
N SER H 94 -13.93 13.05 -1.29
CA SER H 94 -14.76 14.24 -1.25
C SER H 94 -16.13 13.77 -0.92
N GLU H 95 -16.94 14.67 -0.36
CA GLU H 95 -18.32 14.40 -0.05
C GLU H 95 -19.18 14.47 -1.30
N HIS H 96 -19.08 15.59 -2.01
CA HIS H 96 -19.88 15.78 -3.20
C HIS H 96 -19.27 14.97 -4.34
N ALA H 97 -20.05 14.80 -5.41
CA ALA H 97 -19.67 13.99 -6.55
C ALA H 97 -19.93 14.78 -7.83
N MET H 98 -19.07 14.66 -8.83
CA MET H 98 -19.30 15.23 -10.17
C MET H 98 -19.56 14.10 -11.14
N ASP H 99 -20.80 13.98 -11.56
CA ASP H 99 -21.21 12.88 -12.40
C ASP H 99 -20.78 11.58 -11.79
N GLY H 100 -20.96 11.48 -10.48
CA GLY H 100 -20.82 10.23 -9.77
C GLY H 100 -19.39 9.93 -9.36
N ARG H 101 -18.48 10.83 -9.75
CA ARG H 101 -17.08 10.69 -9.38
C ARG H 101 -16.75 11.59 -8.18
N ARG H 102 -16.29 10.99 -7.09
CA ARG H 102 -15.71 11.75 -5.98
C ARG H 102 -14.23 12.00 -6.23
N TYR H 103 -13.65 12.87 -5.39
CA TYR H 103 -12.30 13.38 -5.56
C TYR H 103 -11.54 13.01 -4.32
N ALA H 104 -10.23 13.25 -4.34
CA ALA H 104 -9.39 12.83 -3.23
C ALA H 104 -9.80 13.56 -1.98
N MET H 105 -9.94 14.86 -2.07
CA MET H 105 -10.38 15.60 -0.88
C MET H 105 -11.40 16.70 -1.21
N GLU H 106 -12.08 17.17 -0.18
CA GLU H 106 -12.93 18.32 -0.36
C GLU H 106 -12.76 19.23 0.82
N ALA H 107 -12.54 20.49 0.53
CA ALA H 107 -12.42 21.48 1.58
C ALA H 107 -13.76 22.20 1.75
N HIS H 108 -14.14 22.39 3.01
CA HIS H 108 -15.35 23.08 3.40
C HIS H 108 -15.02 24.33 4.20
N LEU H 109 -15.25 25.49 3.58
CA LEU H 109 -15.08 26.78 4.26
C LEU H 109 -16.47 27.18 4.70
N VAL H 110 -16.72 27.10 6.01
CA VAL H 110 -18.05 27.36 6.55
C VAL H 110 -18.16 28.84 6.87
N HIS H 111 -19.16 29.48 6.27
CA HIS H 111 -19.44 30.90 6.49
C HIS H 111 -20.80 31.09 7.16
N LYS H 112 -20.96 32.22 7.85
CA LYS H 112 -22.26 32.72 8.29
C LYS H 112 -22.71 33.77 7.29
N ASN H 113 -23.84 33.52 6.65
CA ASN H 113 -24.41 34.49 5.71
C ASN H 113 -25.19 35.54 6.50
N LYS H 114 -24.73 36.78 6.40
CA LYS H 114 -25.26 37.86 7.18
C LYS H 114 -26.62 38.33 6.69
N SER H 115 -26.89 38.17 5.39
CA SER H 115 -28.19 38.55 4.80
C SER H 115 -29.37 37.62 5.13
N THR H 116 -29.10 36.34 5.27
CA THR H 116 -30.13 35.31 5.34
C THR H 116 -30.26 34.77 6.77
N GLY H 117 -29.24 35.00 7.59
CA GLY H 117 -29.16 34.39 8.90
C GLY H 117 -28.72 32.93 8.85
N ASN H 118 -28.56 32.39 7.64
CA ASN H 118 -28.22 30.97 7.43
C ASN H 118 -26.71 30.73 7.32
N LEU H 119 -26.30 29.48 7.51
CA LEU H 119 -24.94 29.09 7.15
C LEU H 119 -24.79 28.94 5.66
N ALA H 120 -23.66 29.40 5.15
CA ALA H 120 -23.28 29.16 3.77
C ALA H 120 -21.90 28.45 3.69
N VAL H 121 -21.86 27.28 3.04
CA VAL H 121 -20.60 26.50 2.94
C VAL H 121 -20.04 26.50 1.52
N LEU H 122 -18.76 26.85 1.41
CA LEU H 122 -18.06 26.80 0.13
C LEU H 122 -17.24 25.49 0.09
N GLY H 123 -17.40 24.74 -0.99
CA GLY H 123 -16.75 23.45 -1.16
C GLY H 123 -15.80 23.42 -2.33
N ILE H 124 -14.55 23.04 -2.08
CA ILE H 124 -13.57 22.96 -3.15
C ILE H 124 -12.96 21.55 -3.23
N MET H 125 -12.84 21.00 -4.43
CA MET H 125 -12.27 19.68 -4.63
C MET H 125 -10.72 19.73 -4.68
N LEU H 126 -10.06 18.79 -4.00
CA LEU H 126 -8.62 18.62 -4.11
C LEU H 126 -8.33 17.34 -4.85
N GLU H 127 -7.54 17.48 -5.92
CA GLU H 127 -7.04 16.35 -6.70
C GLU H 127 -5.57 16.10 -6.37
N PRO H 128 -5.10 14.86 -6.56
CA PRO H 128 -3.66 14.59 -6.51
C PRO H 128 -2.95 15.08 -7.76
N GLY H 129 -1.62 15.13 -7.76
CA GLY H 129 -0.85 15.49 -8.95
C GLY H 129 -0.18 16.85 -8.83
N GLY H 130 -0.37 17.52 -7.70
CA GLY H 130 0.19 18.84 -7.48
C GLY H 130 1.69 18.83 -7.25
N LEU H 131 2.36 19.86 -7.74
CA LEU H 131 3.79 19.98 -7.60
C LEU H 131 4.16 20.89 -6.44
N ILE H 132 3.16 21.58 -5.91
CA ILE H 132 3.35 22.55 -4.83
C ILE H 132 2.45 22.21 -3.65
N LYS H 133 3.06 21.92 -2.50
CA LYS H 133 2.34 21.83 -1.24
C LYS H 133 1.42 23.06 -1.05
N ASN H 134 0.15 22.80 -0.78
CA ASN H 134 -0.77 23.86 -0.45
C ASN H 134 -0.54 24.34 1.00
N PRO H 135 -0.28 25.66 1.21
CA PRO H 135 0.11 26.17 2.55
C PRO H 135 -0.95 26.03 3.63
N ALA H 136 -2.21 26.24 3.27
CA ALA H 136 -3.29 26.26 4.24
C ALA H 136 -3.48 24.84 4.74
N LEU H 137 -3.49 23.91 3.79
CA LEU H 137 -3.59 22.49 4.15
C LEU H 137 -2.36 22.06 4.94
N SER H 138 -1.20 22.59 4.54
CA SER H 138 0.06 22.16 5.11
C SER H 138 0.09 22.54 6.57
N THR H 139 -0.23 23.80 6.84
CA THR H 139 -0.22 24.30 8.19
C THR H 139 -1.28 23.58 9.02
N ALA H 140 -2.46 23.41 8.43
CA ALA H 140 -3.53 22.74 9.15
C ALA H 140 -3.06 21.38 9.60
N LEU H 141 -2.35 20.69 8.71
CA LEU H 141 -1.79 19.36 9.05
C LEU H 141 -0.69 19.43 10.11
N GLU H 142 0.27 20.33 9.97
CA GLU H 142 1.40 20.32 10.90
C GLU H 142 1.05 20.89 12.29
N VAL H 143 0.01 21.72 12.38
CA VAL H 143 -0.41 22.30 13.67
C VAL H 143 -1.51 21.50 14.37
N ALA H 144 -2.31 20.75 13.61
CA ALA H 144 -3.38 19.96 14.20
C ALA H 144 -2.81 19.04 15.27
N PRO H 145 -3.29 19.20 16.52
CA PRO H 145 -2.85 18.29 17.58
C PRO H 145 -3.34 16.87 17.34
N GLU H 146 -2.55 15.87 17.76
CA GLU H 146 -2.91 14.48 17.50
C GLU H 146 -3.84 13.91 18.55
N VAL H 147 -4.15 14.68 19.59
CA VAL H 147 -5.09 14.23 20.62
C VAL H 147 -6.51 14.78 20.39
N PRO H 148 -7.53 13.89 20.34
CA PRO H 148 -8.93 14.33 20.12
C PRO H 148 -9.36 15.49 20.99
N LEU H 149 -10.14 16.38 20.39
CA LEU H 149 -10.74 17.53 21.07
C LEU H 149 -9.74 18.55 21.61
N ALA H 150 -8.46 18.31 21.44
CA ALA H 150 -7.46 19.28 21.86
C ALA H 150 -7.37 20.34 20.79
N LYS H 151 -7.05 21.57 21.16
CA LYS H 151 -6.82 22.61 20.16
C LYS H 151 -5.54 23.36 20.48
N LYS H 152 -4.99 24.03 19.47
CA LYS H 152 -3.73 24.76 19.60
C LYS H 152 -3.78 26.01 18.70
N PRO H 153 -3.08 27.10 19.07
CA PRO H 153 -3.03 28.23 18.12
C PRO H 153 -1.94 28.09 17.07
N SER H 154 -2.23 28.58 15.86
CA SER H 154 -1.25 28.45 14.79
C SER H 154 -0.15 29.49 14.97
N PRO H 155 1.13 29.06 14.91
CA PRO H 155 2.25 30.01 14.91
C PRO H 155 2.38 30.77 13.60
N LYS H 156 1.82 30.22 12.53
CA LYS H 156 1.82 30.88 11.25
C LYS H 156 0.46 31.54 11.02
N GLY H 157 0.38 32.38 9.99
CA GLY H 157 -0.92 32.71 9.43
C GLY H 157 -1.37 31.53 8.59
N ILE H 158 -2.67 31.27 8.56
CA ILE H 158 -3.26 30.28 7.65
C ILE H 158 -4.25 31.02 6.74
N ASN H 159 -3.85 31.28 5.51
CA ASN H 159 -4.63 32.09 4.61
C ASN H 159 -5.67 31.26 3.85
N PRO H 160 -6.96 31.42 4.20
CA PRO H 160 -8.00 30.51 3.69
C PRO H 160 -8.22 30.62 2.19
N VAL H 161 -7.85 31.74 1.59
CA VAL H 161 -8.06 31.91 0.15
C VAL H 161 -7.24 30.95 -0.69
N MET H 162 -6.19 30.39 -0.06
CA MET H 162 -5.33 29.38 -0.69
C MET H 162 -6.13 28.13 -0.99
N LEU H 163 -7.25 27.94 -0.30
CA LEU H 163 -8.09 26.81 -0.57
C LEU H 163 -9.08 27.03 -1.72
N LEU H 164 -8.97 28.16 -2.40
CA LEU H 164 -9.88 28.44 -3.50
C LEU H 164 -9.16 28.17 -4.82
N PRO H 165 -9.90 27.67 -5.82
CA PRO H 165 -9.29 27.43 -7.12
C PRO H 165 -8.93 28.74 -7.79
N LYS H 166 -8.04 28.64 -8.77
CA LYS H 166 -7.62 29.81 -9.52
C LYS H 166 -8.75 30.37 -10.40
N LYS H 167 -8.62 31.63 -10.77
CA LYS H 167 -9.59 32.18 -11.69
C LYS H 167 -9.31 31.67 -13.10
N SER H 168 -10.36 31.27 -13.81
CA SER H 168 -10.24 30.88 -15.21
C SER H 168 -9.70 32.00 -16.10
N LYS H 169 -9.53 31.70 -17.39
CA LYS H 169 -9.05 32.69 -18.35
C LYS H 169 -10.09 33.80 -18.46
N ALA H 170 -11.35 33.42 -18.29
CA ALA H 170 -12.46 34.36 -18.28
C ALA H 170 -12.51 35.24 -17.00
N GLY H 171 -11.66 34.94 -16.02
CA GLY H 171 -11.60 35.71 -14.78
C GLY H 171 -12.57 35.23 -13.70
N THR H 172 -13.17 34.07 -13.94
CA THR H 172 -14.21 33.52 -13.10
C THR H 172 -13.73 32.31 -12.27
N ARG H 173 -14.61 31.82 -11.40
CA ARG H 173 -14.41 30.60 -10.65
C ARG H 173 -15.76 29.92 -10.68
N PRO H 174 -16.06 29.18 -11.76
CA PRO H 174 -17.40 28.60 -11.90
C PRO H 174 -17.79 27.69 -10.75
N PHE H 175 -19.06 27.76 -10.37
CA PHE H 175 -19.56 26.97 -9.26
C PHE H 175 -21.01 26.52 -9.43
N VAL H 176 -21.52 25.74 -8.47
CA VAL H 176 -22.94 25.48 -8.39
C VAL H 176 -23.43 25.90 -7.03
N HIS H 177 -24.72 26.21 -6.98
CA HIS H 177 -25.37 26.65 -5.74
C HIS H 177 -26.59 25.79 -5.53
N TYR H 178 -26.80 25.37 -4.30
CA TYR H 178 -28.04 24.65 -4.00
C TYR H 178 -28.30 24.70 -2.50
N PRO H 179 -29.57 24.59 -2.11
CA PRO H 179 -29.93 24.50 -0.70
C PRO H 179 -29.72 23.11 -0.13
N GLY H 180 -29.01 22.99 0.99
CA GLY H 180 -28.74 21.68 1.60
C GLY H 180 -28.48 21.77 3.08
N SER H 181 -27.83 20.74 3.63
CA SER H 181 -27.65 20.61 5.07
C SER H 181 -26.17 20.54 5.47
N LEU H 182 -25.91 20.62 6.77
CA LEU H 182 -24.64 20.16 7.28
C LEU H 182 -24.53 18.68 6.96
N THR H 183 -23.31 18.21 6.65
CA THR H 183 -23.09 16.83 6.24
C THR H 183 -22.71 15.90 7.39
N THR H 184 -22.62 16.45 8.60
CA THR H 184 -22.39 15.71 9.83
C THR H 184 -23.54 15.98 10.79
N PRO H 185 -23.80 15.05 11.72
CA PRO H 185 -24.86 15.35 12.69
C PRO H 185 -24.66 16.72 13.35
N PRO H 186 -25.76 17.42 13.67
CA PRO H 186 -27.17 17.02 13.49
C PRO H 186 -27.73 17.29 12.08
N CYS H 187 -26.89 17.44 11.07
CA CYS H 187 -27.35 17.60 9.69
C CYS H 187 -28.38 18.71 9.54
N SER H 188 -28.18 19.77 10.31
CA SER H 188 -29.09 20.90 10.30
C SER H 188 -29.30 21.43 8.84
N GLU H 189 -30.55 21.66 8.43
CA GLU H 189 -30.85 22.16 7.07
C GLU H 189 -30.87 23.69 7.02
N GLY H 190 -31.08 24.26 5.84
CA GLY H 190 -31.03 25.71 5.70
C GLY H 190 -29.63 26.20 5.38
N VAL H 191 -28.83 25.33 4.79
CA VAL H 191 -27.45 25.66 4.47
C VAL H 191 -27.31 25.97 2.99
N ASP H 192 -26.87 27.18 2.66
CA ASP H 192 -26.57 27.49 1.26
C ASP H 192 -25.22 26.85 0.88
N TRP H 193 -25.22 25.93 -0.10
CA TRP H 193 -23.97 25.29 -0.56
C TRP H 193 -23.52 25.83 -1.90
N PHE H 194 -22.27 26.31 -1.93
CA PHE H 194 -21.59 26.67 -3.18
C PHE H 194 -20.42 25.70 -3.40
N VAL H 195 -20.50 24.92 -4.47
CA VAL H 195 -19.48 23.92 -4.71
C VAL H 195 -18.79 24.30 -5.99
N PHE H 196 -17.47 24.43 -5.93
CA PHE H 196 -16.71 24.99 -7.02
C PHE H 196 -16.43 23.92 -8.03
N MET H 197 -16.41 24.29 -9.31
CA MET H 197 -16.29 23.31 -10.38
C MET H 197 -14.87 22.91 -10.66
N GLN H 198 -13.94 23.85 -10.46
CA GLN H 198 -12.53 23.64 -10.73
C GLN H 198 -11.82 23.12 -9.48
N PRO H 199 -11.21 21.93 -9.57
CA PRO H 199 -10.47 21.42 -8.43
C PRO H 199 -9.11 22.10 -8.30
N ILE H 200 -8.55 22.15 -7.09
CA ILE H 200 -7.15 22.52 -6.89
C ILE H 200 -6.30 21.26 -6.83
N LYS H 201 -5.18 21.26 -7.54
CA LYS H 201 -4.23 20.16 -7.43
C LYS H 201 -3.46 20.29 -6.10
N VAL H 202 -3.12 19.16 -5.49
CA VAL H 202 -2.15 19.17 -4.38
C VAL H 202 -1.23 17.96 -4.50
N PRO H 203 -0.06 18.03 -3.87
CA PRO H 203 0.87 16.88 -3.78
C PRO H 203 0.25 15.69 -3.04
N ASP H 204 0.42 14.50 -3.62
CA ASP H 204 -0.13 13.26 -3.06
C ASP H 204 0.22 13.03 -1.61
N SER H 205 1.41 13.48 -1.22
CA SER H 205 1.76 13.39 0.17
C SER H 205 0.68 14.11 1.02
N GLN H 206 0.20 15.28 0.63
CA GLN H 206 -0.74 15.98 1.54
C GLN H 206 -2.03 15.20 1.72
N ILE H 207 -2.47 14.61 0.62
CA ILE H 207 -3.67 13.81 0.63
C ILE H 207 -3.51 12.61 1.59
N LEU H 208 -2.42 11.86 1.44
CA LEU H 208 -2.20 10.71 2.33
C LEU H 208 -2.04 11.14 3.79
N ASP H 209 -1.23 12.18 4.04
CA ASP H 209 -1.14 12.78 5.38
C ASP H 209 -2.52 13.05 6.01
N PHE H 210 -3.41 13.75 5.29
CA PHE H 210 -4.74 13.96 5.82
C PHE H 210 -5.41 12.63 6.13
N MET H 211 -5.49 11.73 5.15
CA MET H 211 -6.08 10.39 5.36
C MET H 211 -5.46 9.67 6.57
N ARG H 212 -4.18 9.95 6.80
CA ARG H 212 -3.46 9.39 7.92
C ARG H 212 -3.87 10.09 9.20
N PHE H 213 -4.19 11.37 9.11
CA PHE H 213 -4.73 12.11 10.26
C PHE H 213 -6.11 11.63 10.63
N VAL H 214 -6.97 11.53 9.65
CA VAL H 214 -8.29 10.95 9.86
C VAL H 214 -8.10 9.61 10.56
N GLY H 215 -7.15 8.81 10.07
CA GLY H 215 -6.85 7.52 10.67
C GLY H 215 -6.25 7.51 12.07
N ASP H 216 -6.22 8.65 12.77
CA ASP H 216 -5.68 8.69 14.13
C ASP H 216 -4.20 8.37 14.10
N ASN H 217 -3.57 8.63 12.97
CA ASN H 217 -2.13 8.50 12.86
C ASN H 217 -1.64 7.06 13.11
N LYS H 218 -2.51 6.08 12.90
CA LYS H 218 -2.15 4.67 12.98
C LYS H 218 -2.67 3.87 11.78
N THR H 219 -3.48 4.52 10.95
CA THR H 219 -3.95 3.93 9.71
C THR H 219 -4.35 5.02 8.71
N TYR H 220 -4.98 4.60 7.61
CA TYR H 220 -5.47 5.51 6.59
C TYR H 220 -6.97 5.33 6.52
N ALA H 221 -7.71 6.42 6.76
CA ALA H 221 -9.16 6.35 6.92
C ALA H 221 -9.90 7.45 6.14
N THR H 222 -11.23 7.34 6.12
CA THR H 222 -12.12 8.27 5.41
C THR H 222 -12.97 9.03 6.41
N ASN H 223 -13.53 10.13 5.93
CA ASN H 223 -14.58 10.95 6.62
C ASN H 223 -15.61 11.62 5.73
N THR H 224 -16.35 10.82 5.01
CA THR H 224 -17.26 11.31 4.03
C THR H 224 -18.58 10.60 4.13
N ARG H 225 -19.66 11.32 4.00
CA ARG H 225 -20.98 10.78 4.08
C ARG H 225 -21.50 10.41 2.74
N PRO H 226 -22.38 9.44 2.71
CA PRO H 226 -22.82 9.08 1.36
C PRO H 226 -23.75 10.12 0.72
N LEU H 227 -23.82 10.09 -0.60
CA LEU H 227 -24.62 11.00 -1.36
C LEU H 227 -26.10 10.94 -1.02
N GLN H 228 -26.75 12.10 -1.04
CA GLN H 228 -28.15 12.21 -0.61
C GLN H 228 -29.11 12.50 -1.78
N LEU H 229 -30.37 12.13 -1.61
CA LEU H 229 -31.44 12.43 -2.59
C LEU H 229 -31.59 13.93 -2.82
N LEU H 230 -31.63 14.33 -4.08
CA LEU H 230 -31.84 15.72 -4.42
C LEU H 230 -33.26 16.07 -4.06
N ASN H 231 -34.14 15.07 -4.17
CA ASN H 231 -35.57 15.22 -3.94
C ASN H 231 -36.17 16.38 -4.72
N SER H 232 -36.95 17.25 -4.08
CA SER H 232 -37.69 18.28 -4.85
C SER H 232 -36.79 19.44 -5.33
N ARG H 233 -35.55 19.50 -4.86
CA ARG H 233 -34.70 20.65 -5.10
C ARG H 233 -34.21 20.66 -6.52
N LEU H 234 -33.42 21.68 -6.84
CA LEU H 234 -32.75 21.76 -8.12
C LEU H 234 -31.39 22.41 -7.85
N VAL H 235 -30.44 22.24 -8.74
CA VAL H 235 -29.09 22.76 -8.57
C VAL H 235 -28.96 23.91 -9.52
N GLU H 236 -28.51 25.05 -9.01
CA GLU H 236 -28.28 26.26 -9.80
C GLU H 236 -26.82 26.30 -10.26
N TYR H 237 -26.60 26.58 -11.54
CA TYR H 237 -25.24 26.58 -12.10
C TYR H 237 -24.77 27.96 -12.43
N GLU H 238 -23.62 28.35 -11.90
CA GLU H 238 -22.97 29.59 -12.29
C GLU H 238 -21.71 29.09 -12.97
N LEU H 239 -21.89 28.63 -14.20
CA LEU H 239 -20.77 28.24 -15.07
C LEU H 239 -20.41 29.38 -16.00
ZN ZN I . 0.62 8.77 33.47
C1 AZM J . 0.49 11.37 30.40
C2 AZM J . -0.47 12.17 28.08
C3 AZM J . -2.29 13.33 27.02
C4 AZM J . -2.93 13.82 25.74
N1 AZM J . 1.46 9.81 32.34
N2 AZM J . 0.67 11.50 28.18
N3 AZM J . 1.15 11.11 29.29
N4 AZM J . -1.12 12.65 26.95
O1 AZM J . 2.11 12.24 32.12
O2 AZM J . -0.22 11.56 32.77
O3 AZM J . -2.85 13.54 28.07
S1 AZM J . 0.99 11.36 32.06
S2 AZM J . -0.91 12.24 29.74
H41 AZM J . -3.63 14.46 25.94
H42 AZM J . -2.24 14.24 25.18
H43 AZM J . -3.31 13.05 25.26
HN11 AZM J . 1.62 9.39 31.54
HN12 AZM J . 2.23 9.80 32.83
HN4 AZM J . -0.74 12.52 26.13
P 2HP K . -15.63 15.36 47.85
O1 2HP K . -15.97 15.91 49.26
O2 2HP K . -16.89 15.31 46.91
O3 2HP K . -15.08 13.91 48.04
O4 2HP K . -14.55 16.33 47.22
P 2HP L . -19.09 17.73 49.54
O1 2HP L . -20.63 17.62 49.67
O2 2HP L . -18.52 16.24 49.34
O3 2HP L . -18.71 18.68 48.39
O4 2HP L . -18.57 18.36 50.88
P 2HP M . 1.56 -6.95 51.61
O1 2HP M . 1.25 -5.52 52.20
O2 2HP M . 1.96 -6.79 50.10
O3 2HP M . 0.30 -7.87 51.71
O4 2HP M . 2.74 -7.60 52.39
ZN ZN N . -4.54 -10.47 0.85
C1 AZM O . -6.44 -14.31 0.78
C2 AZM O . -7.78 -15.61 -1.02
C3 AZM O . -7.72 -16.75 -3.15
C4 AZM O . -8.55 -17.50 -4.17
N1 AZM O . -5.65 -11.75 1.56
N2 AZM O . -8.37 -15.15 0.09
N3 AZM O . -7.73 -14.50 0.97
N4 AZM O . -8.38 -16.32 -2.06
O1 AZM O . -5.37 -13.85 2.98
O2 AZM O . -4.17 -13.51 0.76
O3 AZM O . -6.53 -16.57 -3.36
S1 AZM O . -5.28 -13.37 1.64
S2 AZM O . -6.14 -15.07 -0.79
H41 AZM O . -7.96 -17.95 -4.80
H42 AZM O . -9.11 -16.87 -4.66
H43 AZM O . -9.12 -18.16 -3.72
HN11 AZM O . -6.53 -11.64 1.35
HN12 AZM O . -5.49 -11.36 2.37
HN4 AZM O . -9.27 -16.50 -1.99
P 2HP P . -5.37 9.03 -9.21
O1 2HP P . -6.65 9.86 -8.81
O2 2HP P . -4.52 8.74 -7.89
O3 2HP P . -5.79 7.66 -9.88
O4 2HP P . -4.46 9.85 -10.27
P 2HP Q . 5.39 11.16 1.79
O1 2HP Q . 4.29 11.95 2.59
O2 2HP Q . 4.68 9.91 1.24
O3 2HP Q . 6.01 11.98 0.54
O4 2HP Q . 6.53 10.66 2.76
ZN ZN R . -31.07 -10.61 -23.68
C1 AZM S . -31.43 -8.18 -26.93
C2 AZM S . -32.48 -7.54 -29.27
C3 AZM S . -34.45 -6.73 -30.41
C4 AZM S . -35.15 -6.33 -31.69
N1 AZM S . -30.28 -9.64 -25.02
N2 AZM S . -31.22 -7.97 -29.14
N3 AZM S . -30.71 -8.28 -28.03
N4 AZM S . -33.16 -7.16 -30.42
O1 AZM S . -29.95 -7.18 -25.13
O2 AZM S . -32.18 -8.17 -24.53
O3 AZM S . -35.07 -6.66 -29.38
S1 AZM S . -30.95 -8.16 -25.25
S2 AZM S . -32.99 -7.59 -27.60
H41 AZM S . -35.97 -5.84 -31.47
H42 AZM S . -35.38 -7.14 -32.20
H43 AZM S . -34.56 -5.76 -32.23
HN11 AZM S . -30.06 -10.00 -25.83
HN12 AZM S . -29.53 -9.55 -24.51
HN4 AZM S . -32.71 -7.21 -31.22
P 2HP T . -51.16 -1.22 -8.14
O1 2HP T . -52.68 -1.38 -7.78
O2 2HP T . -50.44 -0.51 -7.03
O3 2HP T . -50.60 -2.68 -8.35
O4 2HP T . -50.93 -0.41 -9.44
P 2HP U . -47.71 -3.62 -9.58
O1 2HP U . -48.16 -2.83 -8.28
O2 2HP U . -48.72 -3.57 -10.73
O3 2HP U . -46.43 -2.95 -10.08
O4 2HP U . -47.45 -5.08 -9.17
P 2HP V . -30.03 -25.31 -4.71
O1 2HP V . -30.06 -23.75 -4.93
O2 2HP V . -31.36 -25.97 -5.22
O3 2HP V . -29.91 -25.61 -3.17
O4 2HP V . -28.82 -25.88 -5.53
ZN ZN W . 18.07 39.02 -27.64
C1 AZM X . 18.21 41.69 -30.77
C2 AZM X . 17.43 42.47 -33.13
C3 AZM X . 15.64 43.49 -34.41
C4 AZM X . 15.19 43.94 -35.80
N1 AZM X . 18.94 40.07 -28.72
N2 AZM X . 18.64 41.93 -32.92
N3 AZM X . 19.04 41.53 -31.78
N4 AZM X . 16.88 42.94 -34.32
O1 AZM X . 19.49 42.58 -28.77
O2 AZM X . 17.17 41.67 -28.53
O3 AZM X . 14.91 43.62 -33.44
S1 AZM X . 18.49 41.61 -29.05
S2 AZM X . 16.76 42.44 -31.52
H41 AZM X . 14.40 44.51 -35.72
H42 AZM X . 14.96 43.16 -36.34
H43 AZM X . 15.91 44.44 -36.23
HN11 AZM X . 19.24 39.67 -29.49
HN12 AZM X . 19.61 40.07 -28.10
HN4 AZM X . 17.39 42.88 -35.09
P 2HP Y . 17.50 23.55 -9.46
O1 2HP Y . 17.00 25.02 -9.13
O2 2HP Y . 16.26 22.47 -9.39
O3 2HP Y . 18.17 23.57 -10.90
O4 2HP Y . 18.60 23.16 -8.41
ZN ZN Z . -11.14 -35.52 -16.65
C1 AZM AA . -6.94 -36.06 -16.91
C2 AZM AA . -4.58 -35.87 -15.78
C3 AZM AA . -3.18 -36.70 -14.02
C4 AZM AA . -1.84 -36.63 -13.32
N1 AZM AA . -9.50 -35.39 -17.52
N2 AZM AA . -4.91 -35.11 -16.83
N3 AZM AA . -6.06 -35.19 -17.38
N4 AZM AA . -3.39 -35.86 -15.08
O1 AZM AA . -8.11 -36.71 -19.04
O2 AZM AA . -8.83 -37.74 -16.85
O3 AZM AA . -4.02 -37.49 -13.63
S1 AZM AA . -8.39 -36.65 -17.66
S2 AZM AA . -6.06 -36.79 -15.54
H41 AZM AA . -1.72 -37.41 -12.76
H42 AZM AA . -1.79 -35.81 -12.79
H43 AZM AA . -1.12 -36.61 -14.00
HN11 AZM AA . -9.06 -34.61 -17.31
HN12 AZM AA . -9.96 -35.29 -18.29
HN4 AZM AA . -2.72 -35.31 -15.35
P 2HP BA . -0.64 -30.97 -4.06
O1 2HP BA . -1.88 -30.13 -3.49
O2 2HP BA . -1.12 -32.46 -4.30
O3 2HP BA . -0.16 -30.36 -5.42
O4 2HP BA . 0.59 -30.91 -3.09
P 2HP CA . -35.10 -33.00 -14.31
O1 2HP CA . -36.66 -32.93 -14.50
O2 2HP CA . -34.55 -34.43 -14.86
O3 2HP CA . -34.30 -31.80 -15.15
O4 2HP CA . -34.84 -32.84 -12.72
ZN ZN DA . 35.83 12.16 -21.71
C1 AZM EA . 39.96 11.31 -21.91
C2 AZM EA . 42.32 11.20 -20.73
C3 AZM EA . 43.68 10.08 -19.07
C4 AZM EA . 45.02 10.05 -18.40
N1 AZM EA . 37.46 12.35 -22.44
N2 AZM EA . 42.06 12.10 -21.69
N3 AZM EA . 40.93 12.16 -22.27
N4 AZM EA . 43.51 11.03 -20.04
O1 AZM EA . 38.73 11.13 -24.12
O2 AZM EA . 37.89 9.86 -22.12
O3 AZM EA . 42.82 9.28 -18.71
S1 AZM EA . 38.45 11.01 -22.74
S2 AZM EA . 40.79 10.35 -20.64
H41 AZM EA . 45.11 9.22 -17.90
H42 AZM EA . 45.10 10.81 -17.79
H43 AZM EA . 45.73 10.10 -19.08
HN11 AZM EA . 37.97 13.04 -22.14
HN12 AZM EA . 37.03 12.60 -23.22
HN4 AZM EA . 44.21 11.58 -20.22
P 2HP FA . 11.91 16.60 -19.43
O1 2HP FA . 10.64 17.43 -19.80
O2 2HP FA . 11.79 15.20 -20.13
O3 2HP FA . 13.26 17.44 -19.91
O4 2HP FA . 11.96 16.34 -17.87
ZN ZN GA . 19.67 -17.39 38.34
C1 AZM HA . 23.81 -18.11 38.03
C2 AZM HA . 26.25 -18.29 39.11
C3 AZM HA . 27.61 -19.58 40.70
C4 AZM HA . 28.96 -19.76 41.38
N1 AZM HA . 21.24 -17.13 37.61
N2 AZM HA . 25.96 -17.34 38.21
N3 AZM HA . 24.78 -17.26 37.69
N4 AZM HA . 27.46 -18.56 39.79
O1 AZM HA . 22.50 -18.43 35.89
O2 AZM HA . 21.64 -19.54 38.01
O3 AZM HA . 26.71 -20.34 41.00
S1 AZM HA . 22.24 -18.45 37.30
S2 AZM HA . 24.71 -19.12 39.21
H41 AZM HA . 28.97 -20.65 41.82
H42 AZM HA . 29.09 -19.06 42.05
H43 AZM HA . 29.67 -19.72 40.72
HN11 AZM HA . 21.76 -16.42 37.87
HN12 AZM HA . 20.78 -16.91 36.85
HN4 AZM HA . 28.18 -18.03 39.62
P 2HP IA . -3.91 -14.16 41.97
O1 2HP IA . -5.17 -14.04 41.03
O2 2HP IA . -2.96 -12.92 41.70
O3 2HP IA . -4.30 -14.18 43.51
O4 2HP IA . -3.11 -15.52 41.59
ZN ZN JA . -17.53 19.35 5.82
C1 AZM KA . -20.41 20.95 8.60
C2 AZM KA . -20.89 22.14 10.88
C3 AZM KA . -20.48 24.07 12.30
C4 AZM KA . -20.77 24.73 13.62
N1 AZM KA . -19.08 19.27 6.90
N2 AZM KA . -21.43 20.96 10.58
N3 AZM KA . -21.22 20.38 9.47
N4 AZM KA . -21.07 22.88 12.05
O1 AZM KA . -21.45 20.02 6.55
O2 AZM KA . -19.53 21.63 6.31
O3 AZM KA . -19.72 24.62 11.51
S1 AZM KA . -20.18 20.54 6.92
S2 AZM KA . -19.93 22.46 9.44
H41 AZM KA . -20.48 25.66 13.59
H42 AZM KA . -20.29 24.27 14.34
H43 AZM KA . -21.73 24.70 13.80
HN11 AZM KA . -19.02 18.91 7.73
HN12 AZM KA . -19.36 18.63 6.31
HN4 AZM KA . -21.61 22.53 12.70
P 2HP LA . -37.61 19.07 5.01
O1 2HP LA . -38.01 19.89 6.26
O2 2HP LA . -36.21 18.51 5.18
O3 2HP LA . -38.59 17.88 4.91
O4 2HP LA . -37.60 19.90 3.71
P 2HP MA . -40.77 22.29 4.59
O1 2HP MA . -41.58 22.65 5.87
O2 2HP MA . -40.53 20.74 4.57
O3 2HP MA . -41.53 22.69 3.27
O4 2HP MA . -39.40 23.04 4.65
P 2HP NA . -0.39 11.58 -9.75
O1 2HP NA . -1.45 12.44 -10.53
O2 2HP NA . 1.08 12.30 -9.72
O3 2HP NA . -0.94 11.41 -8.32
O4 2HP NA . -0.26 10.16 -10.40
#